data_7Y1A
#
_entry.id   7Y1A
#
_cell.length_a   1.00
_cell.length_b   1.00
_cell.length_c   1.00
_cell.angle_alpha   90.00
_cell.angle_beta   90.00
_cell.angle_gamma   90.00
#
_symmetry.space_group_name_H-M   'P 1'
#
loop_
_entity.id
_entity.type
_entity.pdbx_description
1 polymer 'B-phycoerythrin beta chain'
2 polymer 'Phycoerythrin alpha subunit'
3 polymer LRH
4 polymer LRH
5 non-polymer PHYCOERYTHROBILIN
#
loop_
_entity_poly.entity_id
_entity_poly.type
_entity_poly.pdbx_seq_one_letter_code
_entity_poly.pdbx_strand_id
1 'polypeptide(L)'
;MLDAFSRVVVNSDAKAAYVGGSDLQALKSFIADGNKRLDAVNSIVSNASCMVSDAVSGMICENPGLISPGG(MEN)CYTN
RRMAACLRDGEIILRYVSYALLAGDASVLEDRCLNGLKETYIALGVPTNSSIRAVSIMKAQAVAFITNTATERKMSFAAG
DCTSLASEVASYFDRVGAAIS
;
y,1,q,s,u,w
2 'polypeptide(L)'
;MKSVITTVVSAADAAGRFPSNSDLESIQGNIQRSAARLEAAEKLAGNHEAVVKEAGDACFAKYAYLKNPGEAGENQEKIN
KCYRDVDHYMRLVNYCLVVGGTGPLDEWGIAGAREVYRTLNLPTSAYVASIAYTRDRLCVPRDMSAQAGVEFSAYLDYLI
NALS
;
z,p,r,t,v,x
3 'polypeptide(L)'
;(UNK)(UNK)(UNK)(UNK)(UNK)(UNK)(UNK)(UNK)(UNK)(UNK)(UNK)(UNK)(UNK)(UNK)(UNK)(UNK)
(UNK)(UNK)(UNK)(UNK)(UNK)(UNK)(UNK)(UNK)(UNK)(UNK)(UNK)(UNK)(UNK)(UNK)(UNK)(UNK)
(UNK)(UNK)(UNK)(UNK)(UNK)(UNK)(UNK)(UNK)(UNK)(UNK)(UNK)(UNK)(UNK)(UNK)(UNK)(UNK)
(UNK)(UNK)(UNK)(UNK)(UNK)(UNK)(UNK)(UNK)(UNK)(UNK)(UNK)(UNK)(UNK)(UNK)(UNK)(UNK)
(UNK)(UNK)(UNK)(UNK)(UNK)(UNK)(UNK)(UNK)(UNK)(UNK)(UNK)(UNK)(UNK)(UNK)(UNK)(UNK)
(UNK)(UNK)(UNK)(UNK)(UNK)(UNK)(UNK)
;
a
4 'polypeptide(L)'
;(UNK)(UNK)(UNK)(UNK)(UNK)(UNK)(UNK)(UNK)(UNK)(UNK)(UNK)(UNK)(UNK)(UNK)(UNK)(UNK)
(UNK)(UNK)(UNK)(UNK)(UNK)(UNK)(UNK)(UNK)(UNK)(UNK)(UNK)(UNK)(UNK)(UNK)(UNK)(UNK)
(UNK)(UNK)(UNK)(UNK)(UNK)(UNK)(UNK)(UNK)(UNK)(UNK)(UNK)(UNK)(UNK)(UNK)(UNK)(UNK)
(UNK)(UNK)(UNK)(UNK)(UNK)(UNK)(UNK)(UNK)(UNK)(UNK)(UNK)(UNK)(UNK)(UNK)(UNK)(UNK)
(UNK)(UNK)(UNK)(UNK)(UNK)(UNK)(UNK)(UNK)(UNK)(UNK)(UNK)(UNK)(UNK)(UNK)(UNK)(UNK)
(UNK)(UNK)(UNK)(UNK)(UNK)(UNK)(UNK)(UNK)(UNK)(UNK)(UNK)(UNK)(UNK)(UNK)(UNK)(UNK)
(UNK)(UNK)(UNK)(UNK)(UNK)(UNK)(UNK)(UNK)(UNK)(UNK)(UNK)(UNK)(UNK)(UNK)(UNK)(UNK)
(UNK)(UNK)(UNK)(UNK)(UNK)(UNK)(UNK)(UNK)(UNK)(UNK)(UNK)(UNK)(UNK)(UNK)(UNK)(UNK)
(UNK)(UNK)(UNK)(UNK)(UNK)(UNK)(UNK)(UNK)(UNK)(UNK)(UNK)(UNK)(UNK)(UNK)(UNK)(UNK)
(UNK)(UNK)(UNK)(UNK)(UNK)(UNK)
;
A
#
# COMPACT_ATOMS: atom_id res chain seq x y z
N MET A 1 21.86 9.76 7.64
CA MET A 1 22.81 9.57 6.58
C MET A 1 24.23 9.66 7.12
N LEU A 2 25.03 10.61 6.65
CA LEU A 2 26.41 10.70 7.10
C LEU A 2 26.83 12.15 7.28
N ASP A 3 27.96 12.33 7.97
CA ASP A 3 28.45 13.64 8.40
C ASP A 3 29.96 13.62 8.38
N ALA A 4 30.54 14.81 8.54
CA ALA A 4 31.98 14.93 8.80
C ALA A 4 32.36 14.31 10.14
N PHE A 5 31.44 14.33 11.11
CA PHE A 5 31.61 13.57 12.34
C PHE A 5 31.38 12.08 12.15
N SER A 6 30.90 11.65 10.98
CA SER A 6 30.67 10.24 10.72
C SER A 6 31.70 9.61 9.80
N ARG A 7 32.19 10.33 8.79
CA ARG A 7 33.20 9.71 7.92
C ARG A 7 34.56 9.59 8.58
N VAL A 8 34.79 10.35 9.67
CA VAL A 8 35.92 10.03 10.54
C VAL A 8 35.72 8.72 11.27
N VAL A 9 34.49 8.22 11.40
CA VAL A 9 34.29 6.91 12.00
C VAL A 9 34.40 5.83 10.94
N VAL A 10 33.96 6.13 9.71
CA VAL A 10 33.92 5.07 8.70
C VAL A 10 35.30 4.71 8.18
N ASN A 11 36.26 5.65 8.24
CA ASN A 11 37.61 5.23 7.93
C ASN A 11 38.33 4.68 9.15
N SER A 12 37.87 5.01 10.36
CA SER A 12 38.48 4.48 11.57
C SER A 12 38.20 3.00 11.72
N ASP A 13 36.94 2.61 11.55
CA ASP A 13 36.58 1.20 11.57
C ASP A 13 36.89 0.49 10.26
N ALA A 14 37.25 1.22 9.21
CA ALA A 14 37.89 0.57 8.07
C ALA A 14 39.30 0.10 8.41
N LYS A 15 39.95 0.71 9.40
CA LYS A 15 41.26 0.28 9.87
C LYS A 15 41.18 -0.48 11.18
N ALA A 16 39.98 -0.56 11.79
CA ALA A 16 39.76 -0.81 13.23
C ALA A 16 40.64 0.07 14.10
N ALA A 17 40.75 1.35 13.75
CA ALA A 17 41.64 2.26 14.45
C ALA A 17 40.85 3.09 15.43
N TYR A 18 41.55 3.97 16.14
CA TYR A 18 40.85 4.86 17.05
C TYR A 18 40.28 6.02 16.25
N VAL A 19 39.26 6.65 16.83
CA VAL A 19 39.03 8.06 16.58
C VAL A 19 39.39 8.76 17.87
N GLY A 20 40.15 9.85 17.74
CA GLY A 20 40.80 10.43 18.90
C GLY A 20 41.81 11.46 18.46
N GLY A 21 42.93 11.49 19.16
CA GLY A 21 43.90 12.56 18.95
C GLY A 21 44.85 12.40 17.78
N SER A 22 44.31 12.04 16.61
CA SER A 22 45.02 12.13 15.35
C SER A 22 44.31 12.99 14.32
N ASP A 23 43.00 12.89 14.23
CA ASP A 23 42.23 13.85 13.44
C ASP A 23 41.67 14.96 14.29
N LEU A 24 41.97 14.99 15.60
CA LEU A 24 41.30 15.86 16.57
C LEU A 24 41.58 17.32 16.33
N GLN A 25 42.74 17.66 15.76
CA GLN A 25 43.03 19.05 15.46
C GLN A 25 42.12 19.59 14.37
N ALA A 26 41.72 18.76 13.41
CA ALA A 26 40.66 19.15 12.49
C ALA A 26 39.30 19.18 13.16
N LEU A 27 39.10 18.40 14.22
CA LEU A 27 37.80 18.29 14.85
C LEU A 27 37.47 19.51 15.71
N LYS A 28 38.40 19.94 16.57
CA LYS A 28 38.12 21.13 17.37
C LYS A 28 38.17 22.38 16.51
N SER A 29 39.03 22.39 15.49
CA SER A 29 38.98 23.49 14.54
C SER A 29 37.86 23.34 13.52
N PHE A 30 37.15 22.22 13.50
CA PHE A 30 35.84 22.26 12.85
C PHE A 30 34.88 23.09 13.67
N ILE A 31 34.70 22.75 14.94
CA ILE A 31 33.70 23.42 15.76
C ILE A 31 34.16 24.79 16.26
N ALA A 32 35.40 25.19 16.02
CA ALA A 32 35.81 26.54 16.36
C ALA A 32 35.14 27.55 15.45
N ASP A 33 34.91 27.18 14.20
CA ASP A 33 34.23 28.02 13.22
C ASP A 33 32.82 27.55 12.94
N GLY A 34 32.15 26.96 13.94
CA GLY A 34 30.77 26.58 13.75
C GLY A 34 29.85 27.79 13.72
N ASN A 35 30.13 28.79 14.56
CA ASN A 35 29.45 30.08 14.48
C ASN A 35 29.74 30.80 13.18
N LYS A 36 30.93 30.57 12.62
CA LYS A 36 31.26 31.09 11.30
C LYS A 36 30.41 30.43 10.21
N ARG A 37 30.13 29.12 10.37
CA ARG A 37 29.23 28.46 9.43
C ARG A 37 27.80 28.95 9.61
N LEU A 38 27.44 29.30 10.84
CA LEU A 38 26.10 29.83 11.08
C LEU A 38 25.98 31.25 10.55
N ASP A 39 27.07 32.02 10.67
CA ASP A 39 27.22 33.33 10.03
C ASP A 39 27.15 33.20 8.50
N ALA A 40 27.54 32.06 7.94
CA ALA A 40 27.38 31.86 6.51
C ALA A 40 25.94 31.49 6.16
N VAL A 41 25.34 30.54 6.89
CA VAL A 41 24.16 29.88 6.35
C VAL A 41 22.90 30.68 6.56
N ASN A 42 22.88 31.64 7.50
CA ASN A 42 21.70 32.48 7.55
C ASN A 42 21.69 33.54 6.46
N SER A 43 22.84 33.84 5.87
CA SER A 43 22.85 34.62 4.64
C SER A 43 22.31 33.82 3.47
N ILE A 44 22.45 32.49 3.51
CA ILE A 44 21.95 31.66 2.44
C ILE A 44 20.43 31.54 2.49
N VAL A 45 19.84 31.48 3.69
CA VAL A 45 18.39 31.38 3.79
C VAL A 45 17.71 32.72 3.62
N SER A 46 18.46 33.81 3.50
CA SER A 46 17.90 35.15 3.42
C SER A 46 17.24 35.42 2.07
N ASN A 47 17.88 35.00 0.99
CA ASN A 47 17.39 35.39 -0.32
C ASN A 47 17.34 34.19 -1.25
N ALA A 48 16.76 33.10 -0.75
CA ALA A 48 16.69 31.87 -1.50
C ALA A 48 15.75 31.96 -2.68
N SER A 49 14.64 32.66 -2.50
CA SER A 49 13.78 32.93 -3.64
C SER A 49 14.43 33.94 -4.58
N CYS A 50 15.22 34.87 -4.03
CA CYS A 50 16.02 35.71 -4.89
C CYS A 50 17.16 34.95 -5.54
N MET A 51 17.65 33.89 -4.88
CA MET A 51 18.71 33.07 -5.46
C MET A 51 18.20 32.34 -6.68
N VAL A 52 17.06 31.68 -6.54
CA VAL A 52 16.52 30.92 -7.66
C VAL A 52 15.90 31.84 -8.71
N SER A 53 15.48 33.06 -8.33
CA SER A 53 14.99 34.00 -9.32
C SER A 53 16.13 34.58 -10.14
N ASP A 54 17.27 34.85 -9.49
CA ASP A 54 18.46 35.29 -10.21
C ASP A 54 18.98 34.22 -11.13
N ALA A 55 18.91 32.95 -10.69
CA ALA A 55 19.42 31.83 -11.47
C ALA A 55 18.57 31.62 -12.72
N VAL A 56 17.25 31.63 -12.58
CA VAL A 56 16.42 31.37 -13.75
C VAL A 56 16.37 32.58 -14.68
N SER A 57 16.48 33.81 -14.14
CA SER A 57 16.41 34.99 -14.99
C SER A 57 17.70 35.18 -15.78
N GLY A 58 18.85 34.86 -15.18
CA GLY A 58 20.08 34.83 -15.94
C GLY A 58 20.12 33.72 -16.97
N MET A 59 19.42 32.61 -16.69
CA MET A 59 19.32 31.55 -17.68
C MET A 59 18.48 31.97 -18.87
N ILE A 60 17.52 32.87 -18.70
CA ILE A 60 16.91 33.42 -19.90
C ILE A 60 17.72 34.60 -20.45
N CYS A 61 18.68 35.13 -19.68
CA CYS A 61 19.47 36.26 -20.19
C CYS A 61 20.44 35.84 -21.28
N GLU A 62 21.39 34.98 -20.98
CA GLU A 62 22.20 34.47 -22.10
C GLU A 62 21.83 33.06 -22.53
N ASN A 63 20.60 32.62 -22.28
CA ASN A 63 20.08 31.60 -23.19
C ASN A 63 18.62 31.84 -23.54
N PRO A 64 18.30 32.13 -24.80
CA PRO A 64 16.91 32.06 -25.24
C PRO A 64 16.51 30.71 -25.81
N GLY A 65 17.39 29.71 -25.68
CA GLY A 65 17.13 28.43 -26.32
C GLY A 65 16.11 27.59 -25.61
N LEU A 66 15.98 27.76 -24.29
CA LEU A 66 14.94 27.02 -23.57
C LEU A 66 13.58 27.61 -23.86
N ILE A 67 13.49 28.95 -23.91
CA ILE A 67 12.22 29.65 -24.08
C ILE A 67 11.81 29.75 -25.55
N SER A 68 12.57 29.12 -26.44
CA SER A 68 12.14 28.92 -27.81
C SER A 68 10.86 28.07 -27.83
N PRO A 69 9.88 28.44 -28.64
CA PRO A 69 8.61 27.70 -28.67
C PRO A 69 8.78 26.34 -29.31
N GLY A 70 8.29 25.32 -28.64
CA GLY A 70 8.67 23.97 -28.99
C GLY A 70 10.05 23.60 -28.53
N GLY A 71 10.61 24.33 -27.57
CA GLY A 71 11.92 24.02 -27.03
C GLY A 71 11.78 23.10 -25.83
N CYS A 73 12.43 23.83 -22.25
CA CYS A 73 11.82 24.48 -21.11
C CYS A 73 11.26 25.84 -21.49
N TYR A 74 10.09 25.82 -22.12
CA TYR A 74 9.41 27.04 -22.53
C TYR A 74 8.00 27.15 -21.97
N THR A 75 7.60 26.25 -21.08
CA THR A 75 6.28 26.28 -20.49
C THR A 75 6.41 26.62 -19.01
N ASN A 76 5.38 27.27 -18.47
CA ASN A 76 5.33 27.64 -17.07
C ASN A 76 5.22 26.44 -16.15
N ARG A 77 4.69 25.31 -16.65
CA ARG A 77 4.83 24.04 -15.97
C ARG A 77 6.29 23.62 -15.88
N ARG A 78 7.11 23.98 -16.86
CA ARG A 78 8.51 23.61 -16.80
C ARG A 78 9.35 24.69 -16.13
N MET A 79 8.83 25.92 -16.06
CA MET A 79 9.50 26.88 -15.21
C MET A 79 9.14 26.64 -13.76
N ALA A 80 7.97 26.04 -13.51
CA ALA A 80 7.68 25.53 -12.16
C ALA A 80 8.51 24.30 -11.88
N ALA A 81 8.88 23.56 -12.92
CA ALA A 81 9.80 22.45 -12.74
C ALA A 81 11.18 22.93 -12.33
N CYS A 82 11.81 23.85 -13.06
CA CYS A 82 13.08 24.38 -12.53
C CYS A 82 12.91 25.49 -11.49
N LEU A 83 11.68 25.79 -11.09
CA LEU A 83 11.51 26.31 -9.74
C LEU A 83 11.95 25.25 -8.74
N ARG A 84 11.25 24.10 -8.74
CA ARG A 84 11.60 22.93 -7.92
C ARG A 84 13.02 22.47 -8.15
N ASP A 85 13.36 22.15 -9.42
CA ASP A 85 14.65 21.60 -9.86
C ASP A 85 15.82 22.55 -9.61
N GLY A 86 15.58 23.80 -9.23
CA GLY A 86 16.60 24.60 -8.59
C GLY A 86 16.51 24.63 -7.08
N GLU A 87 15.29 24.75 -6.53
CA GLU A 87 15.18 25.13 -5.12
C GLU A 87 15.47 23.95 -4.20
N ILE A 88 15.16 22.73 -4.64
CA ILE A 88 15.31 21.62 -3.73
C ILE A 88 16.78 21.21 -3.71
N ILE A 89 17.54 21.50 -4.77
CA ILE A 89 18.96 21.26 -4.65
C ILE A 89 19.63 22.39 -3.92
N LEU A 90 18.99 23.57 -3.88
CA LEU A 90 19.52 24.62 -3.02
C LEU A 90 19.31 24.26 -1.55
N ARG A 91 18.16 23.65 -1.26
CA ARG A 91 17.92 22.99 0.02
C ARG A 91 18.97 21.92 0.29
N TYR A 92 19.33 21.12 -0.71
CA TYR A 92 20.29 20.04 -0.50
C TYR A 92 21.72 20.53 -0.35
N VAL A 93 22.11 21.61 -1.02
CA VAL A 93 23.46 22.10 -0.79
C VAL A 93 23.52 22.88 0.52
N SER A 94 22.37 23.38 1.00
CA SER A 94 22.31 23.87 2.36
C SER A 94 22.45 22.73 3.35
N TYR A 95 21.97 21.54 2.98
CA TYR A 95 22.09 20.39 3.87
C TYR A 95 23.51 19.87 3.92
N ALA A 96 24.20 19.91 2.77
CA ALA A 96 25.61 19.55 2.74
C ALA A 96 26.45 20.55 3.50
N LEU A 97 26.03 21.82 3.49
CA LEU A 97 26.82 22.82 4.20
C LEU A 97 26.58 22.75 5.70
N LEU A 98 25.37 22.39 6.12
CA LEU A 98 25.16 22.27 7.55
C LEU A 98 25.73 20.97 8.09
N ALA A 99 25.78 19.92 7.27
CA ALA A 99 26.43 18.70 7.72
C ALA A 99 27.95 18.86 7.72
N GLY A 100 28.46 19.75 6.88
CA GLY A 100 29.89 19.76 6.63
C GLY A 100 30.38 18.55 5.87
N ASP A 101 29.52 17.95 5.06
CA ASP A 101 29.88 16.70 4.39
C ASP A 101 29.05 16.57 3.13
N ALA A 102 29.67 16.04 2.09
CA ALA A 102 29.03 15.82 0.80
C ALA A 102 28.35 14.45 0.70
N SER A 103 27.73 13.96 1.77
CA SER A 103 27.14 12.64 1.71
C SER A 103 25.64 12.67 1.51
N VAL A 104 25.07 13.83 1.21
CA VAL A 104 23.63 14.01 1.20
C VAL A 104 23.11 14.49 -0.14
N LEU A 105 23.82 14.22 -1.23
CA LEU A 105 23.35 14.63 -2.53
C LEU A 105 23.12 13.48 -3.49
N GLU A 106 24.14 12.65 -3.71
CA GLU A 106 24.11 11.64 -4.76
C GLU A 106 23.28 10.44 -4.32
N ASP A 107 23.28 10.16 -3.02
CA ASP A 107 22.34 9.22 -2.44
C ASP A 107 20.94 9.80 -2.32
N ARG A 108 20.85 11.12 -2.25
CA ARG A 108 19.61 11.74 -1.87
C ARG A 108 18.86 12.27 -3.07
N CYS A 109 19.49 13.11 -3.87
CA CYS A 109 18.75 13.69 -4.98
C CYS A 109 19.34 13.28 -6.31
N LEU A 110 20.60 12.84 -6.34
CA LEU A 110 21.13 12.37 -7.60
C LEU A 110 21.21 10.86 -7.66
N ASN A 111 20.17 10.16 -7.24
CA ASN A 111 20.07 8.71 -7.42
C ASN A 111 19.73 8.46 -8.88
N GLY A 112 20.74 8.47 -9.74
CA GLY A 112 20.50 8.36 -11.18
C GLY A 112 19.81 9.57 -11.77
N LEU A 113 20.31 10.78 -11.48
CA LEU A 113 19.62 12.02 -11.79
C LEU A 113 19.51 12.28 -13.27
N LYS A 114 20.66 12.44 -13.93
CA LYS A 114 20.72 12.86 -15.31
C LYS A 114 20.23 11.82 -16.29
N GLU A 115 20.21 10.55 -15.88
CA GLU A 115 19.63 9.50 -16.72
C GLU A 115 18.13 9.69 -16.81
N THR A 116 17.51 10.06 -15.69
CA THR A 116 16.10 10.39 -15.70
C THR A 116 15.86 11.72 -16.40
N TYR A 117 16.82 12.63 -16.38
CA TYR A 117 16.62 13.90 -17.06
C TYR A 117 16.79 13.76 -18.56
N ILE A 118 17.65 12.86 -19.00
CA ILE A 118 17.74 12.50 -20.42
C ILE A 118 16.49 11.73 -20.84
N ALA A 119 15.92 10.94 -19.93
CA ALA A 119 14.60 10.36 -20.17
C ALA A 119 13.51 11.42 -20.21
N LEU A 120 13.71 12.52 -19.49
CA LEU A 120 12.87 13.69 -19.66
C LEU A 120 13.34 14.56 -20.80
N GLY A 121 14.55 14.33 -21.30
CA GLY A 121 15.06 15.08 -22.42
C GLY A 121 15.68 16.41 -22.06
N VAL A 122 16.17 16.56 -20.83
CA VAL A 122 16.74 17.82 -20.37
C VAL A 122 18.14 17.99 -20.94
N PRO A 123 18.42 19.10 -21.64
CA PRO A 123 19.76 19.32 -22.18
C PRO A 123 20.72 19.74 -21.07
N THR A 124 21.91 19.15 -21.10
CA THR A 124 22.87 19.31 -20.01
C THR A 124 23.53 20.68 -19.99
N ASN A 125 23.56 21.36 -21.14
CA ASN A 125 24.21 22.67 -21.22
C ASN A 125 23.44 23.73 -20.45
N SER A 126 22.13 23.62 -20.43
CA SER A 126 21.29 24.44 -19.56
C SER A 126 21.57 24.15 -18.09
N SER A 127 21.79 22.87 -17.77
CA SER A 127 22.00 22.47 -16.39
C SER A 127 23.33 22.98 -15.86
N ILE A 128 24.39 22.89 -16.69
CA ILE A 128 25.70 23.31 -16.22
C ILE A 128 25.79 24.83 -16.15
N ARG A 129 25.01 25.53 -16.99
CA ARG A 129 24.84 26.98 -16.84
C ARG A 129 24.15 27.32 -15.53
N ALA A 130 23.14 26.54 -15.15
CA ALA A 130 22.35 26.81 -13.96
C ALA A 130 23.18 26.62 -12.69
N VAL A 131 23.94 25.52 -12.64
CA VAL A 131 24.68 25.22 -11.41
C VAL A 131 25.91 26.13 -11.31
N SER A 132 26.45 26.57 -12.45
CA SER A 132 27.63 27.46 -12.38
C SER A 132 27.27 28.87 -11.95
N ILE A 133 26.17 29.40 -12.48
CA ILE A 133 25.82 30.75 -12.06
C ILE A 133 25.23 30.76 -10.65
N MET A 134 24.63 29.64 -10.23
CA MET A 134 24.22 29.56 -8.83
C MET A 134 25.41 29.33 -7.92
N LYS A 135 26.50 28.75 -8.43
CA LYS A 135 27.74 28.61 -7.67
C LYS A 135 28.39 29.95 -7.44
N ALA A 136 28.50 30.74 -8.51
CA ALA A 136 29.13 32.06 -8.43
C ALA A 136 28.31 33.03 -7.59
N GLN A 137 26.99 32.92 -7.66
CA GLN A 137 26.19 33.79 -6.80
C GLN A 137 26.23 33.33 -5.35
N ALA A 138 26.33 32.02 -5.10
CA ALA A 138 26.38 31.55 -3.71
C ALA A 138 27.71 31.88 -3.04
N VAL A 139 28.82 31.89 -3.78
CA VAL A 139 30.05 32.35 -3.15
C VAL A 139 30.06 33.87 -3.01
N ALA A 140 29.30 34.59 -3.86
CA ALA A 140 29.09 36.01 -3.61
C ALA A 140 28.19 36.26 -2.40
N PHE A 141 27.33 35.30 -2.04
CA PHE A 141 26.32 35.51 -1.03
C PHE A 141 26.72 34.99 0.34
N ILE A 142 27.73 34.13 0.42
CA ILE A 142 28.21 33.73 1.74
C ILE A 142 29.04 34.85 2.35
N THR A 143 29.74 35.62 1.53
CA THR A 143 30.39 36.83 1.98
C THR A 143 29.42 37.99 1.89
N ASN A 144 29.87 39.15 2.33
CA ASN A 144 29.00 40.34 2.37
C ASN A 144 29.29 41.26 1.20
N THR A 145 29.48 40.68 0.03
CA THR A 145 29.79 41.46 -1.17
C THR A 145 28.57 41.53 -2.07
N ALA A 146 27.40 41.75 -1.49
CA ALA A 146 26.17 41.89 -2.26
C ALA A 146 26.04 43.32 -2.81
N THR A 147 24.83 43.63 -3.31
CA THR A 147 24.57 44.97 -3.82
C THR A 147 24.51 45.98 -2.67
N GLU A 148 23.51 45.84 -1.80
CA GLU A 148 23.55 46.50 -0.51
C GLU A 148 23.09 45.62 0.62
N ARG A 149 22.95 44.31 0.40
CA ARG A 149 22.48 43.39 1.42
C ARG A 149 23.64 43.13 2.37
N LYS A 150 23.85 44.07 3.29
CA LYS A 150 25.05 44.09 4.12
C LYS A 150 24.65 43.70 5.53
N MET A 151 24.65 42.41 5.79
CA MET A 151 24.34 41.91 7.12
C MET A 151 25.53 42.14 8.02
N SER A 152 25.28 42.07 9.32
CA SER A 152 26.29 42.34 10.32
C SER A 152 26.90 41.02 10.78
N PHE A 153 28.22 41.01 10.91
CA PHE A 153 28.97 39.84 11.30
C PHE A 153 30.06 40.29 12.25
N ALA A 154 30.86 39.34 12.69
CA ALA A 154 32.19 39.67 13.17
C ALA A 154 33.16 39.51 12.01
N ALA A 155 33.99 40.53 11.83
CA ALA A 155 34.85 40.60 10.65
C ALA A 155 36.05 39.65 10.79
N GLY A 156 36.63 39.31 9.66
CA GLY A 156 37.80 38.46 9.64
C GLY A 156 37.84 37.65 8.35
N ASP A 157 38.57 36.54 8.42
CA ASP A 157 38.76 35.63 7.30
C ASP A 157 37.70 34.54 7.36
N CYS A 158 37.09 34.23 6.22
CA CYS A 158 36.18 33.08 6.12
C CYS A 158 36.27 32.38 4.77
N THR A 159 37.47 32.31 4.16
CA THR A 159 37.56 31.73 2.81
C THR A 159 37.58 30.21 2.81
N SER A 160 37.74 29.60 3.99
CA SER A 160 37.59 28.16 4.11
C SER A 160 36.15 27.72 3.80
N LEU A 161 35.18 28.57 4.12
CA LEU A 161 33.80 28.32 3.78
C LEU A 161 33.53 28.46 2.29
N ALA A 162 34.30 29.31 1.59
CA ALA A 162 34.17 29.43 0.15
C ALA A 162 34.72 28.20 -0.55
N SER A 163 35.83 27.65 -0.05
CA SER A 163 36.34 26.39 -0.57
C SER A 163 35.43 25.22 -0.22
N GLU A 164 34.64 25.36 0.85
CA GLU A 164 33.68 24.35 1.24
C GLU A 164 32.52 24.28 0.24
N VAL A 165 31.93 25.44 -0.07
CA VAL A 165 30.69 25.44 -0.86
C VAL A 165 31.01 25.16 -2.33
N ALA A 166 32.20 25.55 -2.79
CA ALA A 166 32.60 25.30 -4.16
C ALA A 166 32.90 23.82 -4.39
N SER A 167 33.37 23.14 -3.33
CA SER A 167 33.60 21.70 -3.40
C SER A 167 32.29 20.94 -3.52
N TYR A 168 31.25 21.43 -2.84
CA TYR A 168 29.93 20.81 -3.00
C TYR A 168 29.35 21.12 -4.36
N PHE A 169 29.69 22.28 -4.91
CA PHE A 169 29.14 22.67 -6.20
C PHE A 169 29.80 21.97 -7.38
N ASP A 170 31.10 21.67 -7.33
CA ASP A 170 31.58 20.88 -8.46
C ASP A 170 31.38 19.39 -8.21
N ARG A 171 31.06 18.99 -6.97
CA ARG A 171 30.60 17.62 -6.79
C ARG A 171 29.24 17.42 -7.44
N VAL A 172 28.33 18.38 -7.29
CA VAL A 172 27.05 18.23 -7.97
C VAL A 172 27.22 18.54 -9.45
N GLY A 173 28.17 19.43 -9.80
CA GLY A 173 28.37 19.77 -11.20
C GLY A 173 29.01 18.64 -11.99
N ALA A 174 29.83 17.82 -11.35
CA ALA A 174 30.33 16.63 -12.02
C ALA A 174 29.30 15.53 -12.02
N ALA A 175 28.49 15.42 -10.97
CA ALA A 175 27.57 14.29 -10.90
C ALA A 175 26.31 14.55 -11.72
N ILE A 176 26.04 15.81 -12.08
CA ILE A 176 25.08 16.06 -13.15
C ILE A 176 25.71 15.92 -14.53
N SER A 177 27.03 15.76 -14.61
CA SER A 177 27.67 15.61 -15.91
C SER A 177 27.83 14.13 -16.25
N MET B 1 2.15 22.88 16.87
CA MET B 1 3.05 24.04 16.91
C MET B 1 4.49 23.58 16.94
N LYS B 2 5.21 23.81 15.84
CA LYS B 2 6.56 23.33 15.71
C LYS B 2 7.52 24.20 16.53
N SER B 3 8.33 23.55 17.36
CA SER B 3 9.55 24.11 17.89
C SER B 3 10.70 23.20 17.49
N VAL B 4 11.87 23.49 18.05
CA VAL B 4 13.00 22.56 17.98
C VAL B 4 12.67 21.32 18.79
N ILE B 5 12.09 21.53 19.96
CA ILE B 5 11.87 20.46 20.94
C ILE B 5 10.74 19.58 20.46
N THR B 6 9.77 20.16 19.74
CA THR B 6 8.70 19.40 19.14
C THR B 6 9.20 18.51 18.01
N THR B 7 10.22 18.97 17.29
CA THR B 7 10.75 18.17 16.20
C THR B 7 11.51 16.96 16.73
N VAL B 8 12.17 17.11 17.87
CA VAL B 8 12.92 15.96 18.33
C VAL B 8 12.07 14.99 19.13
N VAL B 9 10.90 15.41 19.64
CA VAL B 9 10.04 14.37 20.20
C VAL B 9 9.35 13.63 19.06
N SER B 10 9.00 14.34 17.99
CA SER B 10 8.46 13.65 16.82
C SER B 10 9.54 12.87 16.07
N ALA B 11 10.82 13.25 16.23
CA ALA B 11 11.90 12.39 15.78
C ALA B 11 11.98 11.14 16.64
N ALA B 12 11.68 11.28 17.93
CA ALA B 12 11.63 10.11 18.80
C ALA B 12 10.34 9.34 18.63
N ASP B 13 9.34 9.93 17.95
CA ASP B 13 8.19 9.18 17.50
C ASP B 13 8.49 8.47 16.19
N ALA B 14 9.21 9.14 15.30
CA ALA B 14 9.58 8.54 14.01
C ALA B 14 10.58 7.42 14.22
N ALA B 15 11.46 7.56 15.22
CA ALA B 15 12.21 6.41 15.68
C ALA B 15 11.31 5.45 16.43
N GLY B 16 10.34 5.98 17.17
CA GLY B 16 9.63 5.17 18.14
C GLY B 16 10.51 4.74 19.28
N ARG B 17 11.51 5.53 19.63
CA ARG B 17 12.60 5.10 20.47
C ARG B 17 12.90 6.14 21.53
N PHE B 18 14.00 5.91 22.23
CA PHE B 18 14.25 6.58 23.48
C PHE B 18 14.91 7.93 23.26
N PRO B 19 14.76 8.87 24.22
CA PRO B 19 15.53 10.12 24.12
C PRO B 19 17.01 9.90 24.39
N SER B 20 17.78 9.89 23.32
CA SER B 20 19.22 9.92 23.42
C SER B 20 19.67 11.37 23.34
N ASN B 21 20.95 11.58 23.10
CA ASN B 21 21.68 12.81 22.87
C ASN B 21 21.38 13.47 21.54
N SER B 22 20.43 12.99 20.75
CA SER B 22 19.77 13.85 19.77
C SER B 22 19.08 15.01 20.48
N ASP B 23 18.41 14.71 21.59
CA ASP B 23 17.79 15.72 22.40
C ASP B 23 18.80 16.57 23.14
N LEU B 24 19.71 15.93 23.86
CA LEU B 24 20.22 16.45 25.13
C LEU B 24 21.19 17.61 24.98
N GLU B 25 21.41 18.16 23.81
CA GLU B 25 22.16 19.39 23.73
C GLU B 25 21.46 20.46 22.90
N SER B 26 20.33 20.13 22.26
CA SER B 26 19.51 21.16 21.62
C SER B 26 18.90 22.10 22.65
N ILE B 27 18.63 21.59 23.86
CA ILE B 27 18.08 22.41 24.93
C ILE B 27 19.19 23.27 25.54
N GLN B 28 20.42 22.77 25.55
CA GLN B 28 21.52 23.51 26.17
C GLN B 28 21.92 24.69 25.31
N GLY B 29 21.71 24.58 23.99
CA GLY B 29 21.80 25.75 23.15
C GLY B 29 20.74 26.80 23.44
N ASN B 30 19.56 26.37 23.92
CA ASN B 30 18.57 27.33 24.34
C ASN B 30 18.93 27.94 25.69
N ILE B 31 19.72 27.24 26.51
CA ILE B 31 20.27 27.86 27.72
C ILE B 31 21.18 29.02 27.37
N GLN B 32 21.99 28.88 26.32
CA GLN B 32 22.72 30.05 25.83
C GLN B 32 21.80 31.02 25.07
N ARG B 33 21.18 30.54 24.00
CA ARG B 33 20.73 31.45 22.96
C ARG B 33 19.29 31.91 23.10
N SER B 34 18.43 31.14 23.78
CA SER B 34 17.11 31.69 24.06
C SER B 34 17.18 32.72 25.19
N ALA B 35 18.16 32.58 26.08
CA ALA B 35 18.50 33.67 27.00
C ALA B 35 19.05 34.86 26.23
N ALA B 36 19.76 34.61 25.13
CA ALA B 36 20.16 35.68 24.23
C ALA B 36 19.12 36.04 23.20
N ARG B 37 17.85 35.65 23.38
CA ARG B 37 16.82 35.92 22.40
C ARG B 37 15.76 36.89 22.91
N LEU B 38 15.36 36.71 24.16
CA LEU B 38 14.17 37.29 24.78
C LEU B 38 14.20 38.81 24.91
N GLU B 39 15.38 39.43 24.86
CA GLU B 39 15.53 40.83 25.25
C GLU B 39 15.01 41.79 24.20
N ALA B 40 14.83 41.33 22.96
CA ALA B 40 14.34 42.22 21.92
C ALA B 40 12.86 42.52 22.10
N ALA B 41 12.11 41.54 22.64
CA ALA B 41 10.65 41.48 22.47
C ALA B 41 9.92 42.53 23.30
N GLU B 42 10.60 43.16 24.24
CA GLU B 42 9.97 44.23 25.01
C GLU B 42 9.90 45.52 24.19
N LYS B 43 10.96 45.85 23.44
CA LYS B 43 10.77 46.97 22.51
C LYS B 43 10.02 46.54 21.27
N LEU B 44 9.97 45.24 20.96
CA LEU B 44 9.06 44.81 19.91
C LEU B 44 7.60 45.00 20.33
N ALA B 45 7.29 44.74 21.60
CA ALA B 45 6.02 45.21 22.14
C ALA B 45 6.01 46.72 22.37
N GLY B 46 7.17 47.33 22.58
CA GLY B 46 7.22 48.77 22.79
C GLY B 46 7.12 49.60 21.54
N ASN B 47 7.50 49.05 20.38
CA ASN B 47 7.40 49.78 19.13
C ASN B 47 6.19 49.36 18.32
N HIS B 48 5.36 48.46 18.87
CA HIS B 48 4.33 47.76 18.11
C HIS B 48 3.21 48.69 17.63
N GLU B 49 3.04 49.82 18.30
CA GLU B 49 2.09 50.83 17.90
C GLU B 49 2.67 51.81 16.91
N ALA B 50 3.98 51.75 16.64
CA ALA B 50 4.64 52.73 15.80
C ALA B 50 5.35 52.14 14.60
N VAL B 51 5.59 50.83 14.60
CA VAL B 51 6.17 50.22 13.41
C VAL B 51 5.13 50.10 12.31
N VAL B 52 3.86 50.12 12.68
CA VAL B 52 2.76 50.10 11.71
C VAL B 52 2.71 51.39 10.92
N LYS B 53 2.83 52.55 11.59
CA LYS B 53 2.73 53.82 10.88
C LYS B 53 3.97 54.13 10.07
N GLU B 54 5.11 53.51 10.36
CA GLU B 54 6.14 53.64 9.34
C GLU B 54 5.93 52.68 8.18
N ALA B 55 5.69 51.39 8.47
CA ALA B 55 5.76 50.38 7.41
C ALA B 55 4.56 50.40 6.48
N GLY B 56 3.34 50.46 7.02
CA GLY B 56 2.15 50.46 6.18
C GLY B 56 1.97 51.75 5.42
N ASP B 57 2.44 52.85 5.99
CA ASP B 57 2.34 54.11 5.29
C ASP B 57 3.48 54.26 4.28
N ALA B 58 4.59 53.56 4.49
CA ALA B 58 5.58 53.44 3.42
C ALA B 58 5.10 52.51 2.31
N CYS B 59 4.17 51.61 2.62
CA CYS B 59 3.55 50.84 1.56
C CYS B 59 2.47 51.65 0.87
N PHE B 60 1.89 52.61 1.57
CA PHE B 60 1.09 53.63 0.90
C PHE B 60 1.96 54.55 0.06
N ALA B 61 3.19 54.80 0.51
CA ALA B 61 4.16 55.49 -0.33
C ALA B 61 4.58 54.61 -1.50
N LYS B 62 4.57 53.30 -1.30
CA LYS B 62 4.74 52.39 -2.41
C LYS B 62 3.51 52.32 -3.28
N TYR B 63 2.34 52.11 -2.69
CA TYR B 63 1.11 51.81 -3.43
C TYR B 63 0.05 52.83 -3.01
N ALA B 64 -0.18 53.84 -3.85
CA ALA B 64 -1.08 54.93 -3.52
C ALA B 64 -2.26 55.07 -4.48
N TYR B 65 -2.45 54.13 -5.39
CA TYR B 65 -3.44 54.16 -6.46
C TYR B 65 -4.84 53.78 -6.02
N LEU B 66 -5.04 53.56 -4.73
CA LEU B 66 -6.12 52.74 -4.23
C LEU B 66 -7.47 53.43 -4.17
N LYS B 67 -7.61 54.64 -4.72
CA LYS B 67 -8.87 55.37 -4.68
C LYS B 67 -10.00 54.70 -5.46
N ASN B 68 -9.68 53.94 -6.50
CA ASN B 68 -10.70 53.44 -7.38
C ASN B 68 -11.38 52.21 -6.79
N PRO B 69 -12.71 52.11 -6.89
CA PRO B 69 -13.40 50.93 -6.36
C PRO B 69 -13.21 49.72 -7.26
N GLY B 70 -13.35 48.55 -6.67
CA GLY B 70 -12.88 47.32 -7.27
C GLY B 70 -11.46 46.99 -6.91
N GLU B 71 -10.78 47.88 -6.19
CA GLU B 71 -9.44 47.69 -5.66
C GLU B 71 -9.53 47.65 -4.14
N ALA B 72 -8.37 47.60 -3.49
CA ALA B 72 -8.32 47.19 -2.09
C ALA B 72 -8.54 48.33 -1.11
N GLY B 73 -7.89 49.47 -1.32
CA GLY B 73 -7.95 50.55 -0.35
C GLY B 73 -8.91 51.65 -0.74
N GLU B 74 -10.11 51.29 -1.20
CA GLU B 74 -11.05 52.28 -1.72
C GLU B 74 -11.75 53.06 -0.62
N ASN B 75 -11.62 52.64 0.64
CA ASN B 75 -12.09 53.43 1.76
C ASN B 75 -11.09 53.32 2.90
N GLN B 76 -11.22 54.22 3.88
CA GLN B 76 -10.25 54.31 4.96
C GLN B 76 -10.44 53.20 5.98
N GLU B 77 -11.61 52.55 5.98
CA GLU B 77 -11.82 51.39 6.84
C GLU B 77 -10.99 50.22 6.37
N LYS B 78 -10.74 50.14 5.05
CA LYS B 78 -9.77 49.18 4.54
C LYS B 78 -8.37 49.53 5.00
N ILE B 79 -8.09 50.82 5.18
CA ILE B 79 -6.76 51.24 5.56
C ILE B 79 -6.51 50.98 7.05
N ASN B 80 -7.54 51.14 7.88
CA ASN B 80 -7.28 50.82 9.29
C ASN B 80 -7.40 49.32 9.55
N LYS B 81 -8.02 48.55 8.65
CA LYS B 81 -7.80 47.12 8.82
C LYS B 81 -6.53 46.63 8.16
N CYS B 82 -5.88 47.42 7.29
CA CYS B 82 -4.48 47.16 6.97
C CYS B 82 -3.61 47.28 8.21
N TYR B 83 -3.91 48.29 9.02
CA TYR B 83 -3.21 48.50 10.29
C TYR B 83 -3.47 47.33 11.23
N ARG B 84 -4.72 46.84 11.24
CA ARG B 84 -5.08 45.66 12.01
C ARG B 84 -4.40 44.40 11.48
N ASP B 85 -4.15 44.35 10.16
CA ASP B 85 -3.46 43.21 9.56
C ASP B 85 -2.02 43.13 10.00
N VAL B 86 -1.30 44.23 9.82
CA VAL B 86 0.12 44.21 10.14
C VAL B 86 0.37 44.23 11.64
N ASP B 87 -0.62 44.64 12.46
CA ASP B 87 -0.57 44.47 13.92
C ASP B 87 -0.30 43.03 14.33
N HIS B 88 -1.08 42.12 13.78
CA HIS B 88 -0.87 40.71 14.02
C HIS B 88 0.32 40.15 13.28
N TYR B 89 0.81 40.85 12.23
CA TYR B 89 2.06 40.43 11.59
C TYR B 89 3.26 40.56 12.52
N MET B 90 3.50 41.75 13.13
CA MET B 90 4.63 41.72 14.07
C MET B 90 4.27 41.08 15.39
N ARG B 91 2.99 40.86 15.67
CA ARG B 91 2.66 40.07 16.85
C ARG B 91 3.01 38.61 16.63
N LEU B 92 2.86 38.12 15.38
CA LEU B 92 3.26 36.75 15.15
C LEU B 92 4.77 36.61 15.06
N VAL B 93 5.50 37.64 14.60
CA VAL B 93 6.95 37.51 14.65
C VAL B 93 7.48 37.68 16.08
N ASN B 94 6.71 38.33 16.98
CA ASN B 94 6.98 38.19 18.40
C ASN B 94 6.77 36.77 18.88
N TYR B 95 5.81 36.06 18.28
CA TYR B 95 5.55 34.72 18.76
C TYR B 95 6.61 33.72 18.26
N CYS B 96 7.01 33.83 16.98
CA CYS B 96 8.00 32.87 16.50
C CYS B 96 9.41 33.28 16.89
N LEU B 97 9.58 34.48 17.43
CA LEU B 97 10.76 34.73 18.24
C LEU B 97 10.80 33.80 19.43
N VAL B 98 9.80 33.87 20.28
CA VAL B 98 9.92 33.26 21.61
C VAL B 98 9.69 31.76 21.60
N VAL B 99 9.20 31.18 20.50
CA VAL B 99 9.27 29.73 20.45
C VAL B 99 10.58 29.28 19.81
N GLY B 100 11.10 30.03 18.84
CA GLY B 100 12.25 29.56 18.07
C GLY B 100 11.91 28.79 16.80
N GLY B 101 11.06 27.77 16.91
CA GLY B 101 10.64 27.01 15.76
C GLY B 101 9.67 27.77 14.87
N THR B 102 9.42 27.22 13.69
CA THR B 102 8.66 27.95 12.69
C THR B 102 7.18 27.58 12.68
N GLY B 103 6.69 26.95 13.75
CA GLY B 103 5.29 26.60 13.91
C GLY B 103 4.30 27.74 13.84
N PRO B 104 4.48 28.79 14.64
CA PRO B 104 3.68 30.01 14.44
C PRO B 104 3.96 30.74 13.15
N LEU B 105 5.11 30.51 12.50
CA LEU B 105 5.13 30.90 11.10
C LEU B 105 4.25 29.98 10.28
N ASP B 106 4.51 28.66 10.32
CA ASP B 106 3.97 27.72 9.34
C ASP B 106 2.45 27.58 9.43
N GLU B 107 1.95 27.09 10.57
CA GLU B 107 0.52 26.81 10.66
C GLU B 107 -0.28 28.08 10.89
N TRP B 108 0.37 29.18 11.25
CA TRP B 108 -0.34 30.37 11.66
C TRP B 108 -0.07 31.58 10.78
N GLY B 109 0.85 31.50 9.83
CA GLY B 109 0.97 32.54 8.83
C GLY B 109 1.09 32.01 7.42
N ILE B 110 1.54 30.76 7.29
CA ILE B 110 1.89 30.20 5.98
C ILE B 110 0.83 29.20 5.54
N ALA B 111 0.21 28.52 6.50
CA ALA B 111 -1.00 27.74 6.23
C ALA B 111 -2.11 28.71 5.89
N GLY B 112 -2.41 28.82 4.60
CA GLY B 112 -3.22 29.92 4.13
C GLY B 112 -2.35 31.12 3.84
N ALA B 113 -1.43 30.98 2.89
CA ALA B 113 -0.69 32.13 2.39
C ALA B 113 -0.83 32.28 0.88
N ARG B 114 -0.67 31.20 0.12
CA ARG B 114 -0.45 31.28 -1.33
C ARG B 114 -1.71 31.59 -2.13
N GLU B 115 -2.88 31.53 -1.51
CA GLU B 115 -4.13 31.57 -2.23
C GLU B 115 -5.15 32.48 -1.60
N VAL B 116 -4.89 32.92 -0.38
CA VAL B 116 -5.95 33.49 0.44
C VAL B 116 -6.28 34.91 0.01
N TYR B 117 -5.26 35.74 -0.19
CA TYR B 117 -5.44 37.10 -0.67
C TYR B 117 -5.39 37.14 -2.18
N ARG B 118 -5.00 36.02 -2.79
CA ARG B 118 -5.26 35.79 -4.19
C ARG B 118 -6.77 35.79 -4.45
N THR B 119 -7.50 34.95 -3.71
CA THR B 119 -8.95 34.97 -3.80
C THR B 119 -9.56 36.19 -3.14
N LEU B 120 -8.88 36.78 -2.16
CA LEU B 120 -9.39 38.01 -1.57
C LEU B 120 -8.89 39.24 -2.31
N ASN B 121 -8.19 39.03 -3.44
CA ASN B 121 -7.78 40.05 -4.41
C ASN B 121 -6.83 41.06 -3.80
N LEU B 122 -5.92 40.59 -2.96
CA LEU B 122 -4.97 41.53 -2.40
C LEU B 122 -3.55 41.07 -2.71
N PRO B 123 -2.66 41.97 -3.09
CA PRO B 123 -1.28 41.57 -3.36
C PRO B 123 -0.46 41.37 -2.11
N THR B 124 0.40 40.37 -2.14
CA THR B 124 1.39 40.20 -1.09
C THR B 124 2.65 41.01 -1.33
N SER B 125 2.70 41.77 -2.42
CA SER B 125 3.86 42.59 -2.70
C SER B 125 4.02 43.73 -1.70
N ALA B 126 2.91 44.28 -1.19
CA ALA B 126 3.03 45.22 -0.09
C ALA B 126 3.31 44.50 1.21
N TYR B 127 2.79 43.28 1.35
CA TYR B 127 3.08 42.43 2.51
C TYR B 127 4.55 42.05 2.58
N VAL B 128 5.24 42.02 1.44
CA VAL B 128 6.68 41.84 1.52
C VAL B 128 7.43 43.17 1.53
N ALA B 129 6.82 44.27 1.03
CA ALA B 129 7.57 45.52 0.91
C ALA B 129 7.71 46.25 2.25
N SER B 130 6.68 46.16 3.10
CA SER B 130 6.76 46.77 4.43
C SER B 130 7.82 46.08 5.28
N ILE B 131 7.92 44.77 5.13
CA ILE B 131 8.92 44.02 5.85
C ILE B 131 10.27 44.18 5.15
N ALA B 132 10.26 44.52 3.85
CA ALA B 132 11.49 44.90 3.15
C ALA B 132 12.01 46.25 3.59
N TYR B 133 11.15 47.11 4.13
CA TYR B 133 11.66 48.26 4.87
C TYR B 133 12.36 47.78 6.14
N THR B 134 11.77 46.83 6.84
CA THR B 134 12.37 46.37 8.09
C THR B 134 13.46 45.31 7.90
N ARG B 135 14.09 45.22 6.73
CA ARG B 135 15.24 44.35 6.51
C ARG B 135 16.43 44.74 7.37
N ASP B 136 17.09 45.81 6.99
CA ASP B 136 18.24 46.29 7.71
C ASP B 136 17.84 47.38 8.68
N ARG B 137 16.55 47.68 8.78
CA ARG B 137 16.07 48.61 9.78
C ARG B 137 16.13 47.93 11.14
N LEU B 138 17.31 48.06 11.76
CA LEU B 138 17.76 47.49 13.03
C LEU B 138 19.13 48.08 13.28
N CYS B 139 19.57 48.08 14.53
CA CYS B 139 20.88 48.64 14.85
C CYS B 139 21.57 47.77 15.90
N VAL B 140 22.46 46.90 15.44
CA VAL B 140 23.18 45.93 16.26
C VAL B 140 24.19 46.43 17.30
N PRO B 141 24.72 47.70 17.30
CA PRO B 141 25.31 48.18 18.55
C PRO B 141 24.35 48.97 19.42
N ARG B 142 23.24 49.37 18.83
CA ARG B 142 22.48 50.55 19.21
C ARG B 142 21.02 50.27 19.55
N ASP B 143 20.31 49.47 18.74
CA ASP B 143 18.96 49.07 19.12
C ASP B 143 19.04 47.96 20.15
N MET B 144 19.59 46.82 19.74
CA MET B 144 19.91 45.70 20.62
C MET B 144 21.27 45.16 20.19
N SER B 145 21.60 43.96 20.65
CA SER B 145 22.91 43.38 20.42
C SER B 145 23.02 42.83 19.00
N ALA B 146 24.25 42.43 18.65
CA ALA B 146 24.52 41.76 17.40
C ALA B 146 24.34 40.25 17.48
N GLN B 147 23.80 39.76 18.60
CA GLN B 147 23.66 38.33 18.83
C GLN B 147 22.26 37.81 18.58
N ALA B 148 21.27 38.69 18.41
CA ALA B 148 19.92 38.26 18.10
C ALA B 148 19.24 39.05 17.01
N GLY B 149 19.79 40.20 16.61
CA GLY B 149 19.12 41.01 15.61
C GLY B 149 19.22 40.44 14.22
N VAL B 150 20.31 39.73 13.93
CA VAL B 150 20.46 39.08 12.64
C VAL B 150 19.57 37.85 12.60
N GLU B 151 19.31 37.26 13.78
CA GLU B 151 18.39 36.15 13.86
C GLU B 151 16.95 36.63 13.76
N PHE B 152 16.69 37.80 14.35
CA PHE B 152 15.42 38.48 14.19
C PHE B 152 15.18 38.84 12.74
N SER B 153 16.24 39.27 12.05
CA SER B 153 16.21 39.47 10.61
C SER B 153 15.95 38.16 9.88
N ALA B 154 16.54 37.07 10.37
CA ALA B 154 16.36 35.76 9.75
C ALA B 154 14.95 35.22 9.95
N TYR B 155 14.33 35.59 11.08
CA TYR B 155 12.95 35.24 11.38
C TYR B 155 12.00 35.83 10.35
N LEU B 156 12.02 37.15 10.23
CA LEU B 156 11.05 37.76 9.35
C LEU B 156 11.49 37.80 7.90
N ASP B 157 12.67 37.24 7.55
CA ASP B 157 12.96 37.05 6.13
C ASP B 157 12.73 35.62 5.65
N TYR B 158 12.77 34.64 6.57
CA TYR B 158 12.19 33.34 6.27
C TYR B 158 10.70 33.46 6.05
N LEU B 159 10.06 34.38 6.79
CA LEU B 159 8.69 34.80 6.52
C LEU B 159 8.49 35.30 5.10
N ILE B 160 9.44 36.05 4.54
CA ILE B 160 9.22 36.64 3.23
C ILE B 160 9.57 35.64 2.15
N ASN B 161 10.58 34.80 2.40
CA ASN B 161 10.90 33.68 1.53
C ASN B 161 9.77 32.66 1.49
N ALA B 162 9.05 32.52 2.60
CA ALA B 162 7.80 31.79 2.60
C ALA B 162 6.72 32.55 1.85
N LEU B 163 6.66 33.88 2.02
CA LEU B 163 5.70 34.68 1.27
C LEU B 163 6.07 34.80 -0.20
N SER B 164 7.33 34.67 -0.54
CA SER B 164 7.73 34.56 -1.92
C SER B 164 8.09 33.12 -2.21
N MET C 1 3.31 19.18 18.10
CA MET C 1 2.24 19.25 19.07
C MET C 1 2.36 20.53 19.89
N LEU C 2 2.54 20.43 21.21
CA LEU C 2 2.59 21.62 22.03
C LEU C 2 3.65 21.47 23.12
N ASP C 3 3.97 22.61 23.73
CA ASP C 3 5.07 22.72 24.68
C ASP C 3 4.71 23.75 25.74
N ALA C 4 5.53 23.82 26.78
CA ALA C 4 5.46 24.91 27.74
C ALA C 4 5.84 26.24 27.10
N PHE C 5 6.71 26.21 26.09
CA PHE C 5 6.96 27.37 25.26
C PHE C 5 5.84 27.65 24.28
N SER C 6 4.86 26.76 24.16
CA SER C 6 3.75 26.98 23.26
C SER C 6 2.45 27.34 23.96
N ARG C 7 2.16 26.78 25.14
CA ARG C 7 0.92 27.16 25.80
C ARG C 7 0.97 28.55 26.42
N VAL C 8 2.17 29.10 26.59
CA VAL C 8 2.29 30.53 26.84
C VAL C 8 1.89 31.36 25.62
N VAL C 9 1.92 30.78 24.42
CA VAL C 9 1.44 31.51 23.26
C VAL C 9 -0.06 31.33 23.10
N VAL C 10 -0.59 30.14 23.47
CA VAL C 10 -2.00 29.88 23.21
C VAL C 10 -2.90 30.64 24.17
N ASN C 11 -2.42 30.98 25.36
CA ASN C 11 -3.24 31.87 26.17
C ASN C 11 -2.96 33.33 25.85
N SER C 12 -1.81 33.64 25.25
CA SER C 12 -1.51 35.02 24.87
C SER C 12 -2.38 35.47 23.72
N ASP C 13 -2.50 34.65 22.69
CA ASP C 13 -3.40 34.94 21.58
C ASP C 13 -4.84 34.61 21.88
N ALA C 14 -5.12 33.92 22.99
CA ALA C 14 -6.48 33.90 23.51
C ALA C 14 -6.90 35.26 24.06
N LYS C 15 -5.96 36.09 24.48
CA LYS C 15 -6.24 37.44 24.94
C LYS C 15 -5.88 38.49 23.90
N ALA C 16 -5.26 38.08 22.79
CA ALA C 16 -4.42 38.91 21.91
C ALA C 16 -3.41 39.73 22.71
N ALA C 17 -2.77 39.11 23.68
CA ALA C 17 -1.86 39.81 24.57
C ALA C 17 -0.43 39.57 24.13
N TYR C 18 0.51 40.16 24.86
CA TYR C 18 1.91 39.92 24.55
C TYR C 18 2.32 38.59 25.16
N VAL C 19 3.38 38.03 24.61
CA VAL C 19 4.25 37.18 25.40
C VAL C 19 5.54 37.96 25.56
N GLY C 20 6.05 38.00 26.78
CA GLY C 20 7.10 38.95 27.12
C GLY C 20 7.30 38.98 28.61
N GLY C 21 7.55 40.17 29.13
CA GLY C 21 7.93 40.29 30.53
C GLY C 21 6.82 40.28 31.56
N SER C 22 5.91 39.31 31.44
CA SER C 22 4.95 38.99 32.49
C SER C 22 5.04 37.53 32.92
N ASP C 23 5.20 36.61 31.98
CA ASP C 23 5.51 35.24 32.35
C ASP C 23 7.00 34.96 32.28
N LEU C 24 7.83 35.97 31.98
CA LEU C 24 9.23 35.79 31.66
C LEU C 24 10.06 35.28 32.82
N GLN C 25 9.64 35.60 34.05
CA GLN C 25 10.36 35.09 35.22
C GLN C 25 10.21 33.58 35.36
N ALA C 26 9.08 33.02 34.94
CA ALA C 26 8.96 31.58 34.82
C ALA C 26 9.74 31.05 33.63
N LEU C 27 9.96 31.87 32.61
CA LEU C 27 10.60 31.41 31.38
C LEU C 27 12.10 31.27 31.54
N LYS C 28 12.78 32.27 32.10
CA LYS C 28 14.22 32.14 32.30
C LYS C 28 14.51 31.16 33.43
N SER C 29 13.64 31.11 34.44
CA SER C 29 13.79 30.08 35.45
C SER C 29 13.26 28.72 35.00
N PHE C 30 12.61 28.64 33.83
CA PHE C 30 12.48 27.33 33.22
C PHE C 30 13.84 26.86 32.71
N ILE C 31 14.49 27.66 31.88
CA ILE C 31 15.74 27.23 31.26
C ILE C 31 16.94 27.35 32.20
N ALA C 32 16.78 27.91 33.40
CA ALA C 32 17.87 27.89 34.36
C ALA C 32 18.13 26.47 34.87
N ASP C 33 17.08 25.68 34.98
CA ASP C 33 17.17 24.29 35.40
C ASP C 33 16.96 23.33 34.26
N GLY C 34 17.37 23.72 33.05
CA GLY C 34 17.28 22.79 31.94
C GLY C 34 18.32 21.68 32.04
N ASN C 35 19.52 22.02 32.51
CA ASN C 35 20.54 21.03 32.83
C ASN C 35 20.11 20.15 33.99
N LYS C 36 19.29 20.70 34.89
CA LYS C 36 18.70 19.90 35.95
C LYS C 36 17.70 18.89 35.41
N ARG C 37 16.95 19.28 34.37
CA ARG C 37 16.06 18.33 33.72
C ARG C 37 16.84 17.28 32.96
N LEU C 38 18.00 17.66 32.43
CA LEU C 38 18.83 16.70 31.72
C LEU C 38 19.50 15.75 32.70
N ASP C 39 19.88 16.30 33.87
CA ASP C 39 20.33 15.49 35.02
C ASP C 39 19.24 14.54 35.50
N ALA C 40 17.97 14.90 35.31
CA ALA C 40 16.90 13.96 35.64
C ALA C 40 16.73 12.90 34.57
N VAL C 41 16.68 13.30 33.29
CA VAL C 41 16.12 12.40 32.30
C VAL C 41 17.11 11.36 31.83
N ASN C 42 18.41 11.58 32.01
CA ASN C 42 19.32 10.49 31.67
C ASN C 42 19.34 9.41 32.74
N SER C 43 18.88 9.72 33.95
CA SER C 43 18.61 8.67 34.92
C SER C 43 17.38 7.86 34.53
N ILE C 44 16.45 8.49 33.82
CA ILE C 44 15.25 7.78 33.40
C ILE C 44 15.54 6.83 32.25
N VAL C 45 16.43 7.19 31.33
CA VAL C 45 16.75 6.29 30.23
C VAL C 45 17.75 5.21 30.63
N SER C 46 18.26 5.24 31.85
CA SER C 46 19.28 4.31 32.29
C SER C 46 18.72 2.91 32.54
N ASN C 47 17.54 2.83 33.16
CA ASN C 47 17.05 1.53 33.59
C ASN C 47 15.59 1.37 33.20
N ALA C 48 15.29 1.69 31.94
CA ALA C 48 13.92 1.64 31.45
C ALA C 48 13.41 0.23 31.33
N SER C 49 14.27 -0.69 30.91
CA SER C 49 13.89 -2.09 30.93
C SER C 49 13.83 -2.61 32.36
N CYS C 50 14.66 -2.07 33.24
CA CYS C 50 14.51 -2.39 34.65
C CYS C 50 13.28 -1.71 35.25
N MET C 51 12.87 -0.57 34.69
CA MET C 51 11.66 0.11 35.16
C MET C 51 10.43 -0.73 34.86
N VAL C 52 10.32 -1.18 33.61
CA VAL C 52 9.17 -1.97 33.22
C VAL C 52 9.24 -3.39 33.78
N SER C 53 10.45 -3.89 34.06
CA SER C 53 10.55 -5.20 34.68
C SER C 53 10.15 -5.15 36.15
N ASP C 54 10.53 -4.06 36.83
CA ASP C 54 10.10 -3.86 38.21
C ASP C 54 8.59 -3.67 38.29
N ALA C 55 8.01 -2.97 37.31
CA ALA C 55 6.59 -2.70 37.30
C ALA C 55 5.79 -3.97 37.09
N VAL C 56 6.19 -4.79 36.12
CA VAL C 56 5.40 -5.99 35.86
C VAL C 56 5.65 -7.06 36.93
N SER C 57 6.85 -7.11 37.52
CA SER C 57 7.12 -8.13 38.53
C SER C 57 6.45 -7.82 39.85
N GLY C 58 6.36 -6.53 40.21
CA GLY C 58 5.55 -6.14 41.36
C GLY C 58 4.06 -6.34 41.13
N MET C 59 3.63 -6.23 39.86
CA MET C 59 2.23 -6.53 39.54
C MET C 59 1.91 -8.01 39.70
N ILE C 60 2.89 -8.89 39.51
CA ILE C 60 2.60 -10.27 39.89
C ILE C 60 2.87 -10.50 41.38
N CYS C 61 3.57 -9.56 42.05
CA CYS C 61 3.85 -9.76 43.48
C CYS C 61 2.59 -9.62 44.34
N GLU C 62 1.97 -8.45 44.36
CA GLU C 62 0.68 -8.41 45.06
C GLU C 62 -0.52 -8.39 44.12
N ASN C 63 -0.39 -8.92 42.91
CA ASN C 63 -1.60 -9.45 42.30
C ASN C 63 -1.34 -10.77 41.58
N PRO C 64 -1.91 -11.87 42.04
CA PRO C 64 -1.94 -13.09 41.21
C PRO C 64 -3.19 -13.20 40.34
N GLY C 65 -4.01 -12.16 40.30
CA GLY C 65 -5.28 -12.24 39.61
C GLY C 65 -5.17 -12.19 38.11
N LEU C 66 -4.13 -11.51 37.59
CA LEU C 66 -3.94 -11.51 36.15
C LEU C 66 -3.40 -12.85 35.67
N ILE C 67 -2.47 -13.43 36.43
CA ILE C 67 -1.81 -14.68 36.05
C ILE C 67 -2.63 -15.91 36.41
N SER C 68 -3.85 -15.71 36.92
CA SER C 68 -4.82 -16.77 37.04
C SER C 68 -5.14 -17.34 35.65
N PRO C 69 -5.19 -18.67 35.51
CA PRO C 69 -5.45 -19.27 34.21
C PRO C 69 -6.89 -19.04 33.77
N GLY C 70 -7.04 -18.58 32.54
CA GLY C 70 -8.32 -18.04 32.13
C GLY C 70 -8.59 -16.66 32.69
N GLY C 71 -7.55 -15.96 33.12
CA GLY C 71 -7.70 -14.61 33.63
C GLY C 71 -7.51 -13.61 32.50
N CYS C 73 -4.74 -11.20 31.97
CA CYS C 73 -3.37 -11.14 31.47
C CYS C 73 -2.55 -12.28 32.05
N TYR C 74 -2.72 -13.47 31.49
CA TYR C 74 -1.98 -14.65 31.91
C TYR C 74 -1.22 -15.31 30.78
N THR C 75 -1.15 -14.69 29.61
CA THR C 75 -0.43 -15.24 28.47
C THR C 75 0.76 -14.35 28.17
N ASN C 76 1.81 -14.97 27.63
CA ASN C 76 3.03 -14.27 27.26
C ASN C 76 2.83 -13.31 26.10
N ARG C 77 1.82 -13.57 25.26
CA ARG C 77 1.34 -12.58 24.32
C ARG C 77 0.77 -11.35 25.04
N ARG C 78 0.19 -11.54 26.21
CA ARG C 78 -0.35 -10.40 26.95
C ARG C 78 0.67 -9.81 27.90
N MET C 79 1.70 -10.60 28.26
CA MET C 79 2.80 -9.97 28.96
C MET C 79 3.69 -9.22 27.98
N ALA C 80 3.71 -9.64 26.71
CA ALA C 80 4.31 -8.81 25.67
C ALA C 80 3.45 -7.58 25.39
N ALA C 81 2.13 -7.72 25.61
CA ALA C 81 1.27 -6.56 25.51
C ALA C 81 1.58 -5.53 26.60
N CYS C 82 1.59 -5.89 27.88
CA CYS C 82 2.05 -4.91 28.86
C CYS C 82 3.55 -4.80 29.00
N LEU C 83 4.32 -5.49 28.16
CA LEU C 83 5.62 -4.97 27.81
C LEU C 83 5.46 -3.65 27.09
N ARG C 84 4.80 -3.68 25.90
CA ARG C 84 4.45 -2.50 25.12
C ARG C 84 3.65 -1.49 25.92
N ASP C 85 2.49 -1.93 26.47
CA ASP C 85 1.52 -1.11 27.21
C ASP C 85 2.10 -0.51 28.50
N GLY C 86 3.28 -0.91 28.93
CA GLY C 86 4.06 -0.11 29.86
C GLY C 86 5.11 0.76 29.21
N GLU C 87 5.84 0.22 28.22
CA GLU C 87 7.07 0.89 27.80
C GLU C 87 6.80 2.10 26.93
N ILE C 88 5.71 2.06 26.16
CA ILE C 88 5.50 3.15 25.24
C ILE C 88 4.90 4.33 25.99
N ILE C 89 4.22 4.07 27.11
CA ILE C 89 3.81 5.22 27.90
C ILE C 89 4.95 5.71 28.76
N LEU C 90 5.96 4.86 29.02
CA LEU C 90 7.16 5.35 29.66
C LEU C 90 7.93 6.27 28.73
N ARG C 91 7.96 5.89 27.44
CA ARG C 91 8.41 6.77 26.37
C ARG C 91 7.60 8.06 26.35
N TYR C 92 6.28 7.97 26.50
CA TYR C 92 5.45 9.17 26.44
C TYR C 92 5.56 10.07 27.67
N VAL C 93 5.79 9.51 28.85
CA VAL C 93 5.99 10.40 29.99
C VAL C 93 7.41 10.96 29.98
N SER C 94 8.34 10.28 29.29
CA SER C 94 9.62 10.91 29.00
C SER C 94 9.44 12.05 28.02
N TYR C 95 8.46 11.93 27.12
CA TYR C 95 8.22 13.00 26.15
C TYR C 95 7.57 14.20 26.81
N ALA C 96 6.68 13.94 27.77
CA ALA C 96 6.08 15.02 28.53
C ALA C 96 7.11 15.69 29.43
N LEU C 97 8.10 14.93 29.89
CA LEU C 97 9.10 15.54 30.76
C LEU C 97 10.10 16.33 29.95
N LEU C 98 10.42 15.90 28.73
CA LEU C 98 11.32 16.70 27.93
C LEU C 98 10.65 17.91 27.33
N ALA C 99 9.35 17.84 27.07
CA ALA C 99 8.64 19.02 26.61
C ALA C 99 8.41 19.99 27.74
N GLY C 100 8.36 19.49 28.97
CA GLY C 100 7.89 20.30 30.07
C GLY C 100 6.41 20.62 29.99
N ASP C 101 5.62 19.76 29.36
CA ASP C 101 4.22 20.05 29.12
C ASP C 101 3.47 18.74 28.97
N ALA C 102 2.25 18.72 29.48
CA ALA C 102 1.37 17.56 29.43
C ALA C 102 0.50 17.55 28.19
N SER C 103 1.01 17.97 27.04
CA SER C 103 0.16 18.03 25.84
C SER C 103 0.40 16.86 24.91
N VAL C 104 1.13 15.85 25.34
CA VAL C 104 1.58 14.80 24.45
C VAL C 104 1.14 13.42 24.92
N LEU C 105 0.06 13.34 25.68
CA LEU C 105 -0.42 12.03 26.12
C LEU C 105 -1.83 11.71 25.64
N GLU C 106 -2.80 12.59 25.95
CA GLU C 106 -4.20 12.29 25.73
C GLU C 106 -4.57 12.45 24.27
N ASP C 107 -3.90 13.36 23.58
CA ASP C 107 -3.96 13.44 22.13
C ASP C 107 -3.15 12.34 21.47
N ARG C 108 -2.15 11.83 22.17
CA ARG C 108 -1.18 10.97 21.53
C ARG C 108 -1.45 9.51 21.80
N CYS C 109 -1.53 9.13 23.07
CA CYS C 109 -1.70 7.71 23.35
C CYS C 109 -3.02 7.43 24.04
N LEU C 110 -3.63 8.44 24.66
CA LEU C 110 -4.94 8.20 25.25
C LEU C 110 -6.06 8.79 24.42
N ASN C 111 -6.03 8.60 23.11
CA ASN C 111 -7.15 8.96 22.25
C ASN C 111 -8.24 7.92 22.43
N GLY C 112 -9.03 8.06 23.49
CA GLY C 112 -10.02 7.05 23.83
C GLY C 112 -9.41 5.75 24.32
N LEU C 113 -8.47 5.82 25.28
CA LEU C 113 -7.65 4.69 25.67
C LEU C 113 -8.44 3.60 26.34
N LYS C 114 -9.03 3.92 27.49
CA LYS C 114 -9.66 2.93 28.34
C LYS C 114 -10.95 2.38 27.76
N GLU C 115 -11.58 3.09 26.82
CA GLU C 115 -12.74 2.56 26.12
C GLU C 115 -12.33 1.40 25.23
N THR C 116 -11.20 1.55 24.58
CA THR C 116 -10.63 0.45 23.81
C THR C 116 -10.12 -0.66 24.72
N TYR C 117 -9.68 -0.32 25.93
CA TYR C 117 -9.19 -1.36 26.82
C TYR C 117 -10.34 -2.14 27.46
N ILE C 118 -11.47 -1.47 27.69
CA ILE C 118 -12.68 -2.17 28.09
C ILE C 118 -13.23 -3.00 26.94
N ALA C 119 -13.05 -2.52 25.70
CA ALA C 119 -13.32 -3.36 24.53
C ALA C 119 -12.35 -4.52 24.43
N LEU C 120 -11.14 -4.35 24.95
CA LEU C 120 -10.24 -5.48 25.13
C LEU C 120 -10.52 -6.19 26.44
N GLY C 121 -11.27 -5.58 27.34
CA GLY C 121 -11.62 -6.22 28.60
C GLY C 121 -10.58 -6.06 29.68
N VAL C 122 -9.75 -5.03 29.61
CA VAL C 122 -8.68 -4.82 30.58
C VAL C 122 -9.26 -4.27 31.88
N PRO C 123 -9.01 -4.94 33.02
CA PRO C 123 -9.52 -4.44 34.30
C PRO C 123 -8.69 -3.24 34.77
N THR C 124 -9.40 -2.23 35.25
CA THR C 124 -8.77 -0.95 35.58
C THR C 124 -7.93 -1.01 36.85
N ASN C 125 -8.23 -1.96 37.74
CA ASN C 125 -7.51 -2.05 39.01
C ASN C 125 -6.07 -2.49 38.81
N SER C 126 -5.84 -3.33 37.81
CA SER C 126 -4.49 -3.67 37.39
C SER C 126 -3.77 -2.47 36.82
N SER C 127 -4.50 -1.63 36.08
CA SER C 127 -3.90 -0.47 35.43
C SER C 127 -3.49 0.58 36.44
N ILE C 128 -4.34 0.82 37.45
CA ILE C 128 -4.03 1.85 38.43
C ILE C 128 -2.93 1.39 39.37
N ARG C 129 -2.82 0.07 39.59
CA ARG C 129 -1.67 -0.51 40.28
C ARG C 129 -0.38 -0.28 39.49
N ALA C 130 -0.46 -0.45 38.17
CA ALA C 130 0.72 -0.35 37.31
C ALA C 130 1.24 1.08 37.25
N VAL C 131 0.33 2.05 37.10
CA VAL C 131 0.78 3.43 36.95
C VAL C 131 1.20 4.00 38.31
N SER C 132 0.62 3.49 39.40
CA SER C 132 1.00 3.98 40.73
C SER C 132 2.39 3.50 41.13
N ILE C 133 2.67 2.22 40.92
CA ILE C 133 3.99 1.73 41.33
C ILE C 133 5.07 2.20 40.36
N MET C 134 4.71 2.48 39.10
CA MET C 134 5.68 3.09 38.21
C MET C 134 5.87 4.58 38.53
N LYS C 135 4.86 5.22 39.14
CA LYS C 135 4.99 6.59 39.61
C LYS C 135 5.95 6.68 40.78
N ALA C 136 5.77 5.78 41.76
CA ALA C 136 6.61 5.79 42.95
C ALA C 136 8.04 5.37 42.63
N GLN C 137 8.21 4.46 41.68
CA GLN C 137 9.58 4.12 41.30
C GLN C 137 10.22 5.23 40.47
N ALA C 138 9.45 5.95 39.66
CA ALA C 138 10.04 7.03 38.85
C ALA C 138 10.43 8.23 39.71
N VAL C 139 9.69 8.52 40.78
CA VAL C 139 10.15 9.58 41.65
C VAL C 139 11.32 9.10 42.52
N ALA C 140 11.43 7.79 42.76
CA ALA C 140 12.65 7.27 43.37
C ALA C 140 13.84 7.31 42.42
N PHE C 141 13.59 7.31 41.11
CA PHE C 141 14.65 7.17 40.13
C PHE C 141 15.11 8.49 39.55
N ILE C 142 14.33 9.56 39.69
CA ILE C 142 14.83 10.85 39.26
C ILE C 142 15.85 11.38 40.25
N THR C 143 15.68 11.07 41.53
CA THR C 143 16.68 11.35 42.54
C THR C 143 17.66 10.18 42.59
N ASN C 144 18.68 10.32 43.43
CA ASN C 144 19.74 9.32 43.52
C ASN C 144 19.54 8.43 44.74
N THR C 145 18.29 8.05 44.99
CA THR C 145 17.98 7.23 46.15
C THR C 145 17.69 5.80 45.72
N ALA C 146 18.49 5.27 44.81
CA ALA C 146 18.36 3.91 44.35
C ALA C 146 19.02 2.93 45.32
N THR C 147 19.17 1.67 44.88
CA THR C 147 19.84 0.67 45.71
C THR C 147 21.33 0.96 45.81
N GLU C 148 22.04 0.88 44.70
CA GLU C 148 23.37 1.46 44.61
C GLU C 148 23.62 2.18 43.30
N ARG C 149 22.58 2.44 42.50
CA ARG C 149 22.72 3.11 41.22
C ARG C 149 22.91 4.59 41.49
N LYS C 150 24.14 4.95 41.84
CA LYS C 150 24.45 6.28 42.35
C LYS C 150 25.21 7.04 41.27
N MET C 151 24.48 7.69 40.38
CA MET C 151 25.09 8.48 39.34
C MET C 151 25.58 9.78 39.94
N SER C 152 26.46 10.44 39.20
CA SER C 152 27.10 11.67 39.67
C SER C 152 26.34 12.86 39.13
N PHE C 153 26.14 13.85 39.98
CA PHE C 153 25.39 15.05 39.63
C PHE C 153 26.10 16.21 40.28
N ALA C 154 25.55 17.40 40.09
CA ALA C 154 25.81 18.49 41.02
C ALA C 154 24.70 18.49 42.06
N ALA C 155 25.10 18.56 43.32
CA ALA C 155 24.18 18.39 44.43
C ALA C 155 23.33 19.65 44.63
N GLY C 156 22.20 19.47 45.28
CA GLY C 156 21.32 20.57 45.58
C GLY C 156 19.88 20.12 45.63
N ASP C 157 18.98 21.07 45.44
CA ASP C 157 17.54 20.84 45.48
C ASP C 157 17.05 20.58 44.06
N CYS C 158 16.20 19.55 43.92
CA CYS C 158 15.53 19.30 42.64
C CYS C 158 14.10 18.79 42.82
N THR C 159 13.37 19.24 43.84
CA THR C 159 12.04 18.69 44.11
C THR C 159 10.97 19.28 43.20
N SER C 160 11.30 20.34 42.45
CA SER C 160 10.42 20.87 41.42
C SER C 160 10.20 19.85 40.31
N LEU C 161 11.21 19.06 40.03
CA LEU C 161 11.12 17.99 39.06
C LEU C 161 10.29 16.82 39.56
N ALA C 162 10.24 16.61 40.88
CA ALA C 162 9.39 15.57 41.44
C ALA C 162 7.92 15.96 41.35
N SER C 163 7.63 17.25 41.60
CA SER C 163 6.27 17.75 41.40
C SER C 163 5.88 17.79 39.93
N GLU C 164 6.88 17.86 39.04
CA GLU C 164 6.64 17.82 37.60
C GLU C 164 6.19 16.43 37.17
N VAL C 165 6.93 15.40 37.56
CA VAL C 165 6.67 14.05 37.03
C VAL C 165 5.42 13.45 37.67
N ALA C 166 5.12 13.84 38.91
CA ALA C 166 3.92 13.35 39.59
C ALA C 166 2.67 13.98 38.99
N SER C 167 2.79 15.21 38.48
CA SER C 167 1.68 15.87 37.81
C SER C 167 1.35 15.18 36.50
N TYR C 168 2.39 14.70 35.80
CA TYR C 168 2.14 13.94 34.57
C TYR C 168 1.56 12.57 34.90
N PHE C 169 1.95 12.03 36.05
CA PHE C 169 1.47 10.71 36.43
C PHE C 169 0.05 10.68 36.93
N ASP C 170 -0.42 11.71 37.63
CA ASP C 170 -1.85 11.64 37.94
C ASP C 170 -2.68 12.21 36.81
N ARG C 171 -2.08 12.92 35.85
CA ARG C 171 -2.81 13.23 34.63
C ARG C 171 -3.08 11.98 33.83
N VAL C 172 -2.09 11.09 33.72
CA VAL C 172 -2.37 9.83 33.02
C VAL C 172 -3.19 8.91 33.92
N GLY C 173 -3.01 9.00 35.24
CA GLY C 173 -3.76 8.15 36.15
C GLY C 173 -5.23 8.51 36.23
N ALA C 174 -5.55 9.79 36.04
CA ALA C 174 -6.96 10.15 35.95
C ALA C 174 -7.52 9.86 34.57
N ALA C 175 -6.70 10.00 33.53
CA ALA C 175 -7.25 9.83 32.18
C ALA C 175 -7.32 8.37 31.80
N ILE C 176 -6.61 7.49 32.51
CA ILE C 176 -6.95 6.06 32.42
C ILE C 176 -8.10 5.69 33.32
N SER C 177 -8.57 6.60 34.17
CA SER C 177 -9.69 6.29 35.05
C SER C 177 -11.00 6.75 34.40
N MET D 1 -3.28 16.56 -22.38
CA MET D 1 -4.07 17.73 -22.79
C MET D 1 -5.55 17.41 -22.68
N LYS D 2 -6.23 18.03 -21.72
CA LYS D 2 -7.62 17.73 -21.46
C LYS D 2 -8.52 18.38 -22.51
N SER D 3 -9.37 17.57 -23.11
CA SER D 3 -10.56 18.04 -23.81
C SER D 3 -11.78 17.40 -23.16
N VAL D 4 -12.94 17.59 -23.79
CA VAL D 4 -14.13 16.84 -23.43
C VAL D 4 -13.92 15.38 -23.81
N ILE D 5 -13.35 15.16 -24.99
CA ILE D 5 -13.23 13.83 -25.57
C ILE D 5 -12.17 13.03 -24.82
N THR D 6 -11.16 13.74 -24.32
CA THR D 6 -10.13 13.12 -23.49
C THR D 6 -10.69 12.67 -22.15
N THR D 7 -11.66 13.42 -21.62
CA THR D 7 -12.23 13.06 -20.34
C THR D 7 -13.09 11.82 -20.47
N VAL D 8 -13.76 11.65 -21.60
CA VAL D 8 -14.62 10.48 -21.68
C VAL D 8 -13.86 9.24 -22.13
N VAL D 9 -12.66 9.38 -22.73
CA VAL D 9 -11.90 8.15 -22.93
C VAL D 9 -11.26 7.74 -21.61
N SER D 10 -10.83 8.73 -20.80
CA SER D 10 -10.34 8.39 -19.47
C SER D 10 -11.47 7.98 -18.54
N ALA D 11 -12.70 8.40 -18.82
CA ALA D 11 -13.85 7.82 -18.13
C ALA D 11 -14.05 6.38 -18.55
N ALA D 12 -13.76 6.08 -19.82
CA ALA D 12 -13.83 4.69 -20.26
C ALA D 12 -12.59 3.91 -19.85
N ASP D 13 -11.55 4.61 -19.40
CA ASP D 13 -10.45 3.93 -18.71
C ASP D 13 -10.79 3.70 -17.25
N ALA D 14 -11.44 4.68 -16.62
CA ALA D 14 -11.83 4.54 -15.23
C ALA D 14 -12.93 3.51 -15.07
N ALA D 15 -13.80 3.39 -16.07
CA ALA D 15 -14.66 2.23 -16.15
C ALA D 15 -13.86 1.01 -16.56
N GLY D 16 -12.85 1.19 -17.41
CA GLY D 16 -12.23 0.06 -18.07
C GLY D 16 -13.16 -0.64 -19.02
N ARG D 17 -14.10 0.09 -19.61
CA ARG D 17 -15.25 -0.49 -20.29
C ARG D 17 -15.47 0.18 -21.63
N PHE D 18 -16.59 -0.17 -22.23
CA PHE D 18 -16.81 0.10 -23.64
C PHE D 18 -17.34 1.51 -23.86
N PRO D 19 -17.14 2.09 -25.05
CA PRO D 19 -17.80 3.36 -25.36
C PRO D 19 -19.29 3.20 -25.56
N SER D 20 -20.03 3.58 -24.56
CA SER D 20 -21.48 3.70 -24.69
C SER D 20 -21.81 5.14 -25.07
N ASN D 21 -23.06 5.52 -24.92
CA ASN D 21 -23.67 6.82 -25.10
C ASN D 21 -23.31 7.84 -24.03
N SER D 22 -22.38 7.55 -23.13
CA SER D 22 -21.64 8.61 -22.46
C SER D 22 -20.87 9.43 -23.49
N ASP D 23 -20.25 8.74 -24.44
CA ASP D 23 -19.55 9.39 -25.53
C ASP D 23 -20.50 10.04 -26.50
N LEU D 24 -21.47 9.27 -27.00
CA LEU D 24 -21.95 9.42 -28.37
C LEU D 24 -22.83 10.65 -28.60
N GLU D 25 -22.98 11.55 -27.66
CA GLU D 25 -23.61 12.81 -27.99
C GLU D 25 -22.82 14.02 -27.53
N SER D 26 -21.72 13.81 -26.80
CA SER D 26 -20.80 14.92 -26.51
C SER D 26 -20.12 15.43 -27.78
N ILE D 27 -19.92 14.55 -28.76
CA ILE D 27 -19.33 14.94 -30.03
C ILE D 27 -20.36 15.65 -30.89
N GLN D 28 -21.64 15.28 -30.76
CA GLN D 28 -22.68 15.88 -31.59
C GLN D 28 -22.96 17.30 -31.15
N GLY D 29 -22.75 17.59 -29.87
CA GLY D 29 -22.73 18.97 -29.44
C GLY D 29 -21.58 19.77 -30.04
N ASN D 30 -20.46 19.12 -30.33
CA ASN D 30 -19.39 19.82 -31.03
C ASN D 30 -19.71 19.99 -32.52
N ILE D 31 -20.58 19.15 -33.08
CA ILE D 31 -21.10 19.38 -34.42
C ILE D 31 -21.90 20.68 -34.46
N GLN D 32 -22.70 20.95 -33.42
CA GLN D 32 -23.32 22.28 -33.35
C GLN D 32 -22.31 23.34 -32.92
N ARG D 33 -21.72 23.18 -31.74
CA ARG D 33 -21.18 24.32 -31.04
C ARG D 33 -19.70 24.59 -31.30
N SER D 34 -18.92 23.58 -31.70
CA SER D 34 -17.57 23.91 -32.13
C SER D 34 -17.57 24.53 -33.51
N ALA D 35 -18.58 24.19 -34.33
CA ALA D 35 -18.84 24.96 -35.54
C ALA D 35 -19.27 26.38 -35.21
N ALA D 36 -19.97 26.55 -34.09
CA ALA D 36 -20.28 27.88 -33.58
C ALA D 36 -19.18 28.45 -32.70
N ARG D 37 -17.97 27.91 -32.74
CA ARG D 37 -16.89 28.40 -31.88
C ARG D 37 -15.76 29.06 -32.65
N LEU D 38 -15.39 28.46 -33.78
CA LEU D 38 -14.19 28.72 -34.55
C LEU D 38 -14.08 30.13 -35.13
N GLU D 39 -15.20 30.81 -35.30
CA GLU D 39 -15.24 32.03 -36.11
C GLU D 39 -14.64 33.23 -35.42
N ALA D 40 -14.48 33.17 -34.09
CA ALA D 40 -13.89 34.29 -33.38
C ALA D 40 -12.39 34.38 -33.63
N ALA D 41 -11.74 33.24 -33.83
CA ALA D 41 -10.29 33.11 -33.64
C ALA D 41 -9.48 33.78 -34.74
N GLU D 42 -10.12 34.13 -35.85
CA GLU D 42 -9.43 34.86 -36.90
C GLU D 42 -9.22 36.32 -36.54
N LYS D 43 -10.24 36.96 -35.94
CA LYS D 43 -9.94 38.29 -35.40
C LYS D 43 -9.21 38.23 -34.08
N LEU D 44 -9.26 37.09 -33.39
CA LEU D 44 -8.37 36.93 -32.24
C LEU D 44 -6.91 36.85 -32.68
N ALA D 45 -6.65 36.18 -33.80
CA ALA D 45 -5.35 36.35 -34.45
C ALA D 45 -5.22 37.70 -35.14
N GLY D 46 -6.32 38.31 -35.54
CA GLY D 46 -6.27 39.60 -36.20
C GLY D 46 -6.07 40.78 -35.27
N ASN D 47 -6.48 40.66 -34.01
CA ASN D 47 -6.30 41.73 -33.05
C ASN D 47 -5.12 41.50 -32.14
N HIS D 48 -4.37 40.39 -32.37
CA HIS D 48 -3.38 39.88 -31.41
C HIS D 48 -2.19 40.82 -31.25
N GLU D 49 -1.94 41.66 -32.23
CA GLU D 49 -0.90 42.66 -32.16
C GLU D 49 -1.38 43.95 -31.53
N ALA D 50 -2.68 44.08 -31.27
CA ALA D 50 -3.24 45.33 -30.79
C ALA D 50 -3.98 45.21 -29.48
N VAL D 51 -4.32 43.99 -29.06
CA VAL D 51 -4.94 43.84 -27.75
C VAL D 51 -3.90 43.98 -26.65
N VAL D 52 -2.63 43.78 -27.00
CA VAL D 52 -1.53 43.97 -26.06
C VAL D 52 -1.35 45.45 -25.71
N LYS D 53 -1.38 46.33 -26.71
CA LYS D 53 -1.16 47.75 -26.44
C LYS D 53 -2.36 48.41 -25.78
N GLU D 54 -3.56 47.82 -25.87
CA GLU D 54 -4.55 48.36 -24.96
C GLU D 54 -4.40 47.79 -23.56
N ALA D 55 -4.27 46.46 -23.41
CA ALA D 55 -4.42 45.85 -22.10
C ALA D 55 -3.19 46.06 -21.20
N GLY D 56 -1.99 45.84 -21.73
CA GLY D 56 -0.79 46.00 -20.91
C GLY D 56 -0.49 47.45 -20.60
N ASP D 57 -0.87 48.35 -21.50
CA ASP D 57 -0.66 49.76 -21.22
C ASP D 57 -1.76 50.31 -20.33
N ALA D 58 -2.94 49.67 -20.32
CA ALA D 58 -3.90 49.98 -19.27
C ALA D 58 -3.48 49.42 -17.93
N CYS D 59 -2.65 48.38 -17.92
CA CYS D 59 -2.08 47.95 -16.66
C CYS D 59 -0.92 48.84 -16.25
N PHE D 60 -0.26 49.47 -17.22
CA PHE D 60 0.63 50.58 -16.89
C PHE D 60 -0.15 51.79 -16.40
N ALA D 61 -1.37 51.98 -16.92
CA ALA D 61 -2.26 52.98 -16.34
C ALA D 61 -2.73 52.55 -14.97
N LYS D 62 -2.83 51.25 -14.73
CA LYS D 62 -3.06 50.75 -13.40
C LYS D 62 -1.83 50.86 -12.54
N TYR D 63 -0.68 50.38 -13.02
CA TYR D 63 0.54 50.23 -12.21
C TYR D 63 1.66 50.96 -12.92
N ALA D 64 1.98 52.16 -12.44
CA ALA D 64 2.97 53.01 -13.09
C ALA D 64 4.16 53.35 -12.21
N TYR D 65 4.29 52.72 -11.05
CA TYR D 65 5.30 53.01 -10.03
C TYR D 65 6.66 52.38 -10.31
N LEU D 66 6.82 51.77 -11.48
CA LEU D 66 7.83 50.73 -11.67
C LEU D 66 9.23 51.26 -11.93
N LYS D 67 9.47 52.57 -11.79
CA LYS D 67 10.79 53.14 -12.05
C LYS D 67 11.86 52.66 -11.09
N ASN D 68 11.49 52.29 -9.87
CA ASN D 68 12.50 52.01 -8.85
C ASN D 68 13.06 50.60 -9.02
N PRO D 69 14.38 50.42 -8.89
CA PRO D 69 14.96 49.08 -9.01
C PRO D 69 14.68 48.24 -7.77
N GLY D 70 14.71 46.93 -7.97
CA GLY D 70 14.16 46.01 -7.01
C GLY D 70 12.70 45.70 -7.25
N GLU D 71 12.09 46.36 -8.24
CA GLU D 71 10.73 46.14 -8.69
C GLU D 71 10.78 45.61 -10.12
N ALA D 72 9.61 45.45 -10.73
CA ALA D 72 9.51 44.63 -11.93
C ALA D 72 9.81 45.39 -13.22
N GLY D 73 9.26 46.59 -13.38
CA GLY D 73 9.40 47.29 -14.64
C GLY D 73 10.46 48.38 -14.61
N GLU D 74 11.62 48.07 -14.04
CA GLU D 74 12.64 49.10 -13.86
C GLU D 74 13.40 49.43 -15.15
N ASN D 75 13.21 48.65 -16.20
CA ASN D 75 13.73 49.00 -17.52
C ASN D 75 12.70 48.63 -18.57
N GLN D 76 12.89 49.15 -19.77
CA GLN D 76 11.91 48.98 -20.85
C GLN D 76 11.99 47.59 -21.47
N GLU D 77 13.10 46.88 -21.24
CA GLU D 77 13.20 45.49 -21.69
C GLU D 77 12.27 44.61 -20.88
N LYS D 78 12.05 44.96 -19.61
CA LYS D 78 11.01 44.30 -18.84
C LYS D 78 9.63 44.61 -19.39
N ILE D 79 9.47 45.79 -19.98
CA ILE D 79 8.16 46.18 -20.49
C ILE D 79 7.87 45.49 -21.81
N ASN D 80 8.90 45.29 -22.65
CA ASN D 80 8.59 44.57 -23.88
C ASN D 80 8.58 43.07 -23.66
N LYS D 81 9.14 42.56 -22.55
CA LYS D 81 8.80 41.18 -22.27
C LYS D 81 7.50 41.03 -21.49
N CYS D 82 6.93 42.11 -20.93
CA CYS D 82 5.52 42.07 -20.56
C CYS D 82 4.66 41.87 -21.78
N TYR D 83 5.02 42.55 -22.88
CA TYR D 83 4.32 42.41 -24.14
C TYR D 83 4.46 40.98 -24.66
N ARG D 84 5.66 40.41 -24.51
CA ARG D 84 5.91 39.02 -24.87
C ARG D 84 5.15 38.05 -23.96
N ASP D 85 4.92 38.44 -22.70
CA ASP D 85 4.15 37.61 -21.78
C ASP D 85 2.68 37.53 -22.20
N VAL D 86 2.06 38.69 -22.38
CA VAL D 86 0.64 38.67 -22.69
C VAL D 86 0.37 38.25 -24.12
N ASP D 87 1.37 38.29 -25.02
CA ASP D 87 1.30 37.67 -26.35
C ASP D 87 0.89 36.21 -26.28
N HIS D 88 1.60 35.46 -25.46
CA HIS D 88 1.27 34.07 -25.26
C HIS D 88 0.05 33.88 -24.38
N TYR D 89 -0.36 34.90 -23.62
CA TYR D 89 -1.63 34.82 -22.89
C TYR D 89 -2.83 34.74 -23.84
N MET D 90 -2.98 35.70 -24.78
CA MET D 90 -4.13 35.47 -25.68
C MET D 90 -3.84 34.41 -26.73
N ARG D 91 -2.58 34.01 -26.91
CA ARG D 91 -2.35 32.87 -27.77
C ARG D 91 -2.82 31.59 -27.10
N LEU D 92 -2.68 31.51 -25.77
CA LEU D 92 -3.19 30.32 -25.12
C LEU D 92 -4.71 30.34 -25.02
N VAL D 93 -5.34 31.52 -24.90
CA VAL D 93 -6.80 31.51 -24.93
C VAL D 93 -7.34 31.26 -26.35
N ASN D 94 -6.54 31.53 -27.38
CA ASN D 94 -6.83 30.97 -28.70
C ASN D 94 -6.75 29.46 -28.69
N TYR D 95 -5.86 28.90 -27.90
CA TYR D 95 -5.71 27.44 -27.93
C TYR D 95 -6.83 26.76 -27.14
N CYS D 96 -7.19 27.29 -25.97
CA CYS D 96 -8.26 26.63 -25.23
C CYS D 96 -9.63 27.01 -25.74
N LEU D 97 -9.72 27.99 -26.64
CA LEU D 97 -10.89 28.07 -27.49
C LEU D 97 -11.03 26.82 -28.32
N VAL D 98 -10.03 26.53 -29.16
CA VAL D 98 -10.23 25.56 -30.22
C VAL D 98 -10.12 24.12 -29.74
N VAL D 99 -9.67 23.87 -28.51
CA VAL D 99 -9.87 22.52 -28.01
C VAL D 99 -11.19 22.41 -27.26
N GLY D 100 -11.63 23.46 -26.58
CA GLY D 100 -12.81 23.36 -25.72
C GLY D 100 -12.51 23.01 -24.27
N GLY D 101 -11.75 21.94 -24.04
CA GLY D 101 -11.38 21.54 -22.70
C GLY D 101 -10.32 22.46 -22.09
N THR D 102 -10.10 22.30 -20.80
CA THR D 102 -9.26 23.23 -20.06
C THR D 102 -7.83 22.75 -19.93
N GLY D 103 -7.41 21.78 -20.74
CA GLY D 103 -6.05 21.28 -20.77
C GLY D 103 -4.96 22.30 -21.04
N PRO D 104 -5.06 23.06 -22.14
CA PRO D 104 -4.16 24.20 -22.32
C PRO D 104 -4.36 25.32 -21.33
N LEU D 105 -5.51 25.42 -20.66
CA LEU D 105 -5.47 26.23 -19.45
C LEU D 105 -4.66 25.53 -18.37
N ASP D 106 -5.03 24.29 -18.01
CA ASP D 106 -4.55 23.67 -16.77
C ASP D 106 -3.06 23.38 -16.80
N GLU D 107 -2.62 22.51 -17.71
CA GLU D 107 -1.23 22.11 -17.70
C GLU D 107 -0.32 23.17 -18.31
N TRP D 108 -0.89 24.14 -19.01
CA TRP D 108 -0.07 25.08 -19.75
C TRP D 108 -0.24 26.52 -19.32
N GLY D 109 -1.15 26.83 -18.40
CA GLY D 109 -1.15 28.14 -17.77
C GLY D 109 -1.29 28.08 -16.27
N ILE D 110 -1.84 26.99 -15.75
CA ILE D 110 -2.21 26.89 -14.34
C ILE D 110 -1.24 26.00 -13.60
N ALA D 111 -0.69 25.01 -14.29
CA ALA D 111 0.44 24.24 -13.78
C ALA D 111 1.63 25.19 -13.74
N GLY D 112 1.97 25.66 -12.55
CA GLY D 112 2.88 26.78 -12.45
C GLY D 112 2.12 28.08 -12.55
N ALA D 113 1.21 28.33 -11.61
CA ALA D 113 0.57 29.64 -11.51
C ALA D 113 0.76 30.24 -10.12
N ARG D 114 0.52 29.47 -9.07
CA ARG D 114 0.34 30.02 -7.72
C ARG D 114 1.62 30.46 -7.05
N GLU D 115 2.77 30.11 -7.61
CA GLU D 115 4.04 30.26 -6.91
C GLU D 115 5.12 30.84 -7.80
N VAL D 116 4.88 30.90 -9.10
CA VAL D 116 5.96 31.09 -10.05
C VAL D 116 6.42 32.54 -10.06
N TYR D 117 5.48 33.47 -10.16
CA TYR D 117 5.77 34.89 -10.13
C TYR D 117 5.74 35.40 -8.71
N ARG D 118 5.28 34.57 -7.78
CA ARG D 118 5.55 34.78 -6.37
C ARG D 118 7.04 34.73 -6.11
N THR D 119 7.70 33.64 -6.54
CA THR D 119 9.14 33.57 -6.45
C THR D 119 9.85 34.46 -7.46
N LEU D 120 9.20 34.77 -8.57
CA LEU D 120 9.80 35.70 -9.52
C LEU D 120 9.42 37.14 -9.21
N ASN D 121 8.72 37.35 -8.08
CA ASN D 121 8.42 38.66 -7.49
C ASN D 121 7.55 39.51 -8.39
N LEU D 122 6.58 38.87 -9.06
CA LEU D 122 5.69 39.67 -9.89
C LEU D 122 4.25 39.44 -9.46
N PRO D 123 3.45 40.49 -9.40
CA PRO D 123 2.05 40.32 -9.01
C PRO D 123 1.19 39.80 -10.16
N THR D 124 0.25 38.94 -9.82
CA THR D 124 -0.77 38.53 -10.79
C THR D 124 -1.96 39.48 -10.82
N SER D 125 -1.92 40.55 -10.02
CA SER D 125 -3.00 41.52 -10.02
C SER D 125 -3.08 42.28 -11.34
N ALA D 126 -1.95 42.54 -11.98
CA ALA D 126 -1.99 43.10 -13.32
C ALA D 126 -2.37 42.03 -14.33
N TYR D 127 -1.94 40.80 -14.08
CA TYR D 127 -2.33 39.65 -14.91
C TYR D 127 -3.82 39.40 -14.87
N VAL D 128 -4.50 39.78 -13.79
CA VAL D 128 -5.95 39.71 -13.83
C VAL D 128 -6.57 41.03 -14.26
N ALA D 129 -5.88 42.17 -14.13
CA ALA D 129 -6.52 43.46 -14.42
C ALA D 129 -6.61 43.74 -15.91
N SER D 130 -5.61 43.29 -16.69
CA SER D 130 -5.66 43.46 -18.14
C SER D 130 -6.78 42.63 -18.74
N ILE D 131 -6.99 41.44 -18.18
CA ILE D 131 -8.07 40.60 -18.65
C ILE D 131 -9.39 41.08 -18.05
N ALA D 132 -9.32 41.81 -16.93
CA ALA D 132 -10.50 42.49 -16.39
C ALA D 132 -10.92 43.69 -17.23
N TYR D 133 -10.00 44.26 -18.01
CA TYR D 133 -10.43 45.15 -19.08
C TYR D 133 -11.19 44.36 -20.14
N THR D 134 -10.68 43.18 -20.50
CA THR D 134 -11.34 42.41 -21.55
C THR D 134 -12.51 41.55 -21.05
N ARG D 135 -13.13 41.89 -19.91
CA ARG D 135 -14.35 41.24 -19.44
C ARG D 135 -15.51 41.44 -20.38
N ASP D 136 -16.08 42.62 -20.38
CA ASP D 136 -17.20 42.95 -21.23
C ASP D 136 -16.73 43.64 -22.48
N ARG D 137 -15.41 43.78 -22.66
CA ARG D 137 -14.87 44.31 -23.89
C ARG D 137 -15.01 43.24 -24.98
N LEU D 138 -16.17 43.25 -25.61
CA LEU D 138 -16.71 42.36 -26.63
C LEU D 138 -18.03 42.96 -27.08
N CYS D 139 -18.49 42.61 -28.27
CA CYS D 139 -19.75 43.14 -28.76
C CYS D 139 -20.54 42.05 -29.50
N VAL D 140 -21.48 41.44 -28.79
CA VAL D 140 -22.30 40.33 -29.27
C VAL D 140 -23.27 40.57 -30.43
N PRO D 141 -23.69 41.81 -30.83
CA PRO D 141 -24.28 41.92 -32.18
C PRO D 141 -23.26 42.32 -33.24
N ARG D 142 -22.10 42.79 -32.80
CA ARG D 142 -21.25 43.72 -33.52
C ARG D 142 -19.84 43.21 -33.73
N ASP D 143 -19.17 42.66 -32.71
CA ASP D 143 -17.87 42.04 -32.93
C ASP D 143 -18.06 40.67 -33.57
N MET D 144 -18.70 39.77 -32.82
CA MET D 144 -19.13 38.47 -33.31
C MET D 144 -20.52 38.21 -32.74
N SER D 145 -20.95 36.95 -32.81
CA SER D 145 -22.31 36.59 -32.42
C SER D 145 -22.44 36.53 -30.89
N ALA D 146 -23.68 36.37 -30.45
CA ALA D 146 -23.99 36.15 -29.05
C ALA D 146 -23.94 34.68 -28.66
N GLN D 147 -23.47 33.81 -29.55
CA GLN D 147 -23.46 32.38 -29.32
C GLN D 147 -22.09 31.85 -28.91
N ALA D 148 -21.04 32.65 -29.01
CA ALA D 148 -19.72 32.23 -28.56
C ALA D 148 -18.95 33.27 -27.78
N GLY D 149 -19.40 34.52 -27.76
CA GLY D 149 -18.64 35.55 -27.07
C GLY D 149 -18.77 35.45 -25.57
N VAL D 150 -19.91 34.96 -25.08
CA VAL D 150 -20.09 34.77 -23.65
C VAL D 150 -19.31 33.53 -23.21
N GLU D 151 -19.11 32.60 -24.14
CA GLU D 151 -18.30 31.43 -23.86
C GLU D 151 -16.83 31.80 -23.91
N PHE D 152 -16.47 32.69 -24.83
CA PHE D 152 -15.14 33.28 -24.87
C PHE D 152 -14.85 34.06 -23.60
N SER D 153 -15.86 34.77 -23.11
CA SER D 153 -15.79 35.42 -21.80
C SER D 153 -15.63 34.39 -20.69
N ALA D 154 -16.32 33.24 -20.82
CA ALA D 154 -16.25 32.19 -19.82
C ALA D 154 -14.89 31.49 -19.83
N TYR D 155 -14.26 31.44 -21.00
CA TYR D 155 -12.91 30.89 -21.17
C TYR D 155 -11.91 31.69 -20.37
N LEU D 156 -11.80 32.98 -20.66
CA LEU D 156 -10.77 33.76 -20.02
C LEU D 156 -11.18 34.29 -18.65
N ASP D 157 -12.39 33.98 -18.15
CA ASP D 157 -12.68 34.25 -16.76
C ASP D 157 -12.56 33.05 -15.85
N TYR D 158 -12.71 31.83 -16.41
CA TYR D 158 -12.22 30.65 -15.71
C TYR D 158 -10.72 30.70 -15.53
N LEU D 159 -10.02 31.28 -16.51
CA LEU D 159 -8.62 31.65 -16.37
C LEU D 159 -8.35 32.56 -15.18
N ILE D 160 -9.23 33.52 -14.90
CA ILE D 160 -8.94 34.47 -13.84
C ILE D 160 -9.35 33.89 -12.50
N ASN D 161 -10.43 33.10 -12.48
CA ASN D 161 -10.83 32.34 -11.31
C ASN D 161 -9.79 31.31 -10.93
N ALA D 162 -9.10 30.76 -11.94
CA ALA D 162 -7.92 29.97 -11.69
C ALA D 162 -6.76 30.84 -11.21
N LEU D 163 -6.60 32.02 -11.79
CA LEU D 163 -5.57 32.94 -11.31
C LEU D 163 -5.89 33.54 -9.97
N SER D 164 -7.16 33.63 -9.62
CA SER D 164 -7.54 34.00 -8.28
C SER D 164 -8.02 32.76 -7.55
N MET E 1 -4.94 11.92 -23.24
CA MET E 1 -3.90 11.63 -24.21
C MET E 1 -3.94 12.63 -25.35
N LEU E 2 -4.18 12.19 -26.58
CA LEU E 2 -4.17 13.12 -27.70
C LEU E 2 -5.28 12.75 -28.69
N ASP E 3 -5.55 13.70 -29.59
CA ASP E 3 -6.68 13.63 -30.52
C ASP E 3 -6.27 14.30 -31.82
N ALA E 4 -7.12 14.13 -32.84
CA ALA E 4 -7.01 14.91 -34.07
C ALA E 4 -7.26 16.39 -33.81
N PHE E 5 -8.09 16.71 -32.83
CA PHE E 5 -8.23 18.08 -32.34
C PHE E 5 -7.04 18.53 -31.50
N SER E 6 -6.13 17.63 -31.14
CA SER E 6 -4.97 17.99 -30.35
C SER E 6 -3.69 18.04 -31.15
N ARG E 7 -3.48 17.16 -32.13
CA ARG E 7 -2.23 17.23 -32.89
C ARG E 7 -2.22 18.40 -33.87
N VAL E 8 -3.38 18.98 -34.18
CA VAL E 8 -3.39 20.28 -34.81
C VAL E 8 -2.90 21.38 -33.86
N VAL E 9 -2.92 21.15 -32.55
CA VAL E 9 -2.35 22.14 -31.65
C VAL E 9 -0.86 21.89 -31.47
N VAL E 10 -0.43 20.61 -31.50
CA VAL E 10 0.96 20.32 -31.19
C VAL E 10 1.88 20.71 -32.33
N ASN E 11 1.39 20.74 -33.57
CA ASN E 11 2.24 21.30 -34.61
C ASN E 11 2.09 22.81 -34.72
N SER E 12 0.99 23.37 -34.20
CA SER E 12 0.80 24.82 -34.21
C SER E 12 1.75 25.50 -33.25
N ASP E 13 1.84 24.99 -32.03
CA ASP E 13 2.78 25.51 -31.06
C ASP E 13 4.20 24.98 -31.28
N ALA E 14 4.39 24.00 -32.16
CA ALA E 14 5.73 23.73 -32.67
C ALA E 14 6.23 24.83 -33.59
N LYS E 15 5.32 25.60 -34.20
CA LYS E 15 5.69 26.73 -35.02
C LYS E 15 5.45 28.05 -34.32
N ALA E 16 4.83 28.02 -33.12
CA ALA E 16 4.09 29.13 -32.49
C ALA E 16 3.11 29.77 -33.47
N ALA E 17 2.40 28.96 -34.23
CA ALA E 17 1.52 29.48 -35.27
C ALA E 17 0.08 29.48 -34.75
N TYR E 18 -0.84 29.91 -35.61
CA TYR E 18 -2.24 29.88 -35.21
C TYR E 18 -2.77 28.48 -35.43
N VAL E 19 -3.84 28.17 -34.73
CA VAL E 19 -4.81 27.21 -35.24
C VAL E 19 -6.04 28.02 -35.59
N GLY E 20 -6.59 27.76 -36.77
CA GLY E 20 -7.56 28.66 -37.35
C GLY E 20 -7.83 28.29 -38.78
N GLY E 21 -8.00 29.32 -39.61
CA GLY E 21 -8.42 29.08 -40.98
C GLY E 21 -7.36 28.69 -41.98
N SER E 22 -6.51 27.72 -41.61
CA SER E 22 -5.62 27.05 -42.54
C SER E 22 -5.84 25.55 -42.55
N ASP E 23 -6.02 24.92 -41.40
CA ASP E 23 -6.46 23.54 -41.36
C ASP E 23 -7.96 23.41 -41.20
N LEU E 24 -8.69 24.54 -41.18
CA LEU E 24 -10.10 24.56 -40.80
C LEU E 24 -11.00 23.81 -41.77
N GLN E 25 -10.60 23.75 -43.04
CA GLN E 25 -11.40 23.00 -44.01
C GLN E 25 -11.37 21.50 -43.72
N ALA E 26 -10.27 20.99 -43.18
CA ALA E 26 -10.26 19.63 -42.67
C ALA E 26 -11.03 19.52 -41.37
N LEU E 27 -11.13 20.61 -40.61
CA LEU E 27 -11.77 20.56 -39.29
C LEU E 27 -13.28 20.50 -39.39
N LYS E 28 -13.91 21.36 -40.19
CA LYS E 28 -15.36 21.29 -40.34
C LYS E 28 -15.76 20.07 -41.14
N SER E 29 -14.94 19.67 -42.10
CA SER E 29 -15.20 18.41 -42.78
C SER E 29 -14.75 17.21 -41.98
N PHE E 30 -14.07 17.38 -40.85
CA PHE E 30 -14.02 16.28 -39.90
C PHE E 30 -15.38 16.10 -39.27
N ILE E 31 -15.95 17.14 -38.67
CA ILE E 31 -17.20 17.01 -37.94
C ILE E 31 -18.42 16.96 -38.86
N ALA E 32 -18.27 17.15 -40.17
CA ALA E 32 -19.39 16.95 -41.07
C ALA E 32 -19.77 15.48 -41.17
N ASP E 33 -18.78 14.60 -41.07
CA ASP E 33 -19.00 13.16 -41.09
C ASP E 33 -18.81 12.53 -39.72
N GLY E 34 -19.15 13.27 -38.66
CA GLY E 34 -19.10 12.69 -37.34
C GLY E 34 -20.21 11.68 -37.11
N ASN E 35 -21.40 11.98 -37.64
CA ASN E 35 -22.50 11.02 -37.65
C ASN E 35 -22.18 9.82 -38.53
N LYS E 36 -21.36 10.03 -39.56
CA LYS E 36 -20.87 8.92 -40.37
C LYS E 36 -19.92 8.04 -39.58
N ARG E 37 -19.11 8.64 -38.70
CA ARG E 37 -18.27 7.83 -37.83
C ARG E 37 -19.10 7.09 -36.79
N LEU E 38 -20.20 7.70 -36.37
CA LEU E 38 -21.09 7.04 -35.41
C LEU E 38 -21.86 5.92 -36.08
N ASP E 39 -22.24 6.14 -37.35
CA ASP E 39 -22.78 5.10 -38.21
C ASP E 39 -21.79 3.96 -38.44
N ALA E 40 -20.48 4.25 -38.38
CA ALA E 40 -19.51 3.18 -38.45
C ALA E 40 -19.37 2.45 -37.12
N VAL E 41 -19.25 3.18 -36.01
CA VAL E 41 -18.72 2.55 -34.81
C VAL E 41 -19.77 1.76 -34.04
N ASN E 42 -21.06 2.03 -34.26
CA ASN E 42 -22.03 1.14 -33.63
C ASN E 42 -22.16 -0.18 -34.35
N SER E 43 -21.74 -0.26 -35.62
CA SER E 43 -21.58 -1.55 -36.25
C SER E 43 -20.39 -2.31 -35.67
N ILE E 44 -19.39 -1.60 -35.18
CA ILE E 44 -18.23 -2.26 -34.60
C ILE E 44 -18.55 -2.84 -33.21
N VAL E 45 -19.38 -2.16 -32.42
CA VAL E 45 -19.73 -2.68 -31.12
C VAL E 45 -20.81 -3.74 -31.18
N SER E 46 -21.37 -4.01 -32.36
CA SER E 46 -22.48 -4.95 -32.50
C SER E 46 -22.02 -6.40 -32.36
N ASN E 47 -20.89 -6.75 -32.96
CA ASN E 47 -20.49 -8.14 -33.01
C ASN E 47 -19.04 -8.31 -32.61
N ALA E 48 -18.68 -7.68 -31.50
CA ALA E 48 -17.30 -7.70 -31.04
C ALA E 48 -16.89 -9.06 -30.53
N SER E 49 -17.80 -9.76 -29.86
CA SER E 49 -17.52 -11.13 -29.50
C SER E 49 -17.55 -12.03 -30.72
N CYS E 50 -18.38 -11.69 -31.71
CA CYS E 50 -18.29 -12.40 -32.99
C CYS E 50 -17.05 -12.01 -33.76
N MET E 51 -16.53 -10.80 -33.55
CA MET E 51 -15.30 -10.38 -34.20
C MET E 51 -14.12 -11.20 -33.69
N VAL E 52 -14.00 -11.29 -32.37
CA VAL E 52 -12.89 -12.03 -31.80
C VAL E 52 -13.10 -13.54 -31.94
N SER E 53 -14.35 -14.01 -32.05
CA SER E 53 -14.57 -15.43 -32.28
C SER E 53 -14.22 -15.81 -33.71
N ASP E 54 -14.54 -14.93 -34.66
CA ASP E 54 -14.13 -15.15 -36.05
C ASP E 54 -12.63 -15.12 -36.21
N ALA E 55 -11.97 -14.22 -35.46
CA ALA E 55 -10.52 -14.07 -35.55
C ALA E 55 -9.81 -15.30 -35.01
N VAL E 56 -10.23 -15.79 -33.84
CA VAL E 56 -9.53 -16.93 -33.27
C VAL E 56 -9.89 -18.23 -33.99
N SER E 57 -11.12 -18.34 -34.53
CA SER E 57 -11.50 -19.58 -35.20
C SER E 57 -10.85 -19.69 -36.57
N GLY E 58 -10.68 -18.56 -37.29
CA GLY E 58 -9.90 -18.58 -38.50
C GLY E 58 -8.42 -18.82 -38.24
N MET E 59 -7.93 -18.40 -37.06
CA MET E 59 -6.55 -18.71 -36.70
C MET E 59 -6.35 -20.20 -36.44
N ILE E 60 -7.38 -20.92 -36.00
CA ILE E 60 -7.21 -22.37 -35.99
C ILE E 60 -7.55 -22.97 -37.35
N CYS E 61 -8.19 -22.20 -38.25
CA CYS E 61 -8.54 -22.76 -39.56
C CYS E 61 -7.31 -22.98 -40.44
N GLU E 62 -6.60 -21.91 -40.80
CA GLU E 62 -5.34 -22.16 -41.50
C GLU E 62 -4.10 -21.99 -40.62
N ASN E 63 -4.24 -22.15 -39.30
CA ASN E 63 -3.04 -22.59 -38.59
C ASN E 63 -3.37 -23.63 -37.53
N PRO E 64 -2.90 -24.87 -37.67
CA PRO E 64 -2.94 -25.79 -36.53
C PRO E 64 -1.68 -25.76 -35.68
N GLY E 65 -0.78 -24.82 -35.94
CA GLY E 65 0.51 -24.82 -35.28
C GLY E 65 0.46 -24.33 -33.84
N LEU E 66 -0.50 -23.47 -33.52
CA LEU E 66 -0.65 -23.04 -32.13
C LEU E 66 -1.26 -24.15 -31.29
N ILE E 67 -2.26 -24.85 -31.85
CA ILE E 67 -3.01 -25.88 -31.13
C ILE E 67 -2.29 -27.23 -31.15
N SER E 68 -1.08 -27.27 -31.71
CA SER E 68 -0.19 -28.41 -31.54
C SER E 68 0.13 -28.60 -30.06
N PRO E 69 0.10 -29.84 -29.55
CA PRO E 69 0.36 -30.07 -28.13
C PRO E 69 1.83 -29.85 -27.80
N GLY E 70 2.05 -29.08 -26.75
CA GLY E 70 3.38 -28.55 -26.53
C GLY E 70 3.73 -27.41 -27.45
N GLY E 71 2.73 -26.77 -28.05
CA GLY E 71 2.97 -25.62 -28.91
C GLY E 71 2.89 -24.34 -28.12
N CYS E 73 0.32 -21.66 -28.22
CA CYS E 73 -1.02 -21.36 -27.75
C CYS E 73 -1.94 -22.54 -27.97
N TYR E 74 -1.84 -23.54 -27.09
CA TYR E 74 -2.67 -24.72 -27.17
C TYR E 74 -3.44 -24.98 -25.88
N THR E 75 -3.42 -24.07 -24.93
CA THR E 75 -4.13 -24.21 -23.68
C THR E 75 -5.26 -23.18 -23.63
N ASN E 76 -6.32 -23.54 -22.92
CA ASN E 76 -7.48 -22.67 -22.74
C ASN E 76 -7.15 -21.46 -21.89
N ARG E 77 -6.14 -21.55 -21.03
CA ARG E 77 -5.56 -20.37 -20.41
C ARG E 77 -4.93 -19.44 -21.45
N ARG E 78 -4.41 -20.00 -22.54
CA ARG E 78 -3.81 -19.16 -23.56
C ARG E 78 -4.82 -18.77 -24.62
N MET E 79 -5.91 -19.54 -24.74
CA MET E 79 -6.99 -19.04 -25.57
C MET E 79 -7.78 -17.97 -24.83
N ALA E 80 -7.78 -18.02 -23.49
CA ALA E 80 -8.29 -16.90 -22.71
C ALA E 80 -7.32 -15.72 -22.79
N ALA E 81 -6.03 -16.02 -22.99
CA ALA E 81 -5.08 -14.95 -23.23
C ALA E 81 -5.35 -14.24 -24.55
N CYS E 82 -5.45 -14.93 -25.68
CA CYS E 82 -5.85 -14.22 -26.90
C CYS E 82 -7.36 -14.03 -27.04
N LEU E 83 -8.13 -14.41 -26.03
CA LEU E 83 -9.38 -13.70 -25.83
C LEU E 83 -9.10 -12.25 -25.49
N ARG E 84 -8.41 -12.02 -24.36
CA ARG E 84 -7.94 -10.69 -23.94
C ARG E 84 -7.09 -10.01 -25.00
N ASP E 85 -6.00 -10.68 -25.42
CA ASP E 85 -4.99 -10.18 -26.37
C ASP E 85 -5.57 -9.91 -27.75
N GLY E 86 -6.79 -10.32 -28.05
CA GLY E 86 -7.54 -9.75 -29.15
C GLY E 86 -8.50 -8.65 -28.76
N GLU E 87 -9.24 -8.83 -27.65
CA GLU E 87 -10.40 -7.98 -27.41
C GLU E 87 -10.00 -6.60 -26.93
N ILE E 88 -8.90 -6.52 -26.19
CA ILE E 88 -8.57 -5.22 -25.60
C ILE E 88 -7.91 -4.36 -26.66
N ILE E 89 -7.29 -4.97 -27.68
CA ILE E 89 -6.83 -4.12 -28.77
C ILE E 89 -7.96 -3.80 -29.71
N LEU E 90 -9.02 -4.61 -29.71
CA LEU E 90 -10.22 -4.21 -30.45
C LEU E 90 -10.89 -3.01 -29.79
N ARG E 91 -10.89 -3.01 -28.45
CA ARG E 91 -11.24 -1.84 -27.66
C ARG E 91 -10.34 -0.66 -28.01
N TYR E 92 -9.03 -0.90 -28.15
CA TYR E 92 -8.11 0.20 -28.44
C TYR E 92 -8.21 0.73 -29.86
N VAL E 93 -8.52 -0.11 -30.84
CA VAL E 93 -8.69 0.44 -32.18
C VAL E 93 -10.06 1.09 -32.30
N SER E 94 -11.02 0.71 -31.45
CA SER E 94 -12.23 1.49 -31.33
C SER E 94 -11.94 2.84 -30.69
N TYR E 95 -10.94 2.90 -29.81
CA TYR E 95 -10.58 4.17 -29.19
C TYR E 95 -9.87 5.09 -30.16
N ALA E 96 -9.03 4.50 -31.01
CA ALA E 96 -8.39 5.28 -32.07
C ALA E 96 -9.39 5.76 -33.09
N LEU E 97 -10.44 4.98 -33.32
CA LEU E 97 -11.43 5.41 -34.30
C LEU E 97 -12.35 6.47 -33.74
N LEU E 98 -12.65 6.41 -32.44
CA LEU E 98 -13.47 7.47 -31.88
C LEU E 98 -12.68 8.75 -31.65
N ALA E 99 -11.38 8.64 -31.39
CA ALA E 99 -10.57 9.84 -31.29
C ALA E 99 -10.30 10.44 -32.65
N GLY E 100 -10.34 9.62 -33.70
CA GLY E 100 -9.85 10.05 -34.98
C GLY E 100 -8.35 10.26 -35.01
N ASP E 101 -7.60 9.55 -34.18
CA ASP E 101 -6.18 9.78 -34.05
C ASP E 101 -5.52 8.50 -33.56
N ALA E 102 -4.33 8.25 -34.07
CA ALA E 102 -3.54 7.09 -33.70
C ALA E 102 -2.62 7.33 -32.51
N SER E 103 -3.06 8.10 -31.51
CA SER E 103 -2.17 8.42 -30.40
C SER E 103 -2.45 7.58 -29.18
N VAL E 104 -3.27 6.55 -29.30
CA VAL E 104 -3.77 5.82 -28.14
C VAL E 104 -3.45 4.34 -28.22
N LEU E 105 -2.40 3.96 -28.94
CA LEU E 105 -2.04 2.55 -29.01
C LEU E 105 -0.63 2.26 -28.49
N GLU E 106 0.38 2.94 -29.03
CA GLU E 106 1.77 2.59 -28.76
C GLU E 106 2.20 3.13 -27.41
N ASP E 107 1.62 4.24 -26.99
CA ASP E 107 1.73 4.71 -25.62
C ASP E 107 0.88 3.90 -24.66
N ARG E 108 -0.18 3.30 -25.18
CA ARG E 108 -1.20 2.74 -24.31
C ARG E 108 -1.05 1.24 -24.17
N CYS E 109 -1.03 0.52 -25.29
CA CYS E 109 -0.98 -0.92 -25.16
C CYS E 109 0.29 -1.48 -25.77
N LEU E 110 0.94 -0.74 -26.65
CA LEU E 110 2.21 -1.25 -27.17
C LEU E 110 3.41 -0.54 -26.55
N ASN E 111 3.40 -0.36 -25.24
CA ASN E 111 4.57 0.13 -24.53
C ASN E 111 5.58 -1.01 -24.44
N GLY E 112 6.34 -1.23 -25.51
CA GLY E 112 7.24 -2.37 -25.56
C GLY E 112 6.51 -3.70 -25.65
N LEU E 113 5.56 -3.82 -26.59
CA LEU E 113 4.63 -4.95 -26.63
C LEU E 113 5.32 -6.24 -26.98
N LYS E 114 5.90 -6.30 -28.19
CA LYS E 114 6.42 -7.53 -28.74
C LYS E 114 7.68 -8.01 -28.04
N GLU E 115 8.39 -7.11 -27.35
CA GLU E 115 9.54 -7.52 -26.55
C GLU E 115 9.08 -8.35 -25.37
N THR E 116 7.97 -7.94 -24.77
CA THR E 116 7.36 -8.74 -23.72
C THR E 116 6.73 -10.01 -24.27
N TYR E 117 6.28 -9.98 -25.52
CA TYR E 117 5.69 -11.19 -26.07
C TYR E 117 6.75 -12.19 -26.49
N ILE E 118 7.91 -11.71 -26.91
CA ILE E 118 9.06 -12.59 -27.12
C ILE E 118 9.59 -13.11 -25.79
N ALA E 119 9.48 -12.30 -24.74
CA ALA E 119 9.74 -12.79 -23.38
C ALA E 119 8.69 -13.81 -22.95
N LEU E 120 7.47 -13.69 -23.47
CA LEU E 120 6.49 -14.74 -23.33
C LEU E 120 6.65 -15.82 -24.39
N GLY E 121 7.42 -15.53 -25.43
CA GLY E 121 7.67 -16.52 -26.47
C GLY E 121 6.61 -16.59 -27.54
N VAL E 122 5.87 -15.50 -27.75
CA VAL E 122 4.78 -15.50 -28.72
C VAL E 122 5.35 -15.38 -30.13
N PRO E 123 5.01 -16.30 -31.03
CA PRO E 123 5.50 -16.22 -32.40
C PRO E 123 4.76 -15.14 -33.18
N THR E 124 5.52 -14.36 -33.94
CA THR E 124 4.97 -13.17 -34.60
C THR E 124 4.09 -13.51 -35.80
N ASN E 125 4.28 -14.68 -36.39
CA ASN E 125 3.51 -15.07 -37.58
C ASN E 125 2.06 -15.32 -37.24
N SER E 126 1.79 -15.84 -36.05
CA SER E 126 0.43 -15.93 -35.52
C SER E 126 -0.17 -14.56 -35.29
N SER E 127 0.65 -13.62 -34.82
CA SER E 127 0.17 -12.28 -34.52
C SER E 127 -0.21 -11.52 -35.79
N ILE E 128 0.62 -11.64 -36.83
CA ILE E 128 0.36 -10.88 -38.05
C ILE E 128 -0.81 -11.51 -38.81
N ARG E 129 -1.03 -12.82 -38.64
CA ARG E 129 -2.24 -13.46 -39.13
C ARG E 129 -3.47 -12.93 -38.43
N ALA E 130 -3.36 -12.73 -37.11
CA ALA E 130 -4.50 -12.30 -36.29
C ALA E 130 -4.91 -10.87 -36.63
N VAL E 131 -3.93 -9.98 -36.77
CA VAL E 131 -4.27 -8.58 -37.00
C VAL E 131 -4.70 -8.37 -38.46
N SER E 132 -4.21 -9.21 -39.38
CA SER E 132 -4.62 -9.04 -40.78
C SER E 132 -6.04 -9.53 -41.01
N ILE E 133 -6.39 -10.68 -40.45
CA ILE E 133 -7.75 -11.15 -40.68
C ILE E 133 -8.75 -10.35 -39.87
N MET E 134 -8.33 -9.77 -38.74
CA MET E 134 -9.22 -8.85 -38.05
C MET E 134 -9.31 -7.50 -38.76
N LYS E 135 -8.27 -7.14 -39.55
CA LYS E 135 -8.33 -5.95 -40.37
C LYS E 135 -9.32 -6.11 -41.51
N ALA E 136 -9.24 -7.24 -42.21
CA ALA E 136 -10.12 -7.51 -43.33
C ALA E 136 -11.57 -7.70 -42.89
N GLN E 137 -11.77 -8.29 -41.72
CA GLN E 137 -13.15 -8.40 -41.24
C GLN E 137 -13.68 -7.06 -40.76
N ALA E 138 -12.82 -6.20 -40.17
CA ALA E 138 -13.30 -4.91 -39.70
C ALA E 138 -13.63 -3.95 -40.84
N VAL E 139 -12.90 -4.03 -41.96
CA VAL E 139 -13.32 -3.22 -43.09
C VAL E 139 -14.55 -3.83 -43.77
N ALA E 140 -14.76 -5.14 -43.64
CA ALA E 140 -16.04 -5.70 -44.06
C ALA E 140 -17.19 -5.31 -43.14
N PHE E 141 -16.89 -4.97 -41.89
CA PHE E 141 -17.93 -4.74 -40.90
C PHE E 141 -18.27 -3.28 -40.69
N ILE E 142 -17.41 -2.36 -41.15
CA ILE E 142 -17.80 -0.96 -41.08
C ILE E 142 -18.82 -0.65 -42.18
N THR E 143 -18.72 -1.31 -43.31
CA THR E 143 -19.73 -1.25 -44.34
C THR E 143 -20.79 -2.30 -44.06
N ASN E 144 -21.83 -2.32 -44.89
CA ASN E 144 -22.96 -3.22 -44.68
C ASN E 144 -22.87 -4.42 -45.60
N THR E 145 -21.66 -4.95 -45.76
CA THR E 145 -21.45 -6.08 -46.66
C THR E 145 -21.25 -7.35 -45.84
N ALA E 146 -22.07 -7.54 -44.81
CA ALA E 146 -22.01 -8.74 -43.99
C ALA E 146 -22.78 -9.89 -44.64
N THR E 147 -23.01 -10.95 -43.87
CA THR E 147 -23.79 -12.09 -44.38
C THR E 147 -25.25 -11.72 -44.54
N GLU E 148 -25.93 -11.43 -43.43
CA GLU E 148 -27.21 -10.74 -43.49
C GLU E 148 -27.34 -9.67 -42.44
N ARG E 149 -26.26 -9.29 -41.76
CA ARG E 149 -26.30 -8.28 -40.70
C ARG E 149 -26.41 -6.92 -41.37
N LYS E 150 -27.62 -6.57 -41.79
CA LYS E 150 -27.83 -5.41 -42.65
C LYS E 150 -28.50 -4.34 -41.81
N MET E 151 -27.69 -3.52 -41.15
CA MET E 151 -28.20 -2.43 -40.36
C MET E 151 -28.62 -1.30 -41.29
N SER E 152 -29.42 -0.39 -40.75
CA SER E 152 -29.98 0.69 -41.53
C SER E 152 -29.12 1.93 -41.35
N PHE E 153 -28.87 2.62 -42.44
CA PHE E 153 -28.03 3.81 -42.46
C PHE E 153 -28.67 4.81 -43.40
N ALA E 154 -28.03 5.95 -43.54
CA ALA E 154 -28.23 6.75 -44.74
C ALA E 154 -27.17 6.37 -45.76
N ALA E 155 -27.61 6.14 -46.98
CA ALA E 155 -26.74 5.58 -48.01
C ALA E 155 -25.82 6.67 -48.56
N GLY E 156 -24.72 6.23 -49.15
CA GLY E 156 -23.78 7.13 -49.77
C GLY E 156 -22.38 6.55 -49.71
N ASP E 157 -21.40 7.45 -49.81
CA ASP E 157 -19.98 7.10 -49.80
C ASP E 157 -19.46 7.20 -48.37
N CYS E 158 -18.69 6.19 -47.95
CA CYS E 158 -18.00 6.25 -46.67
C CYS E 158 -16.61 5.58 -46.71
N THR E 159 -15.89 5.69 -47.84
CA THR E 159 -14.61 4.97 -47.96
C THR E 159 -13.47 5.70 -47.27
N SER E 160 -13.68 6.95 -46.83
CA SER E 160 -12.70 7.64 -46.02
C SER E 160 -12.56 7.00 -44.65
N LEU E 161 -13.62 6.39 -44.17
CA LEU E 161 -13.57 5.63 -42.93
C LEU E 161 -12.84 4.30 -43.09
N ALA E 162 -12.87 3.73 -44.30
CA ALA E 162 -12.10 2.51 -44.57
C ALA E 162 -10.61 2.79 -44.61
N SER E 163 -10.23 3.93 -45.21
CA SER E 163 -8.84 4.35 -45.17
C SER E 163 -8.39 4.76 -43.78
N GLU E 164 -9.35 5.16 -42.94
CA GLU E 164 -9.06 5.50 -41.55
C GLU E 164 -8.70 4.25 -40.74
N VAL E 165 -9.53 3.21 -40.83
CA VAL E 165 -9.36 2.06 -39.95
C VAL E 165 -8.17 1.20 -40.41
N ALA E 166 -7.89 1.21 -41.72
CA ALA E 166 -6.76 0.45 -42.25
C ALA E 166 -5.44 1.11 -41.87
N SER E 167 -5.45 2.44 -41.72
CA SER E 167 -4.27 3.16 -41.27
C SER E 167 -3.95 2.85 -39.82
N TYR E 168 -4.99 2.67 -39.00
CA TYR E 168 -4.76 2.25 -37.62
C TYR E 168 -4.29 0.80 -37.57
N PHE E 169 -4.75 0.00 -38.51
CA PHE E 169 -4.41 -1.41 -38.51
C PHE E 169 -3.00 -1.69 -39.01
N ASP E 170 -2.47 -0.93 -39.98
CA ASP E 170 -1.07 -1.21 -40.27
C ASP E 170 -0.16 -0.42 -39.36
N ARG E 171 -0.68 0.58 -38.63
CA ARG E 171 0.12 1.15 -37.55
C ARG E 171 0.33 0.14 -36.43
N VAL E 172 -0.71 -0.59 -36.06
CA VAL E 172 -0.51 -1.62 -35.05
C VAL E 172 0.20 -2.81 -35.66
N GLY E 173 -0.01 -3.08 -36.96
CA GLY E 173 0.63 -4.20 -37.60
C GLY E 173 2.12 -4.01 -37.81
N ALA E 174 2.55 -2.76 -37.98
CA ALA E 174 3.98 -2.50 -38.01
C ALA E 174 4.56 -2.43 -36.61
N ALA E 175 3.80 -1.94 -35.64
CA ALA E 175 4.37 -1.78 -34.31
C ALA E 175 4.36 -3.09 -33.53
N ILE E 176 3.57 -4.07 -33.96
CA ILE E 176 3.80 -5.44 -33.49
C ILE E 176 4.89 -6.14 -34.27
N SER E 177 5.38 -5.54 -35.35
CA SER E 177 6.45 -6.17 -36.11
C SER E 177 7.81 -5.66 -35.65
N MET F 1 -26.87 5.14 -11.22
CA MET F 1 -27.46 4.97 -12.54
C MET F 1 -26.74 5.84 -13.55
N LYS F 2 -25.99 5.20 -14.45
CA LYS F 2 -25.17 5.92 -15.40
C LYS F 2 -26.03 6.52 -16.52
N SER F 3 -25.85 7.81 -16.74
CA SER F 3 -26.24 8.47 -17.98
C SER F 3 -24.99 9.10 -18.59
N VAL F 4 -25.21 9.89 -19.64
CA VAL F 4 -24.17 10.77 -20.16
C VAL F 4 -23.88 11.85 -19.13
N ILE F 5 -24.94 12.40 -18.55
CA ILE F 5 -24.85 13.56 -17.68
C ILE F 5 -24.24 13.15 -16.35
N THR F 6 -24.49 11.92 -15.94
CA THR F 6 -23.87 11.37 -14.74
C THR F 6 -22.38 11.17 -14.91
N THR F 7 -21.95 10.83 -16.13
CA THR F 7 -20.54 10.62 -16.37
C THR F 7 -19.79 11.94 -16.34
N VAL F 8 -20.42 13.02 -16.78
CA VAL F 8 -19.65 14.25 -16.80
C VAL F 8 -19.72 14.97 -15.45
N VAL F 9 -20.69 14.65 -14.57
CA VAL F 9 -20.55 15.22 -13.23
C VAL F 9 -19.49 14.42 -12.48
N SER F 10 -19.43 13.11 -12.69
CA SER F 10 -18.35 12.33 -12.09
C SER F 10 -17.00 12.61 -12.75
N ALA F 11 -17.01 13.09 -14.00
CA ALA F 11 -15.78 13.63 -14.57
C ALA F 11 -15.41 14.93 -13.90
N ALA F 12 -16.41 15.72 -13.50
CA ALA F 12 -16.12 16.93 -12.74
C ALA F 12 -15.84 16.62 -11.28
N ASP F 13 -16.14 15.40 -10.84
CA ASP F 13 -15.64 14.93 -9.55
C ASP F 13 -14.23 14.41 -9.67
N ALA F 14 -13.94 13.71 -10.77
CA ALA F 14 -12.59 13.19 -11.00
C ALA F 14 -11.61 14.32 -11.27
N ALA F 15 -12.08 15.39 -11.92
CA ALA F 15 -11.34 16.63 -11.92
C ALA F 15 -11.38 17.29 -10.56
N GLY F 16 -12.51 17.17 -9.87
CA GLY F 16 -12.75 17.99 -8.71
C GLY F 16 -12.90 19.45 -9.06
N ARG F 17 -13.39 19.75 -10.25
CA ARG F 17 -13.30 21.08 -10.84
C ARG F 17 -14.63 21.50 -11.43
N PHE F 18 -14.57 22.61 -12.13
CA PHE F 18 -15.78 23.33 -12.48
C PHE F 18 -16.42 22.78 -13.74
N PRO F 19 -17.74 22.98 -13.92
CA PRO F 19 -18.35 22.63 -15.21
C PRO F 19 -17.93 23.57 -16.32
N SER F 20 -17.03 23.10 -17.14
CA SER F 20 -16.70 23.78 -18.38
C SER F 20 -17.55 23.19 -19.49
N ASN F 21 -17.17 23.45 -20.72
CA ASN F 21 -17.71 22.99 -22.00
C ASN F 21 -17.42 21.53 -22.29
N SER F 22 -16.85 20.75 -21.36
CA SER F 22 -17.06 19.31 -21.39
C SER F 22 -18.53 18.98 -21.25
N ASP F 23 -19.21 19.67 -20.34
CA ASP F 23 -20.65 19.53 -20.18
C ASP F 23 -21.42 20.11 -21.34
N LEU F 24 -21.14 21.37 -21.67
CA LEU F 24 -22.17 22.28 -22.16
C LEU F 24 -22.63 22.02 -23.59
N GLU F 25 -22.22 20.96 -24.24
CA GLU F 25 -22.84 20.60 -25.49
C GLU F 25 -23.28 19.15 -25.55
N SER F 26 -22.98 18.34 -24.53
CA SER F 26 -23.56 17.01 -24.44
C SER F 26 -25.06 17.07 -24.21
N ILE F 27 -25.54 18.11 -23.53
CA ILE F 27 -26.95 18.29 -23.29
C ILE F 27 -27.64 18.80 -24.55
N GLN F 28 -26.92 19.59 -25.36
CA GLN F 28 -27.52 20.15 -26.57
C GLN F 28 -27.71 19.09 -27.63
N GLY F 29 -26.87 18.07 -27.62
CA GLY F 29 -27.16 16.89 -28.41
C GLY F 29 -28.39 16.14 -27.96
N ASN F 30 -28.73 16.21 -26.67
CA ASN F 30 -29.98 15.64 -26.22
C ASN F 30 -31.17 16.52 -26.60
N ILE F 31 -30.95 17.82 -26.81
CA ILE F 31 -31.99 18.67 -27.38
C ILE F 31 -32.34 18.22 -28.80
N GLN F 32 -31.34 17.83 -29.59
CA GLN F 32 -31.68 17.20 -30.87
C GLN F 32 -32.15 15.76 -30.68
N ARG F 33 -31.31 14.91 -30.09
CA ARG F 33 -31.44 13.49 -30.32
C ARG F 33 -32.27 12.76 -29.29
N SER F 34 -32.41 13.27 -28.06
CA SER F 34 -33.37 12.66 -27.16
C SER F 34 -34.79 13.03 -27.54
N ALA F 35 -34.97 14.20 -28.16
CA ALA F 35 -36.23 14.50 -28.84
C ALA F 35 -36.45 13.57 -30.02
N ALA F 36 -35.37 13.16 -30.68
CA ALA F 36 -35.45 12.13 -31.71
C ALA F 36 -35.37 10.71 -31.15
N ARG F 37 -35.57 10.52 -29.85
CA ARG F 37 -35.45 9.19 -29.26
C ARG F 37 -36.77 8.65 -28.74
N LEU F 38 -37.55 9.52 -28.11
CA LEU F 38 -38.71 9.20 -27.28
C LEU F 38 -39.87 8.54 -28.02
N GLU F 39 -39.95 8.72 -29.35
CA GLU F 39 -41.15 8.39 -30.10
C GLU F 39 -41.32 6.90 -30.31
N ALA F 40 -40.27 6.10 -30.13
CA ALA F 40 -40.39 4.67 -30.31
C ALA F 40 -41.16 4.03 -29.16
N ALA F 41 -41.02 4.59 -27.95
CA ALA F 41 -41.29 3.88 -26.70
C ALA F 41 -42.78 3.67 -26.45
N GLU F 42 -43.63 4.37 -27.19
CA GLU F 42 -45.06 4.15 -27.06
C GLU F 42 -45.50 2.87 -27.76
N LYS F 43 -44.96 2.59 -28.95
CA LYS F 43 -45.22 1.26 -29.49
C LYS F 43 -44.36 0.20 -28.85
N LEU F 44 -43.25 0.58 -28.21
CA LEU F 44 -42.53 -0.39 -27.40
C LEU F 44 -43.36 -0.78 -26.17
N ALA F 45 -44.08 0.17 -25.58
CA ALA F 45 -45.11 -0.19 -24.63
C ALA F 45 -46.35 -0.76 -25.32
N GLY F 46 -46.58 -0.41 -26.58
CA GLY F 46 -47.73 -0.93 -27.30
C GLY F 46 -47.57 -2.34 -27.83
N ASN F 47 -46.34 -2.77 -28.07
CA ASN F 47 -46.10 -4.13 -28.54
C ASN F 47 -45.65 -5.05 -27.44
N HIS F 48 -45.59 -4.55 -26.20
CA HIS F 48 -44.90 -5.22 -25.09
C HIS F 48 -45.60 -6.51 -24.67
N GLU F 49 -46.87 -6.64 -24.97
CA GLU F 49 -47.63 -7.84 -24.72
C GLU F 49 -47.54 -8.84 -25.87
N ALA F 50 -46.94 -8.45 -26.99
CA ALA F 50 -46.94 -9.29 -28.17
C ALA F 50 -45.54 -9.60 -28.70
N VAL F 51 -44.53 -8.86 -28.26
CA VAL F 51 -43.17 -9.20 -28.65
C VAL F 51 -42.69 -10.43 -27.88
N VAL F 52 -43.31 -10.70 -26.73
CA VAL F 52 -43.01 -11.89 -25.94
C VAL F 52 -43.45 -13.16 -26.67
N LYS F 53 -44.67 -13.17 -27.23
CA LYS F 53 -45.17 -14.37 -27.88
C LYS F 53 -44.52 -14.61 -29.24
N GLU F 54 -43.92 -13.60 -29.86
CA GLU F 54 -43.08 -14.00 -30.97
C GLU F 54 -41.71 -14.49 -30.50
N ALA F 55 -41.03 -13.74 -29.61
CA ALA F 55 -39.63 -14.01 -29.36
C ALA F 55 -39.40 -15.25 -28.49
N GLY F 56 -40.15 -15.39 -27.39
CA GLY F 56 -39.95 -16.52 -26.51
C GLY F 56 -40.45 -17.82 -27.12
N ASP F 57 -41.47 -17.73 -27.96
CA ASP F 57 -41.96 -18.92 -28.62
C ASP F 57 -41.11 -19.28 -29.83
N ALA F 58 -40.40 -18.30 -30.41
CA ALA F 58 -39.35 -18.63 -31.36
C ALA F 58 -38.13 -19.22 -30.67
N CYS F 59 -37.95 -18.93 -29.39
CA CYS F 59 -36.91 -19.64 -28.66
C CYS F 59 -37.37 -21.02 -28.24
N PHE F 60 -38.68 -21.21 -28.09
CA PHE F 60 -39.22 -22.56 -28.03
C PHE F 60 -39.10 -23.27 -29.36
N ALA F 61 -39.20 -22.52 -30.46
CA ALA F 61 -38.89 -23.09 -31.77
C ALA F 61 -37.40 -23.36 -31.88
N LYS F 62 -36.58 -22.57 -31.20
CA LYS F 62 -35.17 -22.89 -31.09
C LYS F 62 -34.93 -24.05 -30.14
N TYR F 63 -35.50 -24.00 -28.94
CA TYR F 63 -35.18 -24.94 -27.86
C TYR F 63 -36.48 -25.57 -27.38
N ALA F 64 -36.74 -26.80 -27.82
CA ALA F 64 -38.00 -27.47 -27.53
C ALA F 64 -37.84 -28.77 -26.75
N TYR F 65 -36.64 -29.08 -26.26
CA TYR F 65 -36.28 -30.33 -25.62
C TYR F 65 -36.69 -30.40 -24.16
N LEU F 66 -37.42 -29.41 -23.67
CA LEU F 66 -37.45 -29.08 -22.25
C LEU F 66 -38.38 -29.96 -21.43
N LYS F 67 -38.93 -31.04 -22.00
CA LYS F 67 -39.87 -31.90 -21.27
C LYS F 67 -39.22 -32.65 -20.12
N ASN F 68 -37.92 -32.92 -20.18
CA ASN F 68 -37.31 -33.79 -19.19
C ASN F 68 -36.99 -33.01 -17.92
N PRO F 69 -37.25 -33.61 -16.75
CA PRO F 69 -36.93 -32.93 -15.49
C PRO F 69 -35.44 -32.93 -15.21
N GLY F 70 -35.01 -31.96 -14.41
CA GLY F 70 -33.61 -31.62 -14.31
C GLY F 70 -33.17 -30.57 -15.32
N GLU F 71 -34.08 -30.17 -16.20
CA GLU F 71 -33.89 -29.11 -17.17
C GLU F 71 -34.84 -27.97 -16.83
N ALA F 72 -34.87 -26.95 -17.69
CA ALA F 72 -35.44 -25.68 -17.30
C ALA F 72 -36.95 -25.59 -17.52
N GLY F 73 -37.44 -26.03 -18.67
CA GLY F 73 -38.84 -25.85 -18.98
C GLY F 73 -39.69 -27.10 -18.76
N GLU F 74 -39.47 -27.79 -17.63
CA GLU F 74 -40.14 -29.06 -17.41
C GLU F 74 -41.60 -28.92 -17.01
N ASN F 75 -42.06 -27.70 -16.71
CA ASN F 75 -43.47 -27.43 -16.50
C ASN F 75 -43.81 -26.09 -17.13
N GLN F 76 -45.12 -25.85 -17.30
CA GLN F 76 -45.58 -24.65 -18.00
C GLN F 76 -45.49 -23.42 -17.12
N GLU F 77 -45.35 -23.59 -15.79
CA GLU F 77 -45.12 -22.46 -14.91
C GLU F 77 -43.73 -21.88 -15.13
N LYS F 78 -42.78 -22.74 -15.50
CA LYS F 78 -41.49 -22.25 -15.95
C LYS F 78 -41.62 -21.46 -17.24
N ILE F 79 -42.57 -21.84 -18.08
CA ILE F 79 -42.73 -21.20 -19.38
C ILE F 79 -43.40 -19.84 -19.21
N ASN F 80 -44.35 -19.71 -18.27
CA ASN F 80 -44.93 -18.39 -18.11
C ASN F 80 -44.06 -17.50 -17.23
N LYS F 81 -43.11 -18.07 -16.47
CA LYS F 81 -42.13 -17.14 -15.92
C LYS F 81 -40.98 -16.86 -16.88
N CYS F 82 -40.81 -17.63 -17.96
CA CYS F 82 -40.01 -17.15 -19.10
C CYS F 82 -40.63 -15.90 -19.69
N TYR F 83 -41.97 -15.91 -19.80
CA TYR F 83 -42.70 -14.75 -20.28
C TYR F 83 -42.54 -13.57 -19.34
N ARG F 84 -42.55 -13.85 -18.03
CA ARG F 84 -42.29 -12.83 -17.01
C ARG F 84 -40.84 -12.34 -17.05
N ASP F 85 -39.91 -13.20 -17.46
CA ASP F 85 -38.51 -12.80 -17.59
C ASP F 85 -38.32 -11.81 -18.72
N VAL F 86 -38.78 -12.18 -19.91
CA VAL F 86 -38.55 -11.32 -21.06
C VAL F 86 -39.44 -10.09 -21.03
N ASP F 87 -40.54 -10.08 -20.26
CA ASP F 87 -41.33 -8.88 -19.97
C ASP F 87 -40.46 -7.74 -19.43
N HIS F 88 -39.69 -8.05 -18.40
CA HIS F 88 -38.77 -7.08 -17.86
C HIS F 88 -37.55 -6.86 -18.72
N TYR F 89 -37.25 -7.79 -19.65
CA TYR F 89 -36.18 -7.54 -20.62
C TYR F 89 -36.52 -6.37 -21.55
N MET F 90 -37.67 -6.40 -22.25
CA MET F 90 -37.93 -5.19 -23.04
C MET F 90 -38.40 -4.02 -22.20
N ARG F 91 -38.79 -4.26 -20.95
CA ARG F 91 -39.06 -3.12 -20.10
C ARG F 91 -37.76 -2.42 -19.71
N LEU F 92 -36.68 -3.19 -19.56
CA LEU F 92 -35.43 -2.51 -19.26
C LEU F 92 -34.83 -1.86 -20.49
N VAL F 93 -35.07 -2.41 -21.70
CA VAL F 93 -34.59 -1.68 -22.87
C VAL F 93 -35.45 -0.46 -23.17
N ASN F 94 -36.70 -0.43 -22.69
CA ASN F 94 -37.44 0.83 -22.62
C ASN F 94 -36.78 1.81 -21.66
N TYR F 95 -36.16 1.29 -20.59
CA TYR F 95 -35.57 2.20 -19.63
C TYR F 95 -34.23 2.76 -20.12
N CYS F 96 -33.39 1.91 -20.73
CA CYS F 96 -32.11 2.44 -21.19
C CYS F 96 -32.23 3.14 -22.52
N LEU F 97 -33.39 3.03 -23.18
CA LEU F 97 -33.72 4.03 -24.17
C LEU F 97 -33.81 5.41 -23.56
N VAL F 98 -34.69 5.59 -22.59
CA VAL F 98 -35.05 6.94 -22.18
C VAL F 98 -34.03 7.58 -21.26
N VAL F 99 -33.07 6.82 -20.73
CA VAL F 99 -31.97 7.54 -20.08
C VAL F 99 -30.86 7.83 -21.09
N GLY F 100 -30.64 6.95 -22.06
CA GLY F 100 -29.48 7.07 -22.94
C GLY F 100 -28.22 6.35 -22.48
N GLY F 101 -27.81 6.57 -21.23
CA GLY F 101 -26.65 5.89 -20.69
C GLY F 101 -26.93 4.43 -20.38
N THR F 102 -25.86 3.70 -20.08
CA THR F 102 -25.97 2.25 -19.96
C THR F 102 -26.13 1.80 -18.51
N GLY F 103 -26.50 2.71 -17.61
CA GLY F 103 -26.75 2.41 -16.22
C GLY F 103 -27.82 1.36 -15.94
N PRO F 104 -29.03 1.53 -16.48
CA PRO F 104 -30.01 0.44 -16.42
C PRO F 104 -29.64 -0.78 -17.24
N LEU F 105 -28.73 -0.67 -18.21
CA LEU F 105 -28.13 -1.92 -18.65
C LEU F 105 -27.20 -2.46 -17.57
N ASP F 106 -26.20 -1.66 -17.14
CA ASP F 106 -25.06 -2.19 -16.38
C ASP F 106 -25.47 -2.69 -15.00
N GLU F 107 -25.97 -1.79 -14.14
CA GLU F 107 -26.25 -2.20 -12.77
C GLU F 107 -27.54 -3.00 -12.67
N TRP F 108 -28.37 -2.98 -13.71
CA TRP F 108 -29.69 -3.57 -13.61
C TRP F 108 -29.93 -4.71 -14.59
N GLY F 109 -29.00 -5.00 -15.49
CA GLY F 109 -29.09 -6.22 -16.27
C GLY F 109 -27.78 -6.97 -16.34
N ILE F 110 -26.67 -6.27 -16.14
CA ILE F 110 -25.34 -6.83 -16.37
C ILE F 110 -24.65 -7.14 -15.04
N ALA F 111 -24.95 -6.34 -14.03
CA ALA F 111 -24.57 -6.67 -12.66
C ALA F 111 -25.38 -7.89 -12.25
N GLY F 112 -24.73 -9.04 -12.25
CA GLY F 112 -25.47 -10.28 -12.17
C GLY F 112 -25.88 -10.73 -13.54
N ALA F 113 -24.91 -10.99 -14.42
CA ALA F 113 -25.20 -11.61 -15.70
C ALA F 113 -24.42 -12.90 -15.91
N ARG F 114 -23.11 -12.87 -15.63
CA ARG F 114 -22.19 -13.92 -16.10
C ARG F 114 -22.28 -15.22 -15.30
N GLU F 115 -22.97 -15.21 -14.17
CA GLU F 115 -22.90 -16.32 -13.24
C GLU F 115 -24.26 -16.72 -12.71
N VAL F 116 -25.26 -15.90 -12.94
CA VAL F 116 -26.51 -16.01 -12.18
C VAL F 116 -27.34 -17.19 -12.67
N TYR F 117 -27.51 -17.30 -13.98
CA TYR F 117 -28.24 -18.41 -14.58
C TYR F 117 -27.31 -19.55 -14.89
N ARG F 118 -26.01 -19.30 -14.76
CA ARG F 118 -25.04 -20.36 -14.66
C ARG F 118 -25.31 -21.19 -13.42
N THR F 119 -25.38 -20.55 -12.26
CA THR F 119 -25.76 -21.24 -11.04
C THR F 119 -27.24 -21.59 -11.01
N LEU F 120 -28.08 -20.86 -11.73
CA LEU F 120 -29.49 -21.22 -11.79
C LEU F 120 -29.76 -22.17 -12.95
N ASN F 121 -28.69 -22.64 -13.62
CA ASN F 121 -28.69 -23.69 -14.64
C ASN F 121 -29.53 -23.33 -15.85
N LEU F 122 -29.46 -22.06 -16.27
CA LEU F 122 -30.21 -21.69 -17.45
C LEU F 122 -29.26 -21.10 -18.48
N PRO F 123 -29.41 -21.45 -19.75
CA PRO F 123 -28.54 -20.87 -20.77
C PRO F 123 -28.96 -19.47 -21.17
N THR F 124 -27.96 -18.63 -21.43
CA THR F 124 -28.22 -17.32 -22.01
C THR F 124 -28.28 -17.37 -23.53
N SER F 125 -28.12 -18.55 -24.12
CA SER F 125 -28.19 -18.67 -25.57
C SER F 125 -29.61 -18.40 -26.09
N ALA F 126 -30.63 -18.76 -25.34
CA ALA F 126 -31.98 -18.34 -25.72
C ALA F 126 -32.20 -16.87 -25.40
N TYR F 127 -31.56 -16.39 -24.32
CA TYR F 127 -31.59 -14.97 -23.96
C TYR F 127 -30.94 -14.10 -25.03
N VAL F 128 -30.00 -14.66 -25.79
CA VAL F 128 -29.50 -13.89 -26.92
C VAL F 128 -30.24 -14.23 -28.21
N ALA F 129 -30.89 -15.40 -28.31
CA ALA F 129 -31.50 -15.78 -29.59
C ALA F 129 -32.82 -15.07 -29.84
N SER F 130 -33.59 -14.82 -28.78
CA SER F 130 -34.85 -14.08 -28.93
C SER F 130 -34.59 -12.64 -29.36
N ILE F 131 -33.52 -12.07 -28.82
CA ILE F 131 -33.15 -10.73 -29.19
C ILE F 131 -32.43 -10.75 -30.55
N ALA F 132 -31.85 -11.92 -30.92
CA ALA F 132 -31.32 -12.10 -32.26
C ALA F 132 -32.42 -12.22 -33.30
N TYR F 133 -33.63 -12.60 -32.90
CA TYR F 133 -34.77 -12.37 -33.78
C TYR F 133 -35.03 -10.89 -33.94
N THR F 134 -34.95 -10.14 -32.85
CA THR F 134 -35.24 -8.71 -32.93
C THR F 134 -34.04 -7.86 -33.37
N ARG F 135 -33.05 -8.45 -34.06
CA ARG F 135 -31.95 -7.68 -34.65
C ARG F 135 -32.42 -6.72 -35.71
N ASP F 136 -32.76 -7.25 -36.88
CA ASP F 136 -33.22 -6.44 -37.98
C ASP F 136 -34.73 -6.41 -38.03
N ARG F 137 -35.39 -7.04 -37.04
CA ARG F 137 -36.83 -6.94 -36.91
C ARG F 137 -37.19 -5.55 -36.41
N LEU F 138 -37.32 -4.64 -37.37
CA LEU F 138 -37.57 -3.20 -37.29
C LEU F 138 -37.76 -2.72 -38.71
N CYS F 139 -38.42 -1.58 -38.88
CA CYS F 139 -38.64 -1.05 -40.22
C CYS F 139 -38.48 0.47 -40.22
N VAL F 140 -37.30 0.92 -40.62
CA VAL F 140 -36.91 2.34 -40.63
C VAL F 140 -37.64 3.30 -41.56
N PRO F 141 -38.39 2.90 -42.65
CA PRO F 141 -39.36 3.88 -43.18
C PRO F 141 -40.76 3.74 -42.61
N ARG F 142 -41.00 2.61 -41.95
CA ARG F 142 -42.31 2.00 -41.81
C ARG F 142 -42.74 1.77 -40.36
N ASP F 143 -41.87 1.24 -39.50
CA ASP F 143 -42.21 1.16 -38.08
C ASP F 143 -42.03 2.52 -37.44
N MET F 144 -40.79 3.00 -37.42
CA MET F 144 -40.46 4.36 -37.00
C MET F 144 -39.39 4.87 -37.97
N SER F 145 -38.73 5.96 -37.58
CA SER F 145 -37.78 6.62 -38.46
C SER F 145 -36.46 5.87 -38.53
N ALA F 146 -35.60 6.31 -39.43
CA ALA F 146 -34.24 5.81 -39.54
C ALA F 146 -33.27 6.55 -38.63
N GLN F 147 -33.77 7.40 -37.75
CA GLN F 147 -32.93 8.22 -36.88
C GLN F 147 -32.81 7.69 -35.47
N ALA F 148 -33.62 6.70 -35.09
CA ALA F 148 -33.50 6.11 -33.77
C ALA F 148 -33.59 4.60 -33.76
N GLY F 149 -33.99 3.96 -34.85
CA GLY F 149 -34.15 2.52 -34.85
C GLY F 149 -32.84 1.79 -34.88
N VAL F 150 -31.83 2.39 -35.50
CA VAL F 150 -30.50 1.79 -35.53
C VAL F 150 -29.85 1.99 -34.17
N GLU F 151 -30.25 3.05 -33.47
CA GLU F 151 -29.76 3.27 -32.12
C GLU F 151 -30.47 2.35 -31.15
N PHE F 152 -31.76 2.10 -31.39
CA PHE F 152 -32.52 1.10 -30.66
C PHE F 152 -31.93 -0.28 -30.87
N SER F 153 -31.50 -0.56 -32.11
CA SER F 153 -30.74 -1.77 -32.41
C SER F 153 -29.41 -1.78 -31.67
N ALA F 154 -28.76 -0.62 -31.56
CA ALA F 154 -27.49 -0.52 -30.87
C ALA F 154 -27.64 -0.71 -29.37
N TYR F 155 -28.79 -0.30 -28.83
CA TYR F 155 -29.13 -0.49 -27.42
C TYR F 155 -29.19 -1.97 -27.07
N LEU F 156 -30.05 -2.69 -27.74
CA LEU F 156 -30.22 -4.08 -27.36
C LEU F 156 -29.21 -5.01 -28.00
N ASP F 157 -28.25 -4.51 -28.79
CA ASP F 157 -27.13 -5.36 -29.18
C ASP F 157 -25.87 -5.12 -28.36
N TYR F 158 -25.72 -3.92 -27.77
CA TYR F 158 -24.77 -3.76 -26.68
C TYR F 158 -25.16 -4.62 -25.50
N LEU F 159 -26.47 -4.78 -25.28
CA LEU F 159 -27.00 -5.79 -24.36
C LEU F 159 -26.53 -7.20 -24.66
N ILE F 160 -26.44 -7.57 -25.94
CA ILE F 160 -26.10 -8.95 -26.26
C ILE F 160 -24.59 -9.13 -26.23
N ASN F 161 -23.86 -8.09 -26.64
CA ASN F 161 -22.40 -8.08 -26.52
C ASN F 161 -21.98 -8.09 -25.06
N ALA F 162 -22.78 -7.49 -24.19
CA ALA F 162 -22.62 -7.66 -22.76
C ALA F 162 -23.02 -9.06 -22.33
N LEU F 163 -24.09 -9.61 -22.91
CA LEU F 163 -24.47 -10.99 -22.61
C LEU F 163 -23.53 -12.00 -23.21
N SER F 164 -22.85 -11.65 -24.29
CA SER F 164 -21.79 -12.48 -24.80
C SER F 164 -20.47 -11.83 -24.45
N MET G 1 -23.97 9.33 -9.59
CA MET G 1 -24.95 9.57 -8.54
C MET G 1 -26.35 9.61 -9.12
N LEU G 2 -27.05 10.73 -8.99
CA LEU G 2 -28.41 10.79 -9.49
C LEU G 2 -28.69 12.16 -10.11
N ASP G 3 -29.80 12.22 -10.85
CA ASP G 3 -30.16 13.37 -11.66
C ASP G 3 -31.68 13.50 -11.69
N ALA G 4 -32.14 14.63 -12.22
CA ALA G 4 -33.55 14.79 -12.54
C ALA G 4 -33.99 13.84 -13.65
N PHE G 5 -33.08 13.48 -14.55
CA PHE G 5 -33.31 12.40 -15.50
C PHE G 5 -33.23 11.02 -14.86
N SER G 6 -32.79 10.92 -13.61
CA SER G 6 -32.70 9.64 -12.94
C SER G 6 -33.78 9.42 -11.90
N ARG G 7 -34.20 10.45 -11.16
CA ARG G 7 -35.27 10.21 -10.17
C ARG G 7 -36.63 10.04 -10.81
N VAL G 8 -36.79 10.43 -12.07
CA VAL G 8 -37.93 9.98 -12.84
C VAL G 8 -37.87 8.48 -13.15
N VAL G 9 -36.69 7.87 -13.09
CA VAL G 9 -36.61 6.43 -13.26
C VAL G 9 -36.83 5.73 -11.93
N VAL G 10 -36.36 6.34 -10.82
CA VAL G 10 -36.41 5.64 -9.55
C VAL G 10 -37.83 5.59 -8.99
N ASN G 11 -38.69 6.54 -9.35
CA ASN G 11 -40.08 6.36 -8.96
C ASN G 11 -40.85 5.53 -9.98
N SER G 12 -40.35 5.44 -11.22
CA SER G 12 -41.01 4.63 -12.24
C SER G 12 -40.86 3.15 -11.93
N ASP G 13 -39.66 2.72 -11.60
CA ASP G 13 -39.43 1.34 -11.20
C ASP G 13 -39.81 1.09 -9.75
N ALA G 14 -40.10 2.13 -8.97
CA ALA G 14 -40.81 1.91 -7.72
C ALA G 14 -42.25 1.50 -7.94
N LYS G 15 -42.82 1.83 -9.09
CA LYS G 15 -44.17 1.39 -9.44
C LYS G 15 -44.17 0.27 -10.45
N ALA G 16 -42.98 -0.10 -10.98
CA ALA G 16 -42.78 -0.78 -12.27
C ALA G 16 -43.57 -0.13 -13.39
N ALA G 17 -43.57 1.20 -13.44
CA ALA G 17 -44.37 1.93 -14.40
C ALA G 17 -43.50 2.35 -15.58
N TYR G 18 -44.11 3.04 -16.53
CA TYR G 18 -43.33 3.54 -17.65
C TYR G 18 -42.65 4.83 -17.22
N VAL G 19 -41.58 5.16 -17.93
CA VAL G 19 -41.22 6.56 -18.11
C VAL G 19 -41.51 6.88 -19.55
N GLY G 20 -42.17 8.01 -19.79
CA GLY G 20 -42.75 8.26 -21.08
C GLY G 20 -43.66 9.47 -21.01
N GLY G 21 -44.77 9.40 -21.72
CA GLY G 21 -45.63 10.55 -21.85
C GLY G 21 -46.60 10.84 -20.72
N SER G 22 -46.10 10.81 -19.48
CA SER G 22 -46.81 11.33 -18.32
C SER G 22 -46.02 12.39 -17.59
N ASP G 23 -44.71 12.21 -17.43
CA ASP G 23 -43.87 13.29 -16.95
C ASP G 23 -43.20 14.04 -18.08
N LEU G 24 -43.49 13.69 -19.34
CA LEU G 24 -42.74 14.17 -20.50
C LEU G 24 -42.88 15.65 -20.72
N GLN G 25 -44.00 16.25 -20.31
CA GLN G 25 -44.17 17.68 -20.45
C GLN G 25 -43.22 18.45 -19.55
N ALA G 26 -42.88 17.90 -18.38
CA ALA G 26 -41.81 18.47 -17.58
C ALA G 26 -40.44 18.17 -18.19
N LEU G 27 -40.32 17.09 -18.96
CA LEU G 27 -39.03 16.68 -19.49
C LEU G 27 -38.59 17.55 -20.67
N LYS G 28 -39.48 17.78 -21.65
CA LYS G 28 -39.09 18.65 -22.76
C LYS G 28 -39.01 20.10 -22.31
N SER G 29 -39.87 20.49 -21.37
CA SER G 29 -39.72 21.82 -20.80
C SER G 29 -38.61 21.89 -19.75
N PHE G 30 -38.01 20.77 -19.37
CA PHE G 30 -36.72 20.89 -18.71
C PHE G 30 -35.67 21.33 -19.72
N ILE G 31 -35.52 20.61 -20.82
CA ILE G 31 -34.46 20.91 -21.77
C ILE G 31 -34.78 22.10 -22.68
N ALA G 32 -35.99 22.66 -22.61
CA ALA G 32 -36.26 23.88 -23.34
C ALA G 32 -35.50 25.05 -22.76
N ASP G 33 -35.31 25.06 -21.45
CA ASP G 33 -34.56 26.09 -20.76
C ASP G 33 -33.20 25.59 -20.30
N GLY G 34 -32.59 24.69 -21.06
CA GLY G 34 -31.25 24.26 -20.72
C GLY G 34 -30.22 25.33 -21.02
N ASN G 35 -30.41 26.05 -22.13
CA ASN G 35 -29.60 27.24 -22.43
C ASN G 35 -29.83 28.33 -21.42
N LYS G 36 -31.04 28.39 -20.85
CA LYS G 36 -31.31 29.32 -19.76
C LYS G 36 -30.54 28.93 -18.50
N ARG G 37 -30.38 27.63 -18.24
CA ARG G 37 -29.54 27.21 -17.13
C ARG G 37 -28.08 27.49 -17.40
N LEU G 38 -27.68 27.42 -18.67
CA LEU G 38 -26.29 27.72 -19.02
C LEU G 38 -26.05 29.22 -18.93
N ASP G 39 -27.06 30.02 -19.31
CA ASP G 39 -27.08 31.46 -19.09
C ASP G 39 -27.03 31.80 -17.60
N ALA G 40 -27.53 30.92 -16.73
CA ALA G 40 -27.38 31.15 -15.31
C ALA G 40 -25.98 30.77 -14.82
N VAL G 41 -25.48 29.59 -15.21
CA VAL G 41 -24.36 29.03 -14.46
C VAL G 41 -23.03 29.61 -14.86
N ASN G 42 -22.93 30.23 -16.05
CA ASN G 42 -21.67 30.91 -16.32
C ASN G 42 -21.56 32.24 -15.60
N SER G 43 -22.68 32.80 -15.16
CA SER G 43 -22.63 33.92 -14.22
C SER G 43 -22.16 33.47 -12.85
N ILE G 44 -22.42 32.22 -12.50
CA ILE G 44 -22.00 31.70 -11.21
C ILE G 44 -20.50 31.42 -11.17
N VAL G 45 -19.92 30.95 -12.28
CA VAL G 45 -18.49 30.70 -12.30
C VAL G 45 -17.68 31.97 -12.52
N SER G 46 -18.33 33.11 -12.76
CA SER G 46 -17.63 34.35 -13.07
C SER G 46 -16.96 34.95 -11.85
N ASN G 47 -17.63 34.94 -10.71
CA ASN G 47 -17.11 35.66 -9.55
C ASN G 47 -17.18 34.80 -8.31
N ALA G 48 -16.70 33.57 -8.45
CA ALA G 48 -16.75 32.61 -7.35
C ALA G 48 -15.82 32.97 -6.23
N SER G 49 -14.64 33.48 -6.57
CA SER G 49 -13.76 34.00 -5.54
C SER G 49 -14.30 35.30 -4.97
N CYS G 50 -15.01 36.08 -5.80
CA CYS G 50 -15.72 37.22 -5.26
C CYS G 50 -16.94 36.80 -4.44
N MET G 51 -17.52 35.64 -4.77
CA MET G 51 -18.66 35.13 -4.01
C MET G 51 -18.22 34.75 -2.61
N VAL G 52 -17.14 33.98 -2.51
CA VAL G 52 -16.67 33.56 -1.20
C VAL G 52 -15.98 34.69 -0.45
N SER G 53 -15.44 35.69 -1.18
CA SER G 53 -14.87 36.84 -0.48
C SER G 53 -15.95 37.74 0.08
N ASP G 54 -17.06 37.90 -0.65
CA ASP G 54 -18.20 38.64 -0.14
C ASP G 54 -18.83 37.95 1.05
N ALA G 55 -18.87 36.61 1.01
CA ALA G 55 -19.48 35.82 2.08
C ALA G 55 -18.67 35.93 3.36
N VAL G 56 -17.34 35.77 3.27
CA VAL G 56 -16.54 35.80 4.49
C VAL G 56 -16.38 37.24 5.01
N SER G 57 -16.38 38.25 4.11
CA SER G 57 -16.20 39.61 4.58
C SER G 57 -17.46 40.15 5.23
N GLY G 58 -18.64 39.77 4.72
CA GLY G 58 -19.87 40.09 5.42
C GLY G 58 -20.01 39.34 6.73
N MET G 59 -19.42 38.14 6.82
CA MET G 59 -19.42 37.42 8.09
C MET G 59 -18.55 38.11 9.13
N ILE G 60 -17.51 38.83 8.71
CA ILE G 60 -16.84 39.66 9.72
C ILE G 60 -17.55 41.00 9.87
N CYS G 61 -18.44 41.37 8.93
CA CYS G 61 -19.12 42.67 9.07
C CYS G 61 -20.13 42.69 10.20
N GLU G 62 -21.17 41.85 10.15
CA GLU G 62 -22.01 41.79 11.35
C GLU G 62 -21.78 40.54 12.18
N ASN G 63 -20.59 39.94 12.12
CA ASN G 63 -20.18 39.20 13.31
C ASN G 63 -18.70 39.41 13.61
N PRO G 64 -18.36 40.03 14.73
CA PRO G 64 -16.98 39.97 15.22
C PRO G 64 -16.71 38.83 16.17
N GLY G 65 -17.67 37.92 16.33
CA GLY G 65 -17.55 36.87 17.33
C GLY G 65 -16.60 35.76 16.94
N LEU G 66 -16.45 35.52 15.63
CA LEU G 66 -15.49 34.51 15.20
C LEU G 66 -14.07 35.04 15.33
N ILE G 67 -13.86 36.31 14.98
CA ILE G 67 -12.53 36.92 14.97
C ILE G 67 -12.12 37.42 16.35
N SER G 68 -12.94 37.16 17.37
CA SER G 68 -12.53 37.33 18.75
C SER G 68 -11.34 36.43 19.06
N PRO G 69 -10.32 36.94 19.74
CA PRO G 69 -9.13 36.12 20.03
C PRO G 69 -9.43 35.04 21.06
N GLY G 70 -9.04 33.83 20.74
CA GLY G 70 -9.54 32.69 21.46
C GLY G 70 -10.95 32.32 21.09
N GLY G 71 -11.43 32.77 19.95
CA GLY G 71 -12.76 32.43 19.49
C GLY G 71 -12.72 31.19 18.62
N CYS G 73 -13.30 30.86 14.96
CA CYS G 73 -12.63 31.07 13.69
C CYS G 73 -11.93 32.43 13.68
N TYR G 74 -10.77 32.50 14.31
CA TYR G 74 -9.99 33.71 14.35
C TYR G 74 -8.57 33.52 13.84
N THR G 75 -8.26 32.37 13.27
CA THR G 75 -6.93 32.10 12.74
C THR G 75 -7.03 31.98 11.21
N ASN G 76 -5.95 32.35 10.54
CA ASN G 76 -5.85 32.28 9.09
C ASN G 76 -5.86 30.85 8.58
N ARG G 77 -5.44 29.89 9.41
CA ARG G 77 -5.70 28.47 9.14
C ARG G 77 -7.20 28.18 9.13
N ARG G 78 -7.98 28.90 9.94
CA ARG G 78 -9.41 28.66 9.96
C ARG G 78 -10.13 29.55 8.97
N MET G 79 -9.51 30.65 8.55
CA MET G 79 -10.09 31.37 7.43
C MET G 79 -9.74 30.67 6.13
N ALA G 80 -8.64 29.92 6.09
CA ALA G 80 -8.39 29.00 4.98
C ALA G 80 -9.34 27.81 5.05
N ALA G 81 -9.77 27.46 6.26
CA ALA G 81 -10.80 26.44 6.40
C ALA G 81 -12.12 26.90 5.82
N CYS G 82 -12.67 28.05 6.22
CA CYS G 82 -13.88 28.51 5.52
C CYS G 82 -13.60 29.23 4.20
N LEU G 83 -12.35 29.29 3.76
CA LEU G 83 -12.12 29.35 2.33
C LEU G 83 -12.66 28.09 1.68
N ARG G 84 -12.08 26.93 2.04
CA ARG G 84 -12.53 25.61 1.59
C ARG G 84 -13.99 25.37 1.91
N ASP G 85 -14.36 25.47 3.21
CA ASP G 85 -15.69 25.20 3.75
C ASP G 85 -16.78 26.13 3.19
N GLY G 86 -16.42 27.19 2.47
CA GLY G 86 -17.35 27.84 1.59
C GLY G 86 -17.26 27.41 0.14
N GLU G 87 -16.04 27.25 -0.38
CA GLU G 87 -15.89 27.16 -1.83
C GLU G 87 -16.29 25.80 -2.37
N ILE G 88 -16.10 24.75 -1.56
CA ILE G 88 -16.35 23.43 -2.11
C ILE G 88 -17.85 23.16 -2.05
N ILE G 89 -18.57 23.83 -1.15
CA ILE G 89 -20.01 23.68 -1.24
C ILE G 89 -20.57 24.61 -2.29
N LEU G 90 -19.84 25.65 -2.66
CA LEU G 90 -20.26 26.44 -3.82
C LEU G 90 -20.08 25.65 -5.10
N ARG G 91 -19.00 24.87 -5.17
CA ARG G 91 -18.82 23.84 -6.17
C ARG G 91 -19.97 22.84 -6.14
N TYR G 92 -20.38 22.41 -4.95
CA TYR G 92 -21.45 21.40 -4.87
C TYR G 92 -22.83 21.95 -5.20
N VAL G 93 -23.11 23.21 -4.89
CA VAL G 93 -24.41 23.74 -5.30
C VAL G 93 -24.39 24.08 -6.78
N SER G 94 -23.20 24.32 -7.35
CA SER G 94 -23.10 24.36 -8.81
C SER G 94 -23.34 22.99 -9.40
N TYR G 95 -22.98 21.93 -8.68
CA TYR G 95 -23.20 20.58 -9.18
C TYR G 95 -24.67 20.20 -9.12
N ALA G 96 -25.35 20.64 -8.06
CA ALA G 96 -26.78 20.44 -7.96
C ALA G 96 -27.53 21.24 -9.01
N LEU G 97 -27.00 22.41 -9.38
CA LEU G 97 -27.68 23.20 -10.37
C LEU G 97 -27.45 22.67 -11.77
N LEU G 98 -26.27 22.10 -12.03
CA LEU G 98 -26.07 21.52 -13.35
C LEU G 98 -26.76 20.18 -13.50
N ALA G 99 -26.92 19.44 -12.40
CA ALA G 99 -27.68 18.21 -12.47
C ALA G 99 -29.17 18.48 -12.56
N GLY G 100 -29.60 19.63 -12.06
CA GLY G 100 -31.02 19.85 -11.86
C GLY G 100 -31.62 18.98 -10.79
N ASP G 101 -30.83 18.56 -9.81
CA ASP G 101 -31.31 17.62 -8.81
C ASP G 101 -30.49 17.81 -7.55
N ALA G 102 -31.16 17.66 -6.41
CA ALA G 102 -30.54 17.79 -5.10
C ALA G 102 -30.00 16.46 -4.57
N SER G 103 -29.43 15.62 -5.42
CA SER G 103 -28.97 14.32 -4.95
C SER G 103 -27.47 14.28 -4.73
N VAL G 104 -26.79 15.43 -4.77
CA VAL G 104 -25.34 15.46 -4.78
C VAL G 104 -24.79 16.29 -3.63
N LEU G 105 -25.51 16.42 -2.53
CA LEU G 105 -25.01 17.16 -1.39
C LEU G 105 -24.89 16.32 -0.13
N GLU G 106 -25.98 15.70 0.30
CA GLU G 106 -26.04 15.06 1.61
C GLU G 106 -25.34 13.71 1.56
N ASP G 107 -25.36 13.05 0.42
CA ASP G 107 -24.51 11.90 0.18
C ASP G 107 -23.07 12.30 -0.07
N ARG G 108 -22.85 13.52 -0.54
CA ARG G 108 -21.56 13.88 -1.05
C ARG G 108 -20.76 14.68 -0.04
N CYS G 109 -21.32 15.77 0.46
CA CYS G 109 -20.52 16.60 1.36
C CYS G 109 -21.15 16.66 2.74
N LEU G 110 -22.44 16.36 2.86
CA LEU G 110 -23.02 16.34 4.19
C LEU G 110 -23.25 14.93 4.70
N ASN G 111 -22.26 14.05 4.53
CA ASN G 111 -22.31 12.72 5.14
C ASN G 111 -21.99 12.89 6.62
N GLY G 112 -23.00 13.26 7.41
CA GLY G 112 -22.78 13.56 8.81
C GLY G 112 -21.96 14.82 9.04
N LEU G 113 -22.36 15.93 8.39
CA LEU G 113 -21.55 17.14 8.32
C LEU G 113 -21.42 17.82 9.67
N LYS G 114 -22.56 18.26 10.22
CA LYS G 114 -22.56 19.10 11.40
C LYS G 114 -22.18 18.35 12.66
N GLU G 115 -22.28 17.02 12.66
CA GLU G 115 -21.80 16.23 13.78
C GLU G 115 -20.29 16.31 13.86
N THR G 116 -19.64 16.26 12.70
CA THR G 116 -18.20 16.46 12.65
C THR G 116 -17.84 17.90 12.93
N TYR G 117 -18.71 18.85 12.60
CA TYR G 117 -18.39 20.24 12.87
C TYR G 117 -18.57 20.58 14.35
N ILE G 118 -19.52 19.93 15.02
CA ILE G 118 -19.64 20.02 16.47
C ILE G 118 -18.48 19.31 17.13
N ALA G 119 -17.97 18.24 16.52
CA ALA G 119 -16.72 17.63 16.96
C ALA G 119 -15.54 18.55 16.71
N LEU G 120 -15.62 19.40 15.69
CA LEU G 120 -14.68 20.49 15.53
C LEU G 120 -15.07 21.70 16.35
N GLY G 121 -16.30 21.75 16.85
CA GLY G 121 -16.74 22.85 17.68
C GLY G 121 -17.24 24.05 16.92
N VAL G 122 -17.70 23.86 15.69
CA VAL G 122 -18.15 24.98 14.86
C VAL G 122 -19.53 25.44 15.31
N PRO G 123 -19.69 26.72 15.63
CA PRO G 123 -21.01 27.21 16.03
C PRO G 123 -21.93 27.36 14.82
N THR G 124 -23.17 26.91 15.00
CA THR G 124 -24.11 26.82 13.89
C THR G 124 -24.63 28.18 13.44
N ASN G 125 -24.60 29.18 14.32
CA ASN G 125 -25.13 30.50 13.99
C ASN G 125 -24.26 31.21 12.95
N SER G 126 -22.96 30.98 13.00
CA SER G 126 -22.05 31.42 11.95
C SER G 126 -22.35 30.73 10.64
N SER G 127 -22.69 29.44 10.70
CA SER G 127 -22.94 28.66 9.51
C SER G 127 -24.22 29.10 8.80
N ILE G 128 -25.28 29.36 9.59
CA ILE G 128 -26.54 29.73 8.98
C ILE G 128 -26.49 31.17 8.46
N ARG G 129 -25.65 32.01 9.07
CA ARG G 129 -25.34 33.33 8.50
C ARG G 129 -24.63 33.20 7.16
N ALA G 130 -23.69 32.24 7.07
CA ALA G 130 -22.87 32.07 5.88
C ALA G 130 -23.71 31.57 4.70
N VAL G 131 -24.58 30.59 4.95
CA VAL G 131 -25.34 30.01 3.85
C VAL G 131 -26.48 30.95 3.45
N SER G 132 -26.98 31.76 4.40
CA SER G 132 -28.04 32.70 4.11
C SER G 132 -27.56 33.83 3.22
N ILE G 133 -26.43 34.43 3.57
CA ILE G 133 -25.96 35.56 2.78
C ILE G 133 -25.37 35.08 1.46
N MET G 134 -24.87 33.85 1.40
CA MET G 134 -24.48 33.31 0.10
C MET G 134 -25.69 32.92 -0.73
N LYS G 135 -26.82 32.63 -0.09
CA LYS G 135 -28.07 32.36 -0.82
C LYS G 135 -28.58 33.63 -1.46
N ALA G 136 -28.62 34.72 -0.69
CA ALA G 136 -29.13 36.00 -1.18
C ALA G 136 -28.22 36.59 -2.25
N GLN G 137 -26.90 36.39 -2.10
CA GLN G 137 -26.03 36.88 -3.16
C GLN G 137 -26.12 36.01 -4.41
N ALA G 138 -26.34 34.70 -4.26
CA ALA G 138 -26.44 33.85 -5.44
C ALA G 138 -27.72 34.08 -6.22
N VAL G 139 -28.82 34.41 -5.54
CA VAL G 139 -30.00 34.77 -6.32
C VAL G 139 -29.87 36.16 -6.91
N ALA G 140 -29.05 37.03 -6.30
CA ALA G 140 -28.71 38.28 -6.96
C ALA G 140 -27.78 38.08 -8.16
N PHE G 141 -27.03 36.99 -8.18
CA PHE G 141 -25.99 36.79 -9.19
C PHE G 141 -26.44 35.92 -10.34
N ILE G 142 -27.54 35.16 -10.19
CA ILE G 142 -28.04 34.43 -11.34
C ILE G 142 -28.75 35.39 -12.29
N THR G 143 -29.38 36.43 -11.76
CA THR G 143 -29.92 37.49 -12.56
C THR G 143 -28.84 38.54 -12.80
N ASN G 144 -29.17 39.56 -13.58
CA ASN G 144 -28.21 40.58 -13.95
C ASN G 144 -28.40 41.84 -13.13
N THR G 145 -28.66 41.66 -11.83
CA THR G 145 -28.89 42.79 -10.94
C THR G 145 -27.67 43.02 -10.06
N ALA G 146 -26.48 42.96 -10.65
CA ALA G 146 -25.25 43.20 -9.92
C ALA G 146 -24.97 44.70 -9.81
N THR G 147 -23.75 45.05 -9.40
CA THR G 147 -23.36 46.46 -9.31
C THR G 147 -23.20 47.06 -10.70
N GLU G 148 -22.22 46.57 -11.46
CA GLU G 148 -22.20 46.83 -12.89
C GLU G 148 -21.82 45.60 -13.70
N ARG G 149 -21.81 44.42 -13.08
CA ARG G 149 -21.43 43.18 -13.77
C ARG G 149 -22.60 42.76 -14.64
N LYS G 150 -22.73 43.39 -15.79
CA LYS G 150 -23.91 43.27 -16.62
C LYS G 150 -23.55 42.44 -17.84
N MET G 151 -23.67 41.13 -17.70
CA MET G 151 -23.40 40.24 -18.81
C MET G 151 -24.57 40.27 -19.78
N SER G 152 -24.33 39.79 -20.98
CA SER G 152 -25.31 39.85 -22.05
C SER G 152 -26.04 38.51 -22.12
N PHE G 153 -27.35 38.58 -22.28
CA PHE G 153 -28.21 37.41 -22.32
C PHE G 153 -29.25 37.66 -23.39
N ALA G 154 -30.14 36.69 -23.54
CA ALA G 154 -31.43 36.98 -24.14
C ALA G 154 -32.41 37.28 -23.01
N ALA G 155 -33.15 38.36 -23.18
CA ALA G 155 -34.00 38.86 -22.10
C ALA G 155 -35.27 38.03 -21.99
N GLY G 156 -35.88 38.10 -20.82
CA GLY G 156 -37.13 37.41 -20.57
C GLY G 156 -37.24 37.02 -19.11
N ASP G 157 -38.08 36.01 -18.87
CA ASP G 157 -38.35 35.51 -17.53
C ASP G 157 -37.41 34.35 -17.24
N CYS G 158 -36.82 34.35 -16.03
CA CYS G 158 -36.04 33.22 -15.57
C CYS G 158 -36.20 32.96 -14.06
N THR G 159 -37.39 33.18 -13.49
CA THR G 159 -37.54 33.06 -12.04
C THR G 159 -37.70 31.61 -11.59
N SER G 160 -37.90 30.68 -12.53
CA SER G 160 -37.88 29.25 -12.21
C SER G 160 -36.50 28.82 -11.74
N LEU G 161 -35.47 29.45 -12.26
CA LEU G 161 -34.11 29.18 -11.82
C LEU G 161 -33.83 29.75 -10.44
N ALA G 162 -34.52 30.83 -10.06
CA ALA G 162 -34.38 31.37 -8.71
C ALA G 162 -35.04 30.46 -7.68
N SER G 163 -36.20 29.88 -8.04
CA SER G 163 -36.83 28.89 -7.18
C SER G 163 -36.03 27.59 -7.14
N GLU G 164 -35.24 27.33 -8.17
CA GLU G 164 -34.37 26.17 -8.21
C GLU G 164 -33.22 26.30 -7.20
N VAL G 165 -32.53 27.44 -7.24
CA VAL G 165 -31.30 27.57 -6.45
C VAL G 165 -31.63 27.78 -4.97
N ALA G 166 -32.79 28.39 -4.69
CA ALA G 166 -33.21 28.60 -3.31
C ALA G 166 -33.65 27.30 -2.67
N SER G 167 -34.17 26.37 -3.48
CA SER G 167 -34.54 25.05 -2.99
C SER G 167 -33.31 24.24 -2.61
N TYR G 168 -32.23 24.41 -3.36
CA TYR G 168 -30.98 23.75 -3.00
C TYR G 168 -30.38 24.40 -1.77
N PHE G 169 -30.60 25.70 -1.61
CA PHE G 169 -30.02 26.41 -0.48
C PHE G 169 -30.75 26.16 0.83
N ASP G 170 -32.07 25.98 0.84
CA ASP G 170 -32.62 25.62 2.14
C ASP G 170 -32.56 24.11 2.36
N ARG G 171 -32.29 23.32 1.31
CA ARG G 171 -31.94 21.93 1.55
C ARG G 171 -30.62 21.80 2.27
N VAL G 172 -29.62 22.59 1.86
CA VAL G 172 -28.36 22.55 2.60
C VAL G 172 -28.50 23.31 3.91
N GLY G 173 -29.36 24.34 3.96
CA GLY G 173 -29.54 25.10 5.18
C GLY G 173 -30.28 24.33 6.26
N ALA G 174 -31.16 23.43 5.86
CA ALA G 174 -31.77 22.55 6.85
C ALA G 174 -30.86 21.40 7.21
N ALA G 175 -30.06 20.91 6.27
CA ALA G 175 -29.25 19.74 6.57
C ALA G 175 -27.97 20.12 7.30
N ILE G 176 -27.59 21.40 7.28
CA ILE G 176 -26.62 21.88 8.26
C ILE G 176 -27.25 22.22 9.59
N SER G 177 -28.57 22.21 9.68
CA SER G 177 -29.23 22.51 10.93
C SER G 177 -29.54 21.23 11.69
N MET H 1 0.24 -25.19 -10.48
CA MET H 1 -0.60 -26.38 -10.49
C MET H 1 -0.90 -26.81 -9.06
N LYS H 2 -2.15 -26.66 -8.65
CA LYS H 2 -2.53 -26.95 -7.27
C LYS H 2 -2.64 -28.45 -7.05
N SER H 3 -1.97 -28.93 -6.02
CA SER H 3 -2.24 -30.21 -5.40
C SER H 3 -2.57 -29.96 -3.92
N VAL H 4 -2.68 -31.04 -3.17
CA VAL H 4 -2.72 -30.97 -1.72
C VAL H 4 -1.38 -30.49 -1.21
N ILE H 5 -0.31 -31.05 -1.78
CA ILE H 5 1.04 -30.83 -1.31
C ILE H 5 1.50 -29.42 -1.65
N THR H 6 1.00 -28.91 -2.77
CA THR H 6 1.26 -27.53 -3.16
C THR H 6 0.59 -26.54 -2.23
N THR H 7 -0.58 -26.90 -1.70
CA THR H 7 -1.27 -26.01 -0.80
C THR H 7 -0.57 -25.92 0.54
N VAL H 8 0.04 -27.02 0.98
CA VAL H 8 0.66 -26.92 2.29
C VAL H 8 2.08 -26.36 2.20
N VAL H 9 2.72 -26.37 1.02
CA VAL H 9 3.98 -25.62 0.99
C VAL H 9 3.66 -24.13 0.89
N SER H 10 2.59 -23.76 0.17
CA SER H 10 2.17 -22.37 0.17
C SER H 10 1.54 -21.96 1.50
N ALA H 11 1.02 -22.93 2.27
CA ALA H 11 0.66 -22.64 3.65
C ALA H 11 1.91 -22.39 4.48
N ALA H 12 2.98 -23.11 4.17
CA ALA H 12 4.24 -22.85 4.85
C ALA H 12 4.94 -21.62 4.29
N ASP H 13 4.49 -21.12 3.15
CA ASP H 13 4.91 -19.79 2.70
C ASP H 13 4.08 -18.71 3.37
N ALA H 14 2.78 -18.96 3.52
CA ALA H 14 1.90 -18.01 4.17
C ALA H 14 2.21 -17.90 5.65
N ALA H 15 2.62 -19.00 6.26
CA ALA H 15 3.26 -18.93 7.56
C ALA H 15 4.65 -18.32 7.45
N GLY H 16 5.35 -18.62 6.35
CA GLY H 16 6.76 -18.33 6.30
C GLY H 16 7.56 -19.16 7.27
N ARG H 17 7.09 -20.37 7.57
CA ARG H 17 7.59 -21.13 8.71
C ARG H 17 7.84 -22.57 8.31
N PHE H 18 8.11 -23.38 9.32
CA PHE H 18 8.70 -24.67 9.11
C PHE H 18 7.65 -25.73 8.80
N PRO H 19 8.03 -26.82 8.10
CA PRO H 19 7.09 -27.93 7.95
C PRO H 19 6.86 -28.68 9.26
N SER H 20 5.73 -28.41 9.86
CA SER H 20 5.27 -29.20 10.98
C SER H 20 4.35 -30.31 10.44
N ASN H 21 3.60 -30.92 11.32
CA ASN H 21 2.57 -31.93 11.14
C ASN H 21 1.30 -31.41 10.51
N SER H 22 1.24 -30.17 10.04
CA SER H 22 0.29 -29.81 8.99
C SER H 22 0.57 -30.63 7.74
N ASP H 23 1.85 -30.77 7.39
CA ASP H 23 2.27 -31.60 6.29
C ASP H 23 2.09 -33.07 6.57
N LEU H 24 2.64 -33.54 7.68
CA LEU H 24 3.22 -34.87 7.78
C LEU H 24 2.21 -36.01 7.83
N GLU H 25 0.92 -35.75 7.67
CA GLU H 25 0.01 -36.86 7.48
C GLU H 25 -0.90 -36.70 6.28
N SER H 26 -0.85 -35.56 5.58
CA SER H 26 -1.53 -35.44 4.31
C SER H 26 -0.92 -36.34 3.25
N ILE H 27 0.38 -36.60 3.35
CA ILE H 27 1.06 -37.49 2.43
C ILE H 27 0.75 -38.94 2.76
N GLN H 28 0.54 -39.24 4.06
CA GLN H 28 0.29 -40.61 4.47
C GLN H 28 -1.11 -41.06 4.06
N GLY H 29 -2.03 -40.10 3.95
CA GLY H 29 -3.29 -40.39 3.30
C GLY H 29 -3.15 -40.71 1.82
N ASN H 30 -2.14 -40.13 1.16
CA ASN H 30 -1.88 -40.52 -0.21
C ASN H 30 -1.21 -41.89 -0.30
N ILE H 31 -0.52 -42.32 0.76
CA ILE H 31 -0.03 -43.70 0.83
C ILE H 31 -1.20 -44.68 0.83
N GLN H 32 -2.28 -44.36 1.55
CA GLN H 32 -3.48 -45.18 1.39
C GLN H 32 -4.20 -44.89 0.08
N ARG H 33 -4.61 -43.64 -0.13
CA ARG H 33 -5.71 -43.38 -1.04
C ARG H 33 -5.28 -43.04 -2.46
N SER H 34 -4.06 -42.55 -2.67
CA SER H 34 -3.61 -42.41 -4.04
C SER H 34 -3.21 -43.77 -4.61
N ALA H 35 -2.78 -44.69 -3.75
CA ALA H 35 -2.69 -46.09 -4.13
C ALA H 35 -4.05 -46.67 -4.45
N ALA H 36 -5.08 -46.21 -3.74
CA ALA H 36 -6.46 -46.56 -4.08
C ALA H 36 -7.07 -45.66 -5.14
N ARG H 37 -6.26 -44.89 -5.88
CA ARG H 37 -6.81 -43.97 -6.87
C ARG H 37 -6.46 -44.38 -8.30
N LEU H 38 -5.21 -44.80 -8.51
CA LEU H 38 -4.55 -44.96 -9.79
C LEU H 38 -5.17 -46.02 -10.71
N GLU H 39 -5.94 -46.96 -10.16
CA GLU H 39 -6.32 -48.16 -10.90
C GLU H 39 -7.44 -47.90 -11.90
N ALA H 40 -8.15 -46.77 -11.76
CA ALA H 40 -9.23 -46.48 -12.70
C ALA H 40 -8.67 -46.05 -14.06
N ALA H 41 -7.50 -45.38 -14.05
CA ALA H 41 -7.07 -44.53 -15.15
C ALA H 41 -6.63 -45.32 -16.37
N GLU H 42 -6.41 -46.63 -16.23
CA GLU H 42 -6.07 -47.46 -17.36
C GLU H 42 -7.29 -47.75 -18.22
N LYS H 43 -8.45 -48.03 -17.60
CA LYS H 43 -9.64 -48.10 -18.42
C LYS H 43 -10.17 -46.73 -18.77
N LEU H 44 -9.79 -45.69 -18.01
CA LEU H 44 -10.09 -44.34 -18.47
C LEU H 44 -9.32 -44.00 -19.73
N ALA H 45 -8.06 -44.44 -19.82
CA ALA H 45 -7.38 -44.43 -21.11
C ALA H 45 -7.89 -45.52 -22.04
N GLY H 46 -8.44 -46.60 -21.50
CA GLY H 46 -8.96 -47.68 -22.33
C GLY H 46 -10.32 -47.40 -22.93
N ASN H 47 -11.13 -46.56 -22.30
CA ASN H 47 -12.44 -46.23 -22.83
C ASN H 47 -12.45 -44.90 -23.54
N HIS H 48 -11.28 -44.24 -23.64
CA HIS H 48 -11.18 -42.83 -24.03
C HIS H 48 -11.59 -42.59 -25.48
N GLU H 49 -11.52 -43.62 -26.30
CA GLU H 49 -11.95 -43.55 -27.68
C GLU H 49 -13.43 -43.88 -27.82
N ALA H 50 -14.10 -44.33 -26.76
CA ALA H 50 -15.48 -44.78 -26.85
C ALA H 50 -16.43 -44.03 -25.93
N VAL H 51 -15.91 -43.31 -24.93
CA VAL H 51 -16.78 -42.51 -24.10
C VAL H 51 -17.23 -41.26 -24.85
N VAL H 52 -16.48 -40.87 -25.88
CA VAL H 52 -16.85 -39.75 -26.73
C VAL H 52 -18.07 -40.08 -27.57
N LYS H 53 -18.11 -41.27 -28.19
CA LYS H 53 -19.23 -41.60 -29.04
C LYS H 53 -20.50 -41.93 -28.26
N GLU H 54 -20.39 -42.26 -26.98
CA GLU H 54 -21.65 -42.25 -26.25
C GLU H 54 -22.05 -40.83 -25.83
N ALA H 55 -21.13 -40.07 -25.23
CA ALA H 55 -21.54 -38.84 -24.55
C ALA H 55 -21.86 -37.71 -25.53
N GLY H 56 -21.00 -37.48 -26.52
CA GLY H 56 -21.24 -36.38 -27.45
C GLY H 56 -22.38 -36.67 -28.40
N ASP H 57 -22.61 -37.94 -28.70
CA ASP H 57 -23.73 -38.27 -29.56
C ASP H 57 -25.03 -38.33 -28.75
N ALA H 58 -24.94 -38.56 -27.44
CA ALA H 58 -26.12 -38.32 -26.61
C ALA H 58 -26.39 -36.84 -26.42
N CYS H 59 -25.38 -36.00 -26.59
CA CYS H 59 -25.66 -34.57 -26.62
C CYS H 59 -26.19 -34.14 -27.97
N PHE H 60 -25.85 -34.89 -29.02
CA PHE H 60 -26.58 -34.75 -30.27
C PHE H 60 -27.99 -35.27 -30.15
N ALA H 61 -28.21 -36.29 -29.33
CA ALA H 61 -29.56 -36.71 -29.00
C ALA H 61 -30.24 -35.66 -28.14
N LYS H 62 -29.47 -34.94 -27.34
CA LYS H 62 -30.00 -33.78 -26.65
C LYS H 62 -30.22 -32.61 -27.58
N TYR H 63 -29.22 -32.26 -28.38
CA TYR H 63 -29.21 -31.03 -29.17
C TYR H 63 -28.96 -31.40 -30.62
N ALA H 64 -30.02 -31.44 -31.43
CA ALA H 64 -29.94 -31.88 -32.81
C ALA H 64 -30.34 -30.82 -33.83
N TYR H 65 -30.55 -29.58 -33.40
CA TYR H 65 -31.08 -28.49 -34.21
C TYR H 65 -30.02 -27.82 -35.07
N LEU H 66 -28.81 -28.35 -35.10
CA LEU H 66 -27.63 -27.59 -35.45
C LEU H 66 -27.41 -27.40 -36.93
N LYS H 67 -28.36 -27.77 -37.79
CA LYS H 67 -28.21 -27.65 -39.24
C LYS H 67 -28.11 -26.21 -39.71
N ASN H 68 -28.71 -25.26 -38.99
CA ASN H 68 -28.81 -23.91 -39.51
C ASN H 68 -27.51 -23.14 -39.29
N PRO H 69 -27.04 -22.38 -40.27
CA PRO H 69 -25.81 -21.60 -40.10
C PRO H 69 -26.05 -20.39 -39.21
N GLY H 70 -24.96 -19.93 -38.59
CA GLY H 70 -25.05 -19.01 -37.47
C GLY H 70 -25.14 -19.72 -36.15
N GLU H 71 -25.21 -21.03 -36.15
CA GLU H 71 -25.20 -21.90 -34.99
C GLU H 71 -23.92 -22.73 -35.01
N ALA H 72 -23.80 -23.65 -34.06
CA ALA H 72 -22.51 -24.25 -33.77
C ALA H 72 -22.18 -25.45 -34.63
N GLY H 73 -23.12 -26.37 -34.83
CA GLY H 73 -22.81 -27.59 -35.53
C GLY H 73 -23.29 -27.60 -36.96
N GLU H 74 -23.05 -26.50 -37.68
CA GLU H 74 -23.59 -26.37 -39.04
C GLU H 74 -22.80 -27.18 -40.08
N ASN H 75 -21.64 -27.72 -39.71
CA ASN H 75 -20.94 -28.66 -40.56
C ASN H 75 -20.35 -29.76 -39.69
N GLN H 76 -19.93 -30.84 -40.35
CA GLN H 76 -19.45 -32.03 -39.62
C GLN H 76 -18.04 -31.83 -39.09
N GLU H 77 -17.31 -30.84 -39.60
CA GLU H 77 -16.00 -30.51 -39.05
C GLU H 77 -16.14 -29.89 -37.68
N LYS H 78 -17.24 -29.17 -37.45
CA LYS H 78 -17.57 -28.74 -36.10
C LYS H 78 -17.88 -29.92 -35.20
N ILE H 79 -18.43 -30.98 -35.77
CA ILE H 79 -18.82 -32.14 -34.97
C ILE H 79 -17.60 -32.98 -34.62
N ASN H 80 -16.61 -33.07 -35.52
CA ASN H 80 -15.44 -33.83 -35.12
C ASN H 80 -14.47 -32.98 -34.29
N LYS H 81 -14.61 -31.64 -34.31
CA LYS H 81 -13.90 -30.94 -33.26
C LYS H 81 -14.67 -30.86 -31.95
N CYS H 82 -15.98 -31.16 -31.93
CA CYS H 82 -16.63 -31.49 -30.67
C CYS H 82 -16.00 -32.73 -30.06
N TYR H 83 -15.71 -33.72 -30.90
CA TYR H 83 -15.05 -34.94 -30.47
C TYR H 83 -13.65 -34.64 -29.95
N ARG H 84 -12.95 -33.71 -30.63
CA ARG H 84 -11.64 -33.25 -30.19
C ARG H 84 -11.74 -32.46 -28.89
N ASP H 85 -12.86 -31.76 -28.66
CA ASP H 85 -13.07 -31.01 -27.42
C ASP H 85 -13.20 -31.95 -26.24
N VAL H 86 -14.13 -32.90 -26.34
CA VAL H 86 -14.38 -33.77 -25.21
C VAL H 86 -13.29 -34.79 -25.01
N ASP H 87 -12.45 -35.06 -26.04
CA ASP H 87 -11.21 -35.83 -25.90
C ASP H 87 -10.31 -35.29 -24.79
N HIS H 88 -10.05 -34.01 -24.85
CA HIS H 88 -9.27 -33.36 -23.82
C HIS H 88 -10.06 -33.15 -22.54
N TYR H 89 -11.39 -33.20 -22.60
CA TYR H 89 -12.18 -33.17 -21.35
C TYR H 89 -11.91 -34.40 -20.48
N MET H 90 -12.07 -35.63 -21.01
CA MET H 90 -11.73 -36.73 -20.10
C MET H 90 -10.23 -36.94 -19.99
N ARG H 91 -9.43 -36.33 -20.86
CA ARG H 91 -8.00 -36.36 -20.62
C ARG H 91 -7.63 -35.47 -19.46
N LEU H 92 -8.35 -34.35 -19.29
CA LEU H 92 -8.04 -33.53 -18.12
C LEU H 92 -8.59 -34.14 -16.85
N VAL H 93 -9.72 -34.87 -16.91
CA VAL H 93 -10.15 -35.54 -15.68
C VAL H 93 -9.28 -36.75 -15.36
N ASN H 94 -8.58 -37.32 -16.36
CA ASN H 94 -7.47 -38.21 -16.06
C ASN H 94 -6.34 -37.49 -15.34
N TYR H 95 -6.14 -36.21 -15.67
CA TYR H 95 -5.02 -35.50 -15.05
C TYR H 95 -5.35 -35.10 -13.62
N CYS H 96 -6.57 -34.60 -13.37
CA CYS H 96 -6.89 -34.20 -12.00
C CYS H 96 -7.27 -35.38 -11.13
N LEU H 97 -7.47 -36.55 -11.73
CA LEU H 97 -7.38 -37.76 -10.94
C LEU H 97 -5.99 -37.90 -10.34
N VAL H 98 -4.97 -37.96 -11.17
CA VAL H 98 -3.67 -38.42 -10.70
C VAL H 98 -2.89 -37.35 -9.96
N VAL H 99 -3.32 -36.09 -9.99
CA VAL H 99 -2.71 -35.17 -9.04
C VAL H 99 -3.50 -35.14 -7.73
N GLY H 100 -4.81 -35.30 -7.79
CA GLY H 100 -5.65 -35.10 -6.60
C GLY H 100 -6.17 -33.70 -6.41
N GLY H 101 -5.30 -32.69 -6.45
CA GLY H 101 -5.72 -31.31 -6.32
C GLY H 101 -6.43 -30.81 -7.56
N THR H 102 -7.03 -29.62 -7.42
CA THR H 102 -7.89 -29.11 -8.48
C THR H 102 -7.18 -28.15 -9.41
N GLY H 103 -5.85 -28.14 -9.40
CA GLY H 103 -5.05 -27.33 -10.29
C GLY H 103 -5.26 -27.53 -11.79
N PRO H 104 -5.18 -28.77 -12.28
CA PRO H 104 -5.61 -29.02 -13.66
C PRO H 104 -7.10 -28.86 -13.89
N LEU H 105 -7.94 -28.89 -12.86
CA LEU H 105 -9.25 -28.32 -13.08
C LEU H 105 -9.16 -26.81 -13.22
N ASP H 106 -8.59 -26.13 -12.20
CA ASP H 106 -8.75 -24.68 -12.06
C ASP H 106 -8.05 -23.90 -13.17
N GLU H 107 -6.72 -24.02 -13.25
CA GLU H 107 -6.00 -23.20 -14.21
C GLU H 107 -6.11 -23.74 -15.62
N TRP H 108 -6.57 -24.98 -15.78
CA TRP H 108 -6.54 -25.62 -17.08
C TRP H 108 -7.91 -26.01 -17.61
N GLY H 109 -8.98 -25.85 -16.84
CA GLY H 109 -10.31 -25.97 -17.39
C GLY H 109 -11.24 -24.85 -16.97
N ILE H 110 -10.93 -24.20 -15.85
CA ILE H 110 -11.84 -23.24 -15.24
C ILE H 110 -11.34 -21.83 -15.46
N ALA H 111 -10.02 -21.66 -15.53
CA ALA H 111 -9.43 -20.41 -16.00
C ALA H 111 -9.76 -20.28 -17.47
N GLY H 112 -10.73 -19.43 -17.79
CA GLY H 112 -11.32 -19.46 -19.10
C GLY H 112 -12.44 -20.46 -19.15
N ALA H 113 -13.48 -20.26 -18.35
CA ALA H 113 -14.69 -21.07 -18.47
C ALA H 113 -15.92 -20.20 -18.69
N ARG H 114 -16.09 -19.13 -17.91
CA ARG H 114 -17.36 -18.43 -17.79
C ARG H 114 -17.70 -17.54 -18.98
N GLU H 115 -16.74 -17.30 -19.86
CA GLU H 115 -16.87 -16.27 -20.87
C GLU H 115 -16.42 -16.72 -22.24
N VAL H 116 -15.73 -17.87 -22.30
CA VAL H 116 -14.95 -18.20 -23.47
C VAL H 116 -15.85 -18.67 -24.61
N TYR H 117 -16.77 -19.58 -24.32
CA TYR H 117 -17.72 -20.09 -25.29
C TYR H 117 -18.96 -19.23 -25.28
N ARG H 118 -19.07 -18.36 -24.29
CA ARG H 118 -20.00 -17.24 -24.37
C ARG H 118 -19.66 -16.35 -25.55
N THR H 119 -18.41 -15.89 -25.61
CA THR H 119 -17.95 -15.13 -26.77
C THR H 119 -17.76 -16.01 -27.99
N LEU H 120 -17.51 -17.30 -27.82
CA LEU H 120 -17.41 -18.19 -28.97
C LEU H 120 -18.77 -18.77 -29.34
N ASN H 121 -19.83 -18.31 -28.66
CA ASN H 121 -21.24 -18.58 -28.97
C ASN H 121 -21.57 -20.07 -28.84
N LEU H 122 -21.01 -20.72 -27.83
CA LEU H 122 -21.35 -22.11 -27.64
C LEU H 122 -21.91 -22.32 -26.25
N PRO H 123 -22.96 -23.11 -26.10
CA PRO H 123 -23.50 -23.36 -24.76
C PRO H 123 -22.70 -24.39 -23.98
N THR H 124 -22.57 -24.16 -22.69
CA THR H 124 -22.01 -25.17 -21.80
C THR H 124 -23.05 -26.15 -21.30
N SER H 125 -24.30 -26.02 -21.74
CA SER H 125 -25.34 -26.94 -21.33
C SER H 125 -25.12 -28.33 -21.89
N ALA H 126 -24.56 -28.44 -23.10
CA ALA H 126 -24.16 -29.75 -23.59
C ALA H 126 -22.88 -30.21 -22.91
N TYR H 127 -22.00 -29.26 -22.57
CA TYR H 127 -20.79 -29.55 -21.82
C TYR H 127 -21.09 -30.07 -20.42
N VAL H 128 -22.25 -29.72 -19.87
CA VAL H 128 -22.63 -30.36 -18.63
C VAL H 128 -23.52 -31.58 -18.84
N ALA H 129 -24.21 -31.68 -20.00
CA ALA H 129 -25.16 -32.78 -20.17
C ALA H 129 -24.48 -34.09 -20.51
N SER H 130 -23.38 -34.04 -21.26
CA SER H 130 -22.62 -35.26 -21.57
C SER H 130 -21.99 -35.84 -20.31
N ILE H 131 -21.55 -34.97 -19.43
CA ILE H 131 -20.99 -35.43 -18.17
C ILE H 131 -22.13 -35.77 -17.20
N ALA H 132 -23.32 -35.21 -17.43
CA ALA H 132 -24.50 -35.63 -16.69
C ALA H 132 -24.99 -37.01 -17.11
N TYR H 133 -24.65 -37.46 -18.32
CA TYR H 133 -24.77 -38.88 -18.60
C TYR H 133 -23.78 -39.68 -17.77
N THR H 134 -22.56 -39.19 -17.64
CA THR H 134 -21.56 -39.94 -16.88
C THR H 134 -21.62 -39.68 -15.37
N ARG H 135 -22.75 -39.24 -14.82
CA ARG H 135 -22.94 -39.12 -13.38
C ARG H 135 -22.87 -40.46 -12.67
N ASP H 136 -23.92 -41.25 -12.82
CA ASP H 136 -23.99 -42.54 -12.19
C ASP H 136 -23.57 -43.63 -13.17
N ARG H 137 -23.15 -43.23 -14.38
CA ARG H 137 -22.60 -44.19 -15.32
C ARG H 137 -21.21 -44.59 -14.85
N LEU H 138 -21.20 -45.61 -14.00
CA LEU H 138 -20.09 -46.22 -13.27
C LEU H 138 -20.67 -47.43 -12.56
N CYS H 139 -19.82 -48.39 -12.21
CA CYS H 139 -20.31 -49.58 -11.51
C CYS H 139 -19.32 -50.00 -10.43
N VAL H 140 -19.61 -49.60 -9.20
CA VAL H 140 -18.76 -49.82 -8.02
C VAL H 140 -18.53 -51.26 -7.54
N PRO H 141 -19.32 -52.32 -7.89
CA PRO H 141 -18.75 -53.67 -7.71
C PRO H 141 -18.07 -54.22 -8.96
N ARG H 142 -18.33 -53.58 -10.09
CA ARG H 142 -18.29 -54.18 -11.41
C ARG H 142 -17.34 -53.48 -12.38
N ASP H 143 -17.37 -52.15 -12.46
CA ASP H 143 -16.37 -51.45 -13.27
C ASP H 143 -15.05 -51.40 -12.52
N MET H 144 -15.06 -50.70 -11.39
CA MET H 144 -13.94 -50.66 -10.45
C MET H 144 -14.54 -50.73 -9.04
N SER H 145 -13.72 -50.40 -8.05
CA SER H 145 -14.13 -50.54 -6.65
C SER H 145 -15.05 -49.40 -6.24
N ALA H 146 -15.59 -49.55 -5.04
CA ALA H 146 -16.39 -48.50 -4.41
C ALA H 146 -15.55 -47.50 -3.62
N GLN H 147 -14.23 -47.59 -3.74
CA GLN H 147 -13.32 -46.75 -2.97
C GLN H 147 -12.77 -45.58 -3.76
N ALA H 148 -12.95 -45.56 -5.09
CA ALA H 148 -12.50 -44.43 -5.88
C ALA H 148 -13.50 -43.95 -6.92
N GLY H 149 -14.56 -44.71 -7.18
CA GLY H 149 -15.49 -44.32 -8.23
C GLY H 149 -16.39 -43.17 -7.79
N VAL H 150 -16.68 -43.08 -6.50
CA VAL H 150 -17.47 -41.97 -6.00
C VAL H 150 -16.60 -40.73 -5.94
N GLU H 151 -15.29 -40.92 -5.78
CA GLU H 151 -14.37 -39.81 -5.81
C GLU H 151 -14.14 -39.36 -7.24
N PHE H 152 -14.11 -40.33 -8.17
CA PHE H 152 -14.10 -40.04 -9.60
C PHE H 152 -15.34 -39.28 -10.00
N SER H 153 -16.49 -39.67 -9.43
CA SER H 153 -17.73 -38.93 -9.60
C SER H 153 -17.60 -37.53 -9.00
N ALA H 154 -16.91 -37.42 -7.86
CA ALA H 154 -16.74 -36.13 -7.20
C ALA H 154 -15.81 -35.21 -7.98
N TYR H 155 -14.85 -35.81 -8.70
CA TYR H 155 -13.93 -35.08 -9.57
C TYR H 155 -14.68 -34.39 -10.68
N LEU H 156 -15.39 -35.16 -11.48
CA LEU H 156 -16.04 -34.55 -12.62
C LEU H 156 -17.39 -33.94 -12.30
N ASP H 157 -17.84 -33.95 -11.04
CA ASP H 157 -19.00 -33.12 -10.70
C ASP H 157 -18.63 -31.82 -10.02
N TYR H 158 -17.45 -31.77 -9.36
CA TYR H 158 -16.87 -30.47 -9.03
C TYR H 158 -16.55 -29.68 -10.28
N LEU H 159 -16.15 -30.39 -11.35
CA LEU H 159 -16.06 -29.83 -12.69
C LEU H 159 -17.37 -29.20 -13.16
N ILE H 160 -18.51 -29.82 -12.87
CA ILE H 160 -19.76 -29.30 -13.41
C ILE H 160 -20.29 -28.19 -12.53
N ASN H 161 -20.06 -28.31 -11.22
CA ASN H 161 -20.36 -27.23 -10.28
C ASN H 161 -19.51 -26.00 -10.55
N ALA H 162 -18.29 -26.23 -11.02
CA ALA H 162 -17.49 -25.14 -11.56
C ALA H 162 -18.04 -24.65 -12.89
N LEU H 163 -18.51 -25.57 -13.75
CA LEU H 163 -19.13 -25.16 -15.00
C LEU H 163 -20.50 -24.54 -14.79
N SER H 164 -21.18 -24.89 -13.71
CA SER H 164 -22.39 -24.19 -13.34
C SER H 164 -22.08 -23.28 -12.17
N MET I 1 2.99 -24.51 -8.06
CA MET I 1 4.14 -24.61 -8.95
C MET I 1 4.14 -25.96 -9.65
N LEU I 2 5.18 -26.77 -9.45
CA LEU I 2 5.24 -28.05 -10.15
C LEU I 2 5.80 -29.13 -9.23
N ASP I 3 5.63 -30.37 -9.67
CA ASP I 3 5.91 -31.56 -8.88
C ASP I 3 6.41 -32.66 -9.81
N ALA I 4 6.91 -33.74 -9.20
CA ALA I 4 7.19 -34.97 -9.93
C ALA I 4 5.91 -35.60 -10.46
N PHE I 5 4.79 -35.40 -9.75
CA PHE I 5 3.47 -35.76 -10.27
C PHE I 5 2.99 -34.79 -11.34
N SER I 6 3.67 -33.67 -11.55
CA SER I 6 3.26 -32.71 -12.55
C SER I 6 4.13 -32.72 -13.80
N ARG I 7 5.44 -32.93 -13.68
CA ARG I 7 6.26 -32.96 -14.90
C ARG I 7 6.07 -34.22 -15.71
N VAL I 8 5.50 -35.28 -15.11
CA VAL I 8 4.97 -36.38 -15.91
C VAL I 8 3.76 -35.96 -16.72
N VAL I 9 3.07 -34.88 -16.35
CA VAL I 9 1.97 -34.40 -17.16
C VAL I 9 2.48 -33.46 -18.24
N VAL I 10 3.54 -32.68 -17.91
CA VAL I 10 3.97 -31.65 -18.87
C VAL I 10 4.71 -32.27 -20.04
N ASN I 11 5.34 -33.44 -19.87
CA ASN I 11 5.85 -34.07 -21.07
C ASN I 11 4.82 -34.94 -21.76
N SER I 12 3.75 -35.33 -21.05
CA SER I 12 2.69 -36.12 -21.65
C SER I 12 1.88 -35.28 -22.63
N ASP I 13 1.49 -34.08 -22.21
CA ASP I 13 0.79 -33.16 -23.08
C ASP I 13 1.74 -32.42 -24.02
N ALA I 14 3.05 -32.53 -23.81
CA ALA I 14 3.97 -32.14 -24.88
C ALA I 14 3.93 -33.11 -26.04
N LYS I 15 3.52 -34.35 -25.81
CA LYS I 15 3.36 -35.34 -26.88
C LYS I 15 1.89 -35.55 -27.24
N ALA I 16 0.97 -34.93 -26.50
CA ALA I 16 -0.44 -35.34 -26.35
C ALA I 16 -0.57 -36.83 -26.06
N ALA I 17 0.27 -37.35 -25.17
CA ALA I 17 0.31 -38.77 -24.90
C ALA I 17 -0.46 -39.06 -23.62
N TYR I 18 -0.51 -40.34 -23.25
CA TYR I 18 -1.16 -40.69 -22.00
C TYR I 18 -0.19 -40.44 -20.86
N VAL I 19 -0.76 -40.27 -19.68
CA VAL I 19 -0.05 -40.65 -18.47
C VAL I 19 -0.77 -41.87 -17.94
N GLY I 20 -0.01 -42.88 -17.57
CA GLY I 20 -0.58 -44.20 -17.34
C GLY I 20 0.52 -45.22 -17.19
N GLY I 21 0.29 -46.40 -17.75
CA GLY I 21 1.19 -47.50 -17.51
C GLY I 21 2.44 -47.56 -18.39
N SER I 22 3.14 -46.44 -18.50
CA SER I 22 4.49 -46.39 -19.05
C SER I 22 5.49 -45.78 -18.09
N ASP I 23 5.12 -44.72 -17.39
CA ASP I 23 5.94 -44.24 -16.29
C ASP I 23 5.48 -44.76 -14.95
N LEU I 24 4.44 -45.62 -14.93
CA LEU I 24 3.76 -46.01 -13.71
C LEU I 24 4.63 -46.80 -12.76
N GLN I 25 5.61 -47.53 -13.28
CA GLN I 25 6.51 -48.28 -12.41
C GLN I 25 7.38 -47.34 -11.58
N ALA I 26 7.74 -46.17 -12.12
CA ALA I 26 8.37 -45.14 -11.32
C ALA I 26 7.38 -44.48 -10.38
N LEU I 27 6.10 -44.48 -10.72
CA LEU I 27 5.10 -43.77 -9.93
C LEU I 27 4.74 -44.52 -8.65
N LYS I 28 4.46 -45.83 -8.75
CA LYS I 28 4.15 -46.58 -7.54
C LYS I 28 5.40 -46.78 -6.71
N SER I 29 6.56 -46.93 -7.35
CA SER I 29 7.79 -46.96 -6.60
C SER I 29 8.27 -45.58 -6.19
N PHE I 30 7.62 -44.51 -6.64
CA PHE I 30 7.80 -43.26 -5.92
C PHE I 30 7.12 -43.33 -4.57
N ILE I 31 5.83 -43.64 -4.55
CA ILE I 31 5.07 -43.63 -3.30
C ILE I 31 5.33 -44.86 -2.43
N ALA I 32 6.07 -45.85 -2.91
CA ALA I 32 6.45 -46.95 -2.04
C ALA I 32 7.43 -46.50 -0.97
N ASP I 33 8.29 -45.55 -1.30
CA ASP I 33 9.25 -44.98 -0.36
C ASP I 33 8.86 -43.58 0.06
N GLY I 34 7.57 -43.30 0.15
CA GLY I 34 7.15 -42.01 0.67
C GLY I 34 7.37 -41.89 2.15
N ASN I 35 7.13 -42.98 2.89
CA ASN I 35 7.49 -43.05 4.30
C ASN I 35 8.99 -42.98 4.51
N LYS I 36 9.75 -43.47 3.53
CA LYS I 36 11.20 -43.32 3.55
C LYS I 36 11.61 -41.87 3.38
N ARG I 37 10.87 -41.12 2.55
CA ARG I 37 11.14 -39.68 2.45
C ARG I 37 10.74 -38.96 3.71
N LEU I 38 9.71 -39.44 4.39
CA LEU I 38 9.29 -38.84 5.64
C LEU I 38 10.28 -39.16 6.74
N ASP I 39 10.81 -40.39 6.71
CA ASP I 39 11.92 -40.80 7.56
C ASP I 39 13.17 -39.96 7.28
N ALA I 40 13.33 -39.44 6.07
CA ALA I 40 14.43 -38.52 5.81
C ALA I 40 14.14 -37.12 6.33
N VAL I 41 12.95 -36.59 6.05
CA VAL I 41 12.79 -35.15 6.17
C VAL I 41 12.53 -34.70 7.59
N ASN I 42 12.10 -35.59 8.48
CA ASN I 42 12.01 -35.15 9.87
C ASN I 42 13.37 -35.13 10.55
N SER I 43 14.35 -35.83 10.00
CA SER I 43 15.73 -35.61 10.42
C SER I 43 16.26 -34.27 9.96
N ILE I 44 15.74 -33.77 8.85
CA ILE I 44 16.19 -32.48 8.34
C ILE I 44 15.62 -31.33 9.16
N VAL I 45 14.37 -31.45 9.63
CA VAL I 45 13.80 -30.38 10.45
C VAL I 45 14.26 -30.44 11.89
N SER I 46 15.04 -31.45 12.28
CA SER I 46 15.45 -31.63 13.66
C SER I 46 16.52 -30.63 14.07
N ASN I 47 17.49 -30.37 13.21
CA ASN I 47 18.63 -29.57 13.62
C ASN I 47 18.93 -28.51 12.57
N ALA I 48 17.89 -27.81 12.14
CA ALA I 48 18.03 -26.80 11.10
C ALA I 48 18.79 -25.59 11.57
N SER I 49 18.57 -25.19 12.81
CA SER I 49 19.40 -24.14 13.38
C SER I 49 20.80 -24.63 13.65
N CYS I 50 20.94 -25.92 13.98
CA CYS I 50 22.28 -26.50 14.05
C CYS I 50 22.89 -26.67 12.66
N MET I 51 22.05 -26.85 11.63
CA MET I 51 22.56 -26.96 10.27
C MET I 51 23.16 -25.64 9.82
N VAL I 52 22.42 -24.56 10.01
CA VAL I 52 22.92 -23.25 9.59
C VAL I 52 24.01 -22.74 10.53
N SER I 53 24.02 -23.19 11.79
CA SER I 53 25.11 -22.79 12.68
C SER I 53 26.39 -23.51 12.33
N ASP I 54 26.30 -24.79 11.96
CA ASP I 54 27.46 -25.53 11.48
C ASP I 54 28.00 -24.95 10.19
N ALA I 55 27.09 -24.52 9.30
CA ALA I 55 27.48 -23.98 8.01
C ALA I 55 28.22 -22.66 8.17
N VAL I 56 27.69 -21.75 9.00
CA VAL I 56 28.34 -20.46 9.11
C VAL I 56 29.60 -20.55 9.97
N SER I 57 29.65 -21.48 10.95
CA SER I 57 30.84 -21.57 11.79
C SER I 57 32.00 -22.23 11.06
N GLY I 58 31.71 -23.21 10.19
CA GLY I 58 32.74 -23.74 9.33
C GLY I 58 33.19 -22.74 8.28
N MET I 59 32.29 -21.84 7.87
CA MET I 59 32.69 -20.77 6.96
C MET I 59 33.64 -19.78 7.61
N ILE I 60 33.54 -19.60 8.93
CA ILE I 60 34.62 -18.82 9.57
C ILE I 60 35.81 -19.70 9.91
N CYS I 61 35.65 -21.04 9.87
CA CYS I 61 36.78 -21.91 10.21
C CYS I 61 37.86 -21.89 9.14
N GLU I 62 37.56 -22.33 7.92
CA GLU I 62 38.57 -22.14 6.89
C GLU I 62 38.27 -21.00 5.94
N ASN I 63 37.50 -20.00 6.37
CA ASN I 63 37.71 -18.70 5.74
C ASN I 63 37.67 -17.58 6.77
N PRO I 64 38.77 -16.86 7.01
CA PRO I 64 38.68 -15.60 7.73
C PRO I 64 38.51 -14.39 6.83
N GLY I 65 38.28 -14.60 5.53
CA GLY I 65 38.25 -13.51 4.59
C GLY I 65 36.98 -12.69 4.64
N LEU I 66 35.87 -13.32 5.04
CA LEU I 66 34.64 -12.55 5.18
C LEU I 66 34.70 -11.69 6.44
N ILE I 67 35.23 -12.24 7.53
CA ILE I 67 35.27 -11.56 8.83
C ILE I 67 36.45 -10.60 8.94
N SER I 68 37.22 -10.43 7.86
CA SER I 68 38.17 -9.35 7.75
C SER I 68 37.46 -8.00 7.86
N PRO I 69 38.00 -7.06 8.63
CA PRO I 69 37.33 -5.77 8.80
C PRO I 69 37.41 -4.93 7.54
N GLY I 70 36.27 -4.41 7.13
CA GLY I 70 36.15 -3.87 5.80
C GLY I 70 36.04 -4.94 4.73
N GLY I 71 35.67 -6.16 5.11
CA GLY I 71 35.49 -7.23 4.16
C GLY I 71 34.06 -7.28 3.68
N CYS I 73 31.45 -9.84 4.38
CA CYS I 73 30.53 -10.25 5.42
C CYS I 73 31.23 -10.29 6.77
N TYR I 74 31.39 -9.11 7.37
CA TYR I 74 32.02 -9.00 8.68
C TYR I 74 31.14 -8.28 9.69
N THR I 75 29.89 -7.99 9.36
CA THR I 75 28.98 -7.32 10.27
C THR I 75 27.88 -8.30 10.65
N ASN I 76 27.35 -8.10 11.87
CA ASN I 76 26.27 -8.93 12.40
C ASN I 76 24.96 -8.72 11.64
N ARG I 77 24.79 -7.56 11.01
CA ARG I 77 23.75 -7.37 10.02
C ARG I 77 23.95 -8.30 8.82
N ARG I 78 25.19 -8.60 8.48
CA ARG I 78 25.44 -9.48 7.34
C ARG I 78 25.54 -10.93 7.79
N MET I 79 25.82 -11.17 9.07
CA MET I 79 25.66 -12.52 9.55
C MET I 79 24.20 -12.85 9.79
N ALA I 80 23.38 -11.83 10.06
CA ALA I 80 21.93 -12.02 10.02
C ALA I 80 21.45 -12.19 8.58
N ALA I 81 22.18 -11.59 7.64
CA ALA I 81 21.87 -11.83 6.24
C ALA I 81 22.14 -13.28 5.85
N CYS I 82 23.32 -13.83 6.08
CA CYS I 82 23.47 -15.26 5.82
C CYS I 82 22.97 -16.17 6.94
N LEU I 83 22.35 -15.60 7.97
CA LEU I 83 21.34 -16.36 8.66
C LEU I 83 20.20 -16.68 7.73
N ARG I 84 19.51 -15.61 7.23
CA ARG I 84 18.45 -15.71 6.23
C ARG I 84 18.91 -16.43 4.97
N ASP I 85 19.99 -15.91 4.34
CA ASP I 85 20.55 -16.39 3.08
C ASP I 85 21.07 -17.82 3.14
N GLY I 86 21.17 -18.42 4.33
CA GLY I 86 21.25 -19.85 4.44
C GLY I 86 19.93 -20.54 4.73
N GLU I 87 19.12 -19.97 5.63
CA GLU I 87 18.02 -20.74 6.19
C GLU I 87 16.85 -20.84 5.23
N ILE I 88 16.66 -19.82 4.40
CA ILE I 88 15.48 -19.84 3.56
C ILE I 88 15.75 -20.74 2.36
N ILE I 89 17.02 -20.92 1.98
CA ILE I 89 17.25 -21.91 0.94
C ILE I 89 17.29 -23.29 1.55
N LEU I 90 17.52 -23.40 2.85
CA LEU I 90 17.35 -24.71 3.48
C LEU I 90 15.89 -25.09 3.54
N ARG I 91 15.03 -24.10 3.80
CA ARG I 91 13.59 -24.23 3.60
C ARG I 91 13.26 -24.62 2.17
N TYR I 92 13.92 -24.02 1.18
CA TYR I 92 13.61 -24.31 -0.21
C TYR I 92 14.12 -25.67 -0.67
N VAL I 93 15.24 -26.14 -0.15
CA VAL I 93 15.66 -27.49 -0.54
C VAL I 93 14.85 -28.53 0.22
N SER I 94 14.29 -28.16 1.37
CA SER I 94 13.29 -29.01 1.99
C SER I 94 12.02 -29.04 1.15
N TYR I 95 11.72 -27.94 0.44
CA TYR I 95 10.53 -27.90 -0.40
C TYR I 95 10.73 -28.74 -1.65
N ALA I 96 11.95 -28.71 -2.19
CA ALA I 96 12.27 -29.55 -3.34
C ALA I 96 12.28 -31.02 -2.95
N LEU I 97 12.65 -31.32 -1.70
CA LEU I 97 12.68 -32.71 -1.29
C LEU I 97 11.29 -33.23 -0.99
N LEU I 98 10.40 -32.36 -0.48
CA LEU I 98 9.05 -32.84 -0.25
C LEU I 98 8.24 -32.90 -1.53
N ALA I 99 8.56 -32.05 -2.50
CA ALA I 99 7.89 -32.16 -3.79
C ALA I 99 8.42 -33.34 -4.57
N GLY I 100 9.66 -33.75 -4.30
CA GLY I 100 10.32 -34.68 -5.18
C GLY I 100 10.65 -34.10 -6.53
N ASP I 101 10.85 -32.79 -6.63
CA ASP I 101 11.05 -32.14 -7.90
C ASP I 101 11.82 -30.85 -7.69
N ALA I 102 12.70 -30.56 -8.64
CA ALA I 102 13.53 -29.36 -8.60
C ALA I 102 12.87 -28.16 -9.28
N SER I 103 11.56 -27.99 -9.14
CA SER I 103 10.90 -26.90 -9.83
C SER I 103 10.62 -25.71 -8.94
N VAL I 104 11.16 -25.70 -7.72
CA VAL I 104 10.79 -24.72 -6.72
C VAL I 104 11.97 -23.92 -6.22
N LEU I 105 13.03 -23.79 -7.02
CA LEU I 105 14.18 -23.01 -6.60
C LEU I 105 14.47 -21.82 -7.51
N GLU I 106 14.66 -22.08 -8.80
CA GLU I 106 15.14 -21.07 -9.73
C GLU I 106 14.04 -20.11 -10.11
N ASP I 107 12.81 -20.59 -10.14
CA ASP I 107 11.63 -19.74 -10.23
C ASP I 107 11.34 -19.04 -8.91
N ARG I 108 11.77 -19.64 -7.81
CA ARG I 108 11.29 -19.20 -6.52
C ARG I 108 12.30 -18.32 -5.82
N CYS I 109 13.52 -18.80 -5.66
CA CYS I 109 14.48 -18.00 -4.92
C CYS I 109 15.66 -17.59 -5.79
N LEU I 110 15.90 -18.29 -6.88
CA LEU I 110 16.97 -17.85 -7.76
C LEU I 110 16.44 -17.17 -9.01
N ASN I 111 15.48 -16.27 -8.86
CA ASN I 111 15.04 -15.43 -9.97
C ASN I 111 16.09 -14.35 -10.17
N GLY I 112 17.16 -14.68 -10.90
CA GLY I 112 18.28 -13.76 -11.04
C GLY I 112 19.05 -13.53 -9.76
N LEU I 113 19.44 -14.62 -9.08
CA LEU I 113 19.98 -14.56 -7.72
C LEU I 113 21.33 -13.88 -7.67
N LYS I 114 22.31 -14.49 -8.34
CA LYS I 114 23.69 -14.06 -8.22
C LYS I 114 23.97 -12.73 -8.89
N GLU I 115 23.11 -12.31 -9.82
CA GLU I 115 23.24 -10.99 -10.41
C GLU I 115 22.93 -9.93 -9.38
N THR I 116 21.91 -10.18 -8.56
CA THR I 116 21.62 -9.31 -7.44
C THR I 116 22.67 -9.42 -6.35
N TYR I 117 23.32 -10.57 -6.22
CA TYR I 117 24.34 -10.69 -5.20
C TYR I 117 25.64 -10.03 -5.62
N ILE I 118 25.93 -10.02 -6.92
CA ILE I 118 27.03 -9.23 -7.45
C ILE I 118 26.71 -7.75 -7.37
N ALA I 119 25.43 -7.39 -7.51
CA ALA I 119 24.99 -6.03 -7.21
C ALA I 119 25.10 -5.71 -5.73
N LEU I 120 24.99 -6.72 -4.88
CA LEU I 120 25.33 -6.58 -3.47
C LEU I 120 26.82 -6.79 -3.24
N GLY I 121 27.53 -7.34 -4.22
CA GLY I 121 28.95 -7.53 -4.09
C GLY I 121 29.36 -8.79 -3.38
N VAL I 122 28.51 -9.80 -3.38
CA VAL I 122 28.79 -11.05 -2.66
C VAL I 122 29.79 -11.88 -3.46
N PRO I 123 30.91 -12.27 -2.85
CA PRO I 123 31.88 -13.11 -3.57
C PRO I 123 31.39 -14.55 -3.65
N THR I 124 31.55 -15.13 -4.84
CA THR I 124 30.98 -16.43 -5.14
C THR I 124 31.71 -17.58 -4.45
N ASN I 125 32.98 -17.38 -4.09
CA ASN I 125 33.77 -18.44 -3.48
C ASN I 125 33.29 -18.76 -2.07
N SER I 126 32.81 -17.74 -1.35
CA SER I 126 32.12 -17.94 -0.09
C SER I 126 30.82 -18.71 -0.27
N SER I 127 30.11 -18.42 -1.35
CA SER I 127 28.83 -19.05 -1.61
C SER I 127 28.98 -20.53 -1.93
N ILE I 128 29.99 -20.87 -2.75
CA ILE I 128 30.16 -22.26 -3.15
C ILE I 128 30.73 -23.07 -2.00
N ARG I 129 31.49 -22.43 -1.09
CA ARG I 129 31.88 -23.06 0.16
C ARG I 129 30.67 -23.36 1.03
N ALA I 130 29.72 -22.42 1.08
CA ALA I 130 28.55 -22.55 1.94
C ALA I 130 27.64 -23.67 1.47
N VAL I 131 27.39 -23.74 0.16
CA VAL I 131 26.45 -24.73 -0.34
C VAL I 131 27.10 -26.11 -0.36
N SER I 132 28.45 -26.17 -0.52
CA SER I 132 29.10 -27.49 -0.52
C SER I 132 29.16 -28.10 0.87
N ILE I 133 29.50 -27.30 1.89
CA ILE I 133 29.56 -27.89 3.22
C ILE I 133 28.16 -28.13 3.78
N MET I 134 27.16 -27.37 3.33
CA MET I 134 25.80 -27.71 3.71
C MET I 134 25.29 -28.92 2.94
N LYS I 135 25.84 -29.19 1.75
CA LYS I 135 25.51 -30.39 1.01
C LYS I 135 26.05 -31.63 1.70
N ALA I 136 27.33 -31.57 2.11
CA ALA I 136 27.96 -32.71 2.77
C ALA I 136 27.38 -32.96 4.15
N GLN I 137 26.97 -31.90 4.85
CA GLN I 137 26.33 -32.15 6.13
C GLN I 137 24.90 -32.66 5.95
N ALA I 138 24.20 -32.23 4.90
CA ALA I 138 22.84 -32.72 4.70
C ALA I 138 22.80 -34.17 4.26
N VAL I 139 23.79 -34.63 3.49
CA VAL I 139 23.81 -36.06 3.20
C VAL I 139 24.29 -36.85 4.42
N ALA I 140 25.07 -36.23 5.32
CA ALA I 140 25.35 -36.88 6.59
C ALA I 140 24.13 -36.91 7.51
N PHE I 141 23.18 -36.00 7.32
CA PHE I 141 22.06 -35.85 8.24
C PHE I 141 20.80 -36.56 7.78
N ILE I 142 20.71 -36.93 6.49
CA ILE I 142 19.56 -37.73 6.10
C ILE I 142 19.73 -39.17 6.58
N THR I 143 20.96 -39.65 6.63
CA THR I 143 21.25 -40.92 7.24
C THR I 143 21.49 -40.72 8.74
N ASN I 144 21.72 -41.81 9.44
CA ASN I 144 21.87 -41.75 10.90
C ASN I 144 23.34 -41.84 11.29
N THR I 145 24.19 -41.14 10.54
CA THR I 145 25.62 -41.16 10.80
C THR I 145 26.06 -39.86 11.45
N ALA I 146 25.27 -39.38 12.42
CA ALA I 146 25.61 -38.18 13.16
C ALA I 146 26.61 -38.48 14.28
N THR I 147 26.79 -37.50 15.18
CA THR I 147 27.68 -37.71 16.33
C THR I 147 27.07 -38.69 17.32
N GLU I 148 25.95 -38.31 17.93
CA GLU I 148 25.11 -39.29 18.61
C GLU I 148 23.64 -39.07 18.36
N ARG I 149 23.26 -38.24 17.38
CA ARG I 149 21.87 -37.95 17.07
C ARG I 149 21.31 -39.15 16.33
N LYS I 150 20.96 -40.19 17.06
CA LYS I 150 20.62 -41.48 16.48
C LYS I 150 19.13 -41.68 16.61
N MET I 151 18.39 -41.19 15.63
CA MET I 151 16.94 -41.37 15.63
C MET I 151 16.63 -42.80 15.21
N SER I 152 15.39 -43.19 15.50
CA SER I 152 14.95 -44.55 15.23
C SER I 152 14.23 -44.60 13.91
N PHE I 153 14.51 -45.63 13.13
CA PHE I 153 13.96 -45.81 11.81
C PHE I 153 13.65 -47.28 11.64
N ALA I 154 13.14 -47.63 10.47
CA ALA I 154 13.28 -49.00 10.00
C ALA I 154 14.52 -49.07 9.12
N ALA I 155 15.33 -50.09 9.40
CA ALA I 155 16.65 -50.19 8.77
C ALA I 155 16.52 -50.68 7.33
N GLY I 156 17.55 -50.39 6.55
CA GLY I 156 17.60 -50.84 5.17
C GLY I 156 18.40 -49.87 4.33
N ASP I 157 18.12 -49.91 3.03
CA ASP I 157 18.78 -49.08 2.04
C ASP I 157 17.97 -47.81 1.82
N CYS I 158 18.65 -46.66 1.79
CA CYS I 158 18.00 -45.40 1.41
C CYS I 158 18.92 -44.47 0.61
N THR I 159 19.79 -45.03 -0.25
CA THR I 159 20.75 -44.17 -0.95
C THR I 159 20.16 -43.47 -2.16
N SER I 160 18.93 -43.85 -2.55
CA SER I 160 18.19 -43.13 -3.57
C SER I 160 17.84 -41.72 -3.11
N LEU I 161 17.64 -41.55 -1.81
CA LEU I 161 17.40 -40.24 -1.23
C LEU I 161 18.66 -39.41 -1.17
N ALA I 162 19.83 -40.04 -1.07
CA ALA I 162 21.09 -39.30 -1.10
C ALA I 162 21.38 -38.77 -2.49
N SER I 163 21.08 -39.58 -3.52
CA SER I 163 21.18 -39.10 -4.90
C SER I 163 20.13 -38.05 -5.22
N GLU I 164 19.02 -38.05 -4.48
CA GLU I 164 17.98 -37.04 -4.64
C GLU I 164 18.45 -35.68 -4.13
N VAL I 165 19.00 -35.64 -2.92
CA VAL I 165 19.29 -34.36 -2.28
C VAL I 165 20.56 -33.74 -2.90
N ALA I 166 21.47 -34.59 -3.37
CA ALA I 166 22.68 -34.09 -4.01
C ALA I 166 22.38 -33.51 -5.39
N SER I 167 21.34 -34.03 -6.05
CA SER I 167 20.91 -33.49 -7.34
C SER I 167 20.31 -32.10 -7.16
N TYR I 168 19.59 -31.89 -6.05
CA TYR I 168 19.07 -30.57 -5.77
C TYR I 168 20.20 -29.62 -5.38
N PHE I 169 21.23 -30.15 -4.75
CA PHE I 169 22.33 -29.32 -4.29
C PHE I 169 23.27 -28.90 -5.40
N ASP I 170 23.52 -29.74 -6.42
CA ASP I 170 24.33 -29.17 -7.49
C ASP I 170 23.48 -28.44 -8.50
N ARG I 171 22.14 -28.61 -8.45
CA ARG I 171 21.29 -27.71 -9.22
C ARG I 171 21.35 -26.30 -8.66
N VAL I 172 21.30 -26.16 -7.33
CA VAL I 172 21.45 -24.82 -6.77
C VAL I 172 22.91 -24.38 -6.84
N GLY I 173 23.85 -25.32 -6.77
CA GLY I 173 25.26 -24.97 -6.82
C GLY I 173 25.70 -24.51 -8.21
N ALA I 174 25.07 -25.04 -9.24
CA ALA I 174 25.34 -24.51 -10.58
C ALA I 174 24.57 -23.22 -10.84
N ALA I 175 23.38 -23.09 -10.28
CA ALA I 175 22.59 -21.91 -10.60
C ALA I 175 23.01 -20.71 -9.75
N ILE I 176 23.72 -20.93 -8.66
CA ILE I 176 24.45 -19.83 -8.04
C ILE I 176 25.79 -19.57 -8.72
N SER I 177 26.21 -20.42 -9.64
CA SER I 177 27.46 -20.19 -10.34
C SER I 177 27.21 -19.46 -11.65
N MET J 1 -5.76 -20.83 16.49
CA MET J 1 -5.04 -22.03 16.87
C MET J 1 -4.82 -22.92 15.67
N LYS J 2 -3.57 -23.01 15.23
CA LYS J 2 -3.24 -23.75 14.02
C LYS J 2 -3.29 -25.26 14.27
N SER J 3 -4.04 -25.96 13.43
CA SER J 3 -3.90 -27.39 13.23
C SER J 3 -3.58 -27.63 11.77
N VAL J 4 -3.59 -28.91 11.38
CA VAL J 4 -3.57 -29.28 9.97
C VAL J 4 -4.88 -28.87 9.33
N ILE J 5 -5.98 -29.10 10.04
CA ILE J 5 -7.31 -28.90 9.49
C ILE J 5 -7.61 -27.43 9.39
N THR J 6 -7.05 -26.64 10.30
CA THR J 6 -7.16 -25.19 10.24
C THR J 6 -6.42 -24.61 9.05
N THR J 7 -5.30 -25.23 8.68
CA THR J 7 -4.53 -24.74 7.56
C THR J 7 -5.25 -25.00 6.25
N VAL J 8 -5.97 -26.11 6.16
CA VAL J 8 -6.62 -26.36 4.88
C VAL J 8 -7.96 -25.66 4.76
N VAL J 9 -8.58 -25.24 5.89
CA VAL J 9 -9.76 -24.38 5.67
C VAL J 9 -9.29 -22.98 5.30
N SER J 10 -8.18 -22.52 5.90
CA SER J 10 -7.62 -21.24 5.46
C SER J 10 -6.98 -21.33 4.09
N ALA J 11 -6.56 -22.53 3.66
CA ALA J 11 -6.21 -22.72 2.26
C ALA J 11 -7.44 -22.63 1.38
N ALA J 12 -8.58 -23.09 1.89
CA ALA J 12 -9.82 -22.93 1.13
C ALA J 12 -10.38 -21.53 1.28
N ASP J 13 -9.86 -20.74 2.23
CA ASP J 13 -10.13 -19.31 2.24
C ASP J 13 -9.21 -18.58 1.28
N ALA J 14 -7.95 -18.99 1.23
CA ALA J 14 -6.99 -18.38 0.32
C ALA J 14 -7.31 -18.71 -1.12
N ALA J 15 -7.85 -19.89 -1.36
CA ALA J 15 -8.50 -20.16 -2.64
C ALA J 15 -9.82 -19.41 -2.73
N GLY J 16 -10.53 -19.28 -1.61
CA GLY J 16 -11.90 -18.85 -1.66
C GLY J 16 -12.80 -19.85 -2.34
N ARG J 17 -12.47 -21.14 -2.25
CA ARG J 17 -13.04 -22.16 -3.11
C ARG J 17 -13.44 -23.38 -2.28
N PHE J 18 -13.80 -24.42 -3.00
CA PHE J 18 -14.52 -25.52 -2.40
C PHE J 18 -13.57 -26.53 -1.76
N PRO J 19 -14.05 -27.31 -0.78
CA PRO J 19 -13.22 -28.41 -0.28
C PRO J 19 -13.09 -29.54 -1.28
N SER J 20 -11.95 -29.59 -1.93
CA SER J 20 -11.59 -30.73 -2.74
C SER J 20 -10.78 -31.70 -1.88
N ASN J 21 -10.11 -32.63 -2.52
CA ASN J 21 -9.18 -33.63 -2.02
C ASN J 21 -7.85 -33.07 -1.57
N SER J 22 -7.65 -31.75 -1.50
CA SER J 22 -6.66 -31.19 -0.59
C SER J 22 -6.99 -31.55 0.84
N ASP J 23 -8.28 -31.45 1.19
CA ASP J 23 -8.75 -31.85 2.50
C ASP J 23 -8.73 -33.35 2.69
N LEU J 24 -9.34 -34.07 1.76
CA LEU J 24 -10.06 -35.31 2.08
C LEU J 24 -9.16 -36.50 2.39
N GLU J 25 -7.86 -36.34 2.49
CA GLU J 25 -7.05 -37.43 3.01
C GLU J 25 -6.11 -37.00 4.12
N SER J 26 -6.03 -35.70 4.42
CA SER J 26 -5.31 -35.24 5.62
C SER J 26 -5.99 -35.72 6.89
N ILE J 27 -7.32 -35.87 6.85
CA ILE J 27 -8.06 -36.36 8.00
C ILE J 27 -7.90 -37.87 8.13
N GLN J 28 -7.75 -38.57 6.99
CA GLN J 28 -7.64 -40.02 7.03
C GLN J 28 -6.28 -40.45 7.58
N GLY J 29 -5.28 -39.61 7.39
CA GLY J 29 -4.04 -39.82 8.12
C GLY J 29 -4.18 -39.64 9.61
N ASN J 30 -5.12 -38.80 10.06
CA ASN J 30 -5.39 -38.71 11.48
C ASN J 30 -6.18 -39.90 11.98
N ILE J 31 -6.93 -40.57 11.10
CA ILE J 31 -7.56 -41.84 11.45
C ILE J 31 -6.50 -42.89 11.77
N GLN J 32 -5.40 -42.92 10.99
CA GLN J 32 -4.29 -43.77 11.40
C GLN J 32 -3.52 -43.16 12.57
N ARG J 33 -2.98 -41.96 12.39
CA ARG J 33 -1.84 -41.54 13.20
C ARG J 33 -2.21 -40.74 14.43
N SER J 34 -3.37 -40.08 14.47
CA SER J 34 -3.79 -39.50 15.73
C SER J 34 -4.30 -40.55 16.68
N ALA J 35 -4.84 -41.65 16.14
CA ALA J 35 -5.06 -42.85 16.94
C ALA J 35 -3.75 -43.44 17.43
N ALA J 36 -2.70 -43.32 16.63
CA ALA J 36 -1.36 -43.69 17.07
C ALA J 36 -0.64 -42.56 17.81
N ARG J 37 -1.35 -41.53 18.28
CA ARG J 37 -0.69 -40.41 18.94
C ARG J 37 -1.06 -40.31 20.42
N LEU J 38 -2.33 -40.54 20.73
CA LEU J 38 -2.98 -40.22 22.00
C LEU J 38 -2.44 -41.00 23.20
N GLU J 39 -1.80 -42.15 22.97
CA GLU J 39 -1.51 -43.09 24.05
C GLU J 39 -0.36 -42.64 24.93
N ALA J 40 0.46 -41.70 24.47
CA ALA J 40 1.57 -41.24 25.28
C ALA J 40 1.09 -40.35 26.43
N ALA J 41 0.00 -39.61 26.20
CA ALA J 41 -0.33 -38.42 27.00
C ALA J 41 -0.82 -38.75 28.39
N GLU J 42 -1.17 -40.00 28.65
CA GLU J 42 -1.56 -40.40 29.99
C GLU J 42 -0.36 -40.54 30.90
N LYS J 43 0.74 -41.12 30.41
CA LYS J 43 1.94 -41.05 31.24
C LYS J 43 2.61 -39.70 31.14
N LEU J 44 2.32 -38.91 30.11
CA LEU J 44 2.77 -37.52 30.13
C LEU J 44 2.04 -36.73 31.21
N ALA J 45 0.75 -36.99 31.42
CA ALA J 45 0.10 -36.52 32.62
C ALA J 45 0.52 -37.32 33.85
N GLY J 46 0.95 -38.56 33.68
CA GLY J 46 1.38 -39.37 34.81
C GLY J 46 2.77 -39.06 35.32
N ASN J 47 3.65 -38.55 34.47
CA ASN J 47 5.00 -38.20 34.88
C ASN J 47 5.15 -36.72 35.14
N HIS J 48 4.06 -35.94 35.03
CA HIS J 48 4.11 -34.49 34.96
C HIS J 48 4.56 -33.86 36.27
N GLU J 49 4.40 -34.57 37.37
CA GLU J 49 4.88 -34.13 38.66
C GLU J 49 6.32 -34.54 38.92
N ALA J 50 6.91 -35.35 38.05
CA ALA J 50 8.24 -35.89 38.29
C ALA J 50 9.24 -35.57 37.19
N VAL J 51 8.77 -35.14 36.03
CA VAL J 51 9.71 -34.73 34.99
C VAL J 51 10.30 -33.37 35.33
N VAL J 52 9.61 -32.60 36.17
CA VAL J 52 10.10 -31.31 36.64
C VAL J 52 11.31 -31.48 37.56
N LYS J 53 11.23 -32.42 38.51
CA LYS J 53 12.34 -32.59 39.45
C LYS J 53 13.55 -33.27 38.82
N GLU J 54 13.38 -33.98 37.70
CA GLU J 54 14.63 -34.31 37.02
C GLU J 54 15.15 -33.15 36.19
N ALA J 55 14.30 -32.51 35.38
CA ALA J 55 14.81 -31.60 34.36
C ALA J 55 15.27 -30.26 34.93
N GLY J 56 14.46 -29.64 35.79
CA GLY J 56 14.82 -28.35 36.35
C GLY J 56 15.96 -28.44 37.35
N ASP J 57 16.06 -29.57 38.03
CA ASP J 57 17.16 -29.74 38.97
C ASP J 57 18.43 -30.17 38.24
N ALA J 58 18.29 -30.78 37.05
CA ALA J 58 19.46 -30.93 36.20
C ALA J 58 19.88 -29.62 35.57
N CYS J 59 18.96 -28.67 35.46
CA CYS J 59 19.37 -27.34 35.05
C CYS J 59 19.98 -26.56 36.21
N PHE J 60 19.59 -26.91 37.44
CA PHE J 60 20.35 -26.47 38.59
C PHE J 60 21.70 -27.14 38.66
N ALA J 61 21.80 -28.38 38.19
CA ALA J 61 23.10 -29.02 38.02
C ALA J 61 23.86 -28.36 36.88
N LYS J 62 23.15 -27.84 35.89
CA LYS J 62 23.78 -27.02 34.88
C LYS J 62 24.13 -25.64 35.43
N TYR J 63 23.18 -24.97 36.06
CA TYR J 63 23.32 -23.55 36.43
C TYR J 63 23.06 -23.44 37.93
N ALA J 64 24.13 -23.33 38.71
CA ALA J 64 24.02 -23.31 40.16
C ALA J 64 24.56 -22.04 40.81
N TYR J 65 24.89 -21.02 40.02
CA TYR J 65 25.52 -19.78 40.46
C TYR J 65 24.56 -18.78 41.06
N LEU J 66 23.30 -19.16 41.24
CA LEU J 66 22.20 -18.21 41.32
C LEU J 66 22.04 -17.55 42.67
N LYS J 67 22.97 -17.73 43.61
CA LYS J 67 22.85 -17.16 44.94
C LYS J 67 22.91 -15.64 44.95
N ASN J 68 23.58 -15.02 43.99
CA ASN J 68 23.83 -13.59 44.06
C ASN J 68 22.60 -12.81 43.60
N PRO J 69 22.24 -11.72 44.29
CA PRO J 69 21.08 -10.92 43.87
C PRO J 69 21.42 -10.08 42.65
N GLY J 70 20.38 -9.72 41.91
CA GLY J 70 20.54 -9.21 40.56
C GLY J 70 20.53 -10.30 39.52
N GLU J 71 20.47 -11.55 39.93
CA GLU J 71 20.35 -12.72 39.08
C GLU J 71 18.99 -13.37 39.35
N ALA J 72 18.77 -14.53 38.74
CA ALA J 72 17.41 -15.05 38.62
C ALA J 72 16.98 -15.89 39.82
N GLY J 73 17.83 -16.79 40.29
CA GLY J 73 17.42 -17.70 41.34
C GLY J 73 17.92 -17.32 42.71
N GLU J 74 17.80 -16.03 43.06
CA GLU J 74 18.37 -15.55 44.31
C GLU J 74 17.54 -15.91 45.53
N ASN J 75 16.33 -16.42 45.34
CA ASN J 75 15.55 -16.98 46.42
C ASN J 75 14.83 -18.22 45.92
N GLN J 76 14.31 -19.00 46.88
CA GLN J 76 13.72 -20.29 46.56
C GLN J 76 12.32 -20.14 45.97
N GLU J 77 11.70 -18.96 46.15
CA GLU J 77 10.41 -18.69 45.51
C GLU J 77 10.60 -18.54 44.01
N LYS J 78 11.76 -18.05 43.58
CA LYS J 78 12.10 -18.08 42.17
C LYS J 78 12.27 -19.51 41.69
N ILE J 79 12.73 -20.40 42.56
CA ILE J 79 12.98 -21.77 42.17
C ILE J 79 11.67 -22.55 42.07
N ASN J 80 10.71 -22.27 42.94
CA ASN J 80 9.46 -22.99 42.78
C ASN J 80 8.57 -22.34 41.72
N LYS J 81 8.84 -21.08 41.33
CA LYS J 81 8.17 -20.68 40.10
C LYS J 81 8.92 -21.07 38.84
N CYS J 82 10.19 -21.51 38.93
CA CYS J 82 10.79 -22.27 37.84
C CYS J 82 10.02 -23.57 37.63
N TYR J 83 9.65 -24.21 38.74
CA TYR J 83 8.86 -25.44 38.70
C TYR J 83 7.49 -25.17 38.10
N ARG J 84 6.90 -24.02 38.45
CA ARG J 84 5.63 -23.57 37.87
C ARG J 84 5.79 -23.23 36.38
N ASP J 85 6.96 -22.76 35.97
CA ASP J 85 7.23 -22.46 34.57
C ASP J 85 7.25 -23.72 33.73
N VAL J 86 8.08 -24.68 34.13
CA VAL J 86 8.22 -25.87 33.32
C VAL J 86 7.01 -26.80 33.44
N ASP J 87 6.18 -26.65 34.49
CA ASP J 87 4.86 -27.30 34.58
C ASP J 87 4.01 -27.04 33.35
N HIS J 88 3.87 -25.78 33.00
CA HIS J 88 3.14 -25.40 31.82
C HIS J 88 3.92 -25.67 30.55
N TYR J 89 5.25 -25.85 30.62
CA TYR J 89 6.00 -26.27 29.45
C TYR J 89 5.61 -27.68 28.99
N MET J 90 5.65 -28.69 29.88
CA MET J 90 5.17 -29.99 29.35
C MET J 90 3.66 -30.06 29.29
N ARG J 91 2.95 -29.14 29.92
CA ARG J 91 1.52 -29.10 29.69
C ARG J 91 1.21 -28.58 28.30
N LEU J 92 2.03 -27.64 27.79
CA LEU J 92 1.79 -27.20 26.43
C LEU J 92 2.25 -28.22 25.42
N VAL J 93 3.29 -29.00 25.72
CA VAL J 93 3.64 -30.06 24.76
C VAL J 93 2.65 -31.22 24.82
N ASN J 94 1.91 -31.37 25.93
CA ASN J 94 0.71 -32.21 25.91
C ASN J 94 -0.35 -31.63 25.00
N TYR J 95 -0.42 -30.30 24.91
CA TYR J 95 -1.46 -29.70 24.08
C TYR J 95 -1.12 -29.79 22.59
N CYS J 96 0.13 -29.52 22.23
CA CYS J 96 0.45 -29.60 20.79
C CYS J 96 0.71 -31.02 20.35
N LEU J 97 0.80 -31.96 21.28
CA LEU J 97 0.56 -33.34 20.91
C LEU J 97 -0.83 -33.52 20.35
N VAL J 98 -1.85 -33.22 21.15
CA VAL J 98 -3.19 -33.67 20.83
C VAL J 98 -3.89 -32.80 19.78
N VAL J 99 -3.32 -31.65 19.44
CA VAL J 99 -3.86 -31.01 18.24
C VAL J 99 -3.09 -31.46 16.99
N GLY J 100 -1.80 -31.73 17.11
CA GLY J 100 -0.97 -31.99 15.93
C GLY J 100 -0.32 -30.78 15.32
N GLY J 101 -1.08 -29.72 15.04
CA GLY J 101 -0.53 -28.50 14.50
C GLY J 101 0.25 -27.71 15.53
N THR J 102 0.96 -26.70 15.04
CA THR J 102 1.89 -25.98 15.90
C THR J 102 1.30 -24.70 16.48
N GLY J 103 -0.03 -24.56 16.46
CA GLY J 103 -0.73 -23.44 17.04
C GLY J 103 -0.50 -23.19 18.53
N PRO J 104 -0.70 -24.20 19.37
CA PRO J 104 -0.26 -24.06 20.77
C PRO J 104 1.23 -23.99 20.96
N LEU J 105 2.05 -24.42 20.00
CA LEU J 105 3.41 -23.94 20.05
C LEU J 105 3.47 -22.46 19.70
N ASP J 106 2.96 -22.07 18.52
CA ASP J 106 3.26 -20.76 17.94
C ASP J 106 2.67 -19.61 18.75
N GLU J 107 1.33 -19.57 18.85
CA GLU J 107 0.71 -18.42 19.49
C GLU J 107 0.79 -18.51 21.01
N TRP J 108 1.13 -19.68 21.55
CA TRP J 108 1.07 -19.89 22.97
C TRP J 108 2.40 -20.23 23.63
N GLY J 109 3.46 -20.42 22.85
CA GLY J 109 4.79 -20.50 23.43
C GLY J 109 5.81 -19.66 22.70
N ILE J 110 5.55 -19.36 21.44
CA ILE J 110 6.53 -18.73 20.56
C ILE J 110 6.19 -17.27 20.33
N ALA J 111 4.89 -16.96 20.34
CA ALA J 111 4.44 -15.58 20.38
C ALA J 111 4.81 -15.03 21.75
N GLY J 112 5.86 -14.23 21.80
CA GLY J 112 6.47 -13.91 23.07
C GLY J 112 7.49 -14.95 23.44
N ALA J 113 8.52 -15.12 22.62
CA ALA J 113 9.65 -15.96 23.00
C ALA J 113 10.97 -15.20 22.95
N ARG J 114 11.23 -14.46 21.88
CA ARG J 114 12.57 -13.95 21.57
C ARG J 114 13.00 -12.78 22.44
N GLU J 115 12.09 -12.18 23.19
CA GLU J 115 12.34 -10.90 23.83
C GLU J 115 11.87 -10.87 25.26
N VAL J 116 11.08 -11.86 25.66
CA VAL J 116 10.29 -11.73 26.88
C VAL J 116 11.16 -11.92 28.11
N TYR J 117 11.98 -12.98 28.13
CA TYR J 117 12.89 -13.24 29.22
C TYR J 117 14.22 -12.57 28.96
N ARG J 118 14.40 -12.05 27.75
CA ARG J 118 15.43 -11.06 27.49
C ARG J 118 15.20 -9.82 28.35
N THR J 119 14.01 -9.24 28.24
CA THR J 119 13.65 -8.12 29.11
C THR J 119 13.39 -8.56 30.55
N LEU J 120 13.01 -9.80 30.77
CA LEU J 120 12.85 -10.28 32.13
C LEU J 120 14.14 -10.86 32.68
N ASN J 121 15.24 -10.74 31.91
CA ASN J 121 16.62 -11.04 32.30
C ASN J 121 16.80 -12.51 32.64
N LEU J 122 16.15 -13.38 31.86
CA LEU J 122 16.35 -14.80 32.13
C LEU J 122 16.86 -15.49 30.87
N PRO J 123 17.83 -16.38 30.99
CA PRO J 123 18.32 -17.09 29.80
C PRO J 123 17.40 -18.22 29.37
N THR J 124 17.27 -18.39 28.06
CA THR J 124 16.59 -19.56 27.52
C THR J 124 17.52 -20.75 27.36
N SER J 125 18.78 -20.61 27.75
CA SER J 125 19.72 -21.71 27.66
C SER J 125 19.37 -22.83 28.63
N ALA J 126 18.83 -22.50 29.80
CA ALA J 126 18.30 -23.57 30.66
C ALA J 126 16.98 -24.07 30.14
N TYR J 127 16.19 -23.19 29.52
CA TYR J 127 14.94 -23.57 28.87
C TYR J 127 15.16 -24.52 27.72
N VAL J 128 16.33 -24.48 27.08
CA VAL J 128 16.63 -25.51 26.11
C VAL J 128 17.40 -26.68 26.71
N ALA J 129 18.09 -26.50 27.84
CA ALA J 129 18.94 -27.58 28.36
C ALA J 129 18.14 -28.64 29.08
N SER J 130 17.05 -28.25 29.76
CA SER J 130 16.20 -29.24 30.42
C SER J 130 15.49 -30.12 29.40
N ILE J 131 15.11 -29.51 28.28
CA ILE J 131 14.48 -30.27 27.22
C ILE J 131 15.57 -31.01 26.42
N ALA J 132 16.81 -30.53 26.48
CA ALA J 132 17.94 -31.27 25.92
C ALA J 132 18.28 -32.50 26.76
N TYR J 133 17.92 -32.52 28.03
CA TYR J 133 17.91 -33.79 28.74
C TYR J 133 16.83 -34.71 28.18
N THR J 134 15.66 -34.16 27.90
CA THR J 134 14.57 -35.00 27.39
C THR J 134 14.62 -35.23 25.88
N ARG J 135 15.79 -35.10 25.23
CA ARG J 135 15.96 -35.45 23.83
C ARG J 135 15.75 -36.92 23.56
N ASP J 136 16.71 -37.73 23.96
CA ASP J 136 16.64 -39.16 23.77
C ASP J 136 16.14 -39.83 25.03
N ARG J 137 15.79 -39.05 26.05
CA ARG J 137 15.16 -39.60 27.24
C ARG J 137 13.72 -39.99 26.90
N LEU J 138 13.60 -41.22 26.39
CA LEU J 138 12.42 -41.92 25.88
C LEU J 138 12.87 -43.33 25.58
N CYS J 139 11.92 -44.26 25.54
CA CYS J 139 12.27 -45.66 25.24
C CYS J 139 11.21 -46.28 24.33
N VAL J 140 11.53 -46.31 23.04
CA VAL J 140 10.64 -46.80 21.98
C VAL J 140 10.26 -48.29 21.97
N PRO J 141 10.94 -49.26 22.65
CA PRO J 141 10.24 -50.53 22.87
C PRO J 141 9.53 -50.60 24.22
N ARG J 142 9.87 -49.67 25.10
CA ARG J 142 9.80 -49.83 26.54
C ARG J 142 8.94 -48.78 27.24
N ASP J 143 9.10 -47.49 26.91
CA ASP J 143 8.20 -46.48 27.45
C ASP J 143 6.87 -46.52 26.70
N MET J 144 6.93 -46.21 25.41
CA MET J 144 5.81 -46.36 24.49
C MET J 144 6.36 -46.92 23.19
N SER J 145 5.56 -46.83 22.13
CA SER J 145 5.93 -47.44 20.85
C SER J 145 6.95 -46.58 20.12
N ALA J 146 7.46 -47.14 19.01
CA ALA J 146 8.35 -46.41 18.11
C ALA J 146 7.58 -45.64 17.04
N GLN J 147 6.26 -45.54 17.17
CA GLN J 147 5.44 -44.90 16.17
C GLN J 147 5.01 -43.50 16.55
N ALA J 148 5.23 -43.09 17.80
CA ALA J 148 4.91 -41.73 18.21
C ALA J 148 5.96 -41.05 19.06
N GLY J 149 6.94 -41.80 19.56
CA GLY J 149 7.94 -41.19 20.43
C GLY J 149 8.93 -40.34 19.69
N VAL J 150 9.21 -40.69 18.44
CA VAL J 150 10.10 -39.87 17.61
C VAL J 150 9.35 -38.63 17.17
N GLU J 151 8.03 -38.72 17.07
CA GLU J 151 7.21 -37.57 16.75
C GLU J 151 7.07 -36.68 17.96
N PHE J 152 6.95 -37.31 19.14
CA PHE J 152 7.00 -36.58 20.41
C PHE J 152 8.32 -35.87 20.58
N SER J 153 9.41 -36.53 20.17
CA SER J 153 10.72 -35.90 20.10
C SER J 153 10.73 -34.76 19.11
N ALA J 154 10.03 -34.93 17.98
CA ALA J 154 9.97 -33.89 16.95
C ALA J 154 9.14 -32.69 17.41
N TYR J 155 8.15 -32.94 18.25
CA TYR J 155 7.33 -31.89 18.85
C TYR J 155 8.16 -30.96 19.70
N LEU J 156 8.81 -31.52 20.70
CA LEU J 156 9.53 -30.66 21.62
C LEU J 156 10.94 -30.31 21.13
N ASP J 157 11.36 -30.75 19.95
CA ASP J 157 12.58 -30.20 19.38
C ASP J 157 12.33 -29.14 18.32
N TYR J 158 11.16 -29.17 17.68
CA TYR J 158 10.70 -27.99 16.95
C TYR J 158 10.49 -26.83 17.89
N LEU J 159 10.03 -27.13 19.12
CA LEU J 159 10.03 -26.18 20.22
C LEU J 159 11.40 -25.57 20.50
N ILE J 160 12.47 -26.36 20.42
CA ILE J 160 13.78 -25.82 20.79
C ILE J 160 14.39 -25.10 19.62
N ASN J 161 14.14 -25.59 18.40
CA ASN J 161 14.52 -24.90 17.18
C ASN J 161 13.80 -23.56 17.05
N ALA J 162 12.57 -23.50 17.55
CA ALA J 162 11.90 -22.22 17.72
C ALA J 162 12.52 -21.42 18.84
N LEU J 163 12.91 -22.06 19.94
CA LEU J 163 13.59 -21.36 21.01
C LEU J 163 15.01 -20.97 20.65
N SER J 164 15.63 -21.70 19.73
CA SER J 164 16.90 -21.27 19.19
C SER J 164 16.66 -20.74 17.78
N MET K 1 -8.30 -21.09 14.15
CA MET K 1 -9.46 -20.83 14.99
C MET K 1 -9.60 -21.90 16.06
N LEU K 2 -10.70 -22.64 16.06
CA LEU K 2 -10.89 -23.64 17.10
C LEU K 2 -11.55 -24.89 16.53
N ASP K 3 -11.50 -25.97 17.31
CA ASP K 3 -11.91 -27.29 16.89
C ASP K 3 -12.49 -28.03 18.09
N ALA K 4 -13.11 -29.19 17.80
CA ALA K 4 -13.50 -30.11 18.85
C ALA K 4 -12.29 -30.69 19.57
N PHE K 5 -11.16 -30.82 18.86
CA PHE K 5 -9.88 -31.12 19.50
C PHE K 5 -9.30 -29.94 20.25
N SER K 6 -9.87 -28.75 20.12
CA SER K 6 -9.37 -27.57 20.81
C SER K 6 -10.23 -27.14 21.98
N ARG K 7 -11.56 -27.25 21.89
CA ARG K 7 -12.37 -26.86 23.04
C ARG K 7 -12.31 -27.84 24.19
N VAL K 8 -11.85 -29.07 23.93
CA VAL K 8 -11.43 -29.93 25.03
C VAL K 8 -10.17 -29.41 25.72
N VAL K 9 -9.38 -28.56 25.06
CA VAL K 9 -8.24 -27.97 25.75
C VAL K 9 -8.66 -26.71 26.49
N VAL K 10 -9.63 -25.96 25.93
CA VAL K 10 -9.96 -24.67 26.52
C VAL K 10 -10.76 -24.83 27.81
N ASN K 11 -11.49 -25.95 27.97
CA ASN K 11 -12.07 -26.16 29.28
C ASN K 11 -11.11 -26.88 30.22
N SER K 12 -10.11 -27.56 29.68
CA SER K 12 -9.11 -28.23 30.52
C SER K 12 -8.23 -27.22 31.23
N ASP K 13 -7.72 -26.24 30.49
CA ASP K 13 -6.94 -25.18 31.09
C ASP K 13 -7.80 -24.11 31.74
N ALA K 14 -9.12 -24.15 31.54
CA ALA K 14 -10.01 -23.39 32.42
C ALA K 14 -10.06 -23.98 33.82
N LYS K 15 -9.76 -25.27 33.97
CA LYS K 15 -9.69 -25.91 35.27
C LYS K 15 -8.26 -26.15 35.72
N ALA K 16 -7.28 -25.86 34.85
CA ALA K 16 -5.92 -26.42 34.87
C ALA K 16 -5.93 -27.94 35.03
N ALA K 17 -6.83 -28.61 34.31
CA ALA K 17 -7.00 -30.05 34.46
C ALA K 17 -6.26 -30.76 33.34
N TYR K 18 -6.35 -32.09 33.35
CA TYR K 18 -5.73 -32.84 32.28
C TYR K 18 -6.67 -32.85 31.08
N VAL K 19 -6.09 -33.08 29.92
CA VAL K 19 -6.83 -33.72 28.85
C VAL K 19 -6.24 -35.12 28.72
N GLY K 20 -7.11 -36.11 28.63
CA GLY K 20 -6.67 -37.48 28.81
C GLY K 20 -7.86 -38.40 28.93
N GLY K 21 -7.74 -39.38 29.81
CA GLY K 21 -8.75 -40.42 29.89
C GLY K 21 -10.00 -40.11 30.70
N SER K 22 -10.59 -38.93 30.48
CA SER K 22 -11.91 -38.60 30.96
C SER K 22 -12.86 -38.20 29.83
N ASP K 23 -12.39 -37.43 28.86
CA ASP K 23 -13.15 -37.22 27.65
C ASP K 23 -12.75 -38.15 26.53
N LEU K 24 -11.81 -39.07 26.78
CA LEU K 24 -11.16 -39.86 25.74
C LEU K 24 -12.09 -40.81 25.03
N GLN K 25 -13.15 -41.27 25.72
CA GLN K 25 -14.12 -42.14 25.07
C GLN K 25 -14.90 -41.40 23.99
N ALA K 26 -15.15 -40.10 24.17
CA ALA K 26 -15.68 -39.29 23.08
C ALA K 26 -14.63 -39.02 22.02
N LEU K 27 -13.34 -39.05 22.38
CA LEU K 27 -12.28 -38.70 21.45
C LEU K 27 -11.99 -39.82 20.46
N LYS K 28 -11.85 -41.06 20.93
CA LYS K 28 -11.61 -42.16 19.99
C LYS K 28 -12.88 -42.48 19.23
N SER K 29 -14.05 -42.32 19.86
CA SER K 29 -15.28 -42.45 19.11
C SER K 29 -15.62 -41.21 18.30
N PHE K 30 -14.87 -40.11 18.45
CA PHE K 30 -14.92 -39.11 17.39
C PHE K 30 -14.26 -39.65 16.14
N ILE K 31 -13.00 -40.07 16.24
CA ILE K 31 -12.26 -40.48 15.06
C ILE K 31 -12.63 -41.88 14.58
N ALA K 32 -13.47 -42.62 15.30
CA ALA K 32 -13.95 -43.90 14.77
C ALA K 32 -14.88 -43.68 13.60
N ASP K 33 -15.64 -42.60 13.62
CA ASP K 33 -16.54 -42.24 12.54
C ASP K 33 -16.03 -41.07 11.73
N GLY K 34 -14.71 -40.95 11.60
CA GLY K 34 -14.17 -39.91 10.75
C GLY K 34 -14.37 -40.20 9.28
N ASN K 35 -14.25 -41.48 8.90
CA ASN K 35 -14.61 -41.92 7.55
C ASN K 35 -16.10 -41.77 7.30
N LYS K 36 -16.90 -41.88 8.36
CA LYS K 36 -18.33 -41.62 8.25
C LYS K 36 -18.59 -40.14 7.98
N ARG K 37 -17.79 -39.25 8.57
CA ARG K 37 -17.91 -37.83 8.25
C ARG K 37 -17.45 -37.55 6.85
N LEU K 38 -16.47 -38.30 6.37
CA LEU K 38 -15.99 -38.13 5.00
C LEU K 38 -17.00 -38.66 4.02
N ASP K 39 -17.65 -39.78 4.38
CA ASP K 39 -18.82 -40.30 3.67
C ASP K 39 -19.97 -39.31 3.65
N ALA K 40 -20.07 -38.44 4.66
CA ALA K 40 -21.08 -37.39 4.62
C ALA K 40 -20.65 -36.24 3.71
N VAL K 41 -19.42 -35.76 3.86
CA VAL K 41 -19.12 -34.43 3.35
C VAL K 41 -18.82 -34.44 1.86
N ASN K 42 -18.47 -35.60 1.27
CA ASN K 42 -18.35 -35.59 -0.18
C ASN K 42 -19.70 -35.64 -0.87
N SER K 43 -20.75 -36.05 -0.17
CA SER K 43 -22.09 -35.85 -0.69
C SER K 43 -22.48 -34.38 -0.64
N ILE K 44 -21.92 -33.62 0.31
CA ILE K 44 -22.24 -32.21 0.40
C ILE K 44 -21.55 -31.40 -0.71
N VAL K 45 -20.34 -31.77 -1.09
CA VAL K 45 -19.66 -31.04 -2.16
C VAL K 45 -20.12 -31.48 -3.54
N SER K 46 -21.00 -32.48 -3.64
CA SER K 46 -21.43 -33.02 -4.92
C SER K 46 -22.40 -32.07 -5.63
N ASN K 47 -23.34 -31.49 -4.90
CA ASN K 47 -24.39 -30.73 -5.56
C ASN K 47 -24.60 -29.40 -4.87
N ALA K 48 -23.49 -28.70 -4.64
CA ALA K 48 -23.52 -27.43 -3.93
C ALA K 48 -24.17 -26.35 -4.76
N SER K 49 -23.91 -26.34 -6.06
CA SER K 49 -24.63 -25.42 -6.92
C SER K 49 -26.07 -25.84 -7.08
N CYS K 50 -26.34 -27.16 -7.02
CA CYS K 50 -27.73 -27.59 -6.95
C CYS K 50 -28.35 -27.30 -5.59
N MET K 51 -27.53 -27.25 -4.53
CA MET K 51 -28.04 -26.91 -3.21
C MET K 51 -28.51 -25.47 -3.18
N VAL K 52 -27.67 -24.56 -3.66
CA VAL K 52 -28.04 -23.15 -3.64
C VAL K 52 -29.07 -22.83 -4.72
N SER K 53 -29.14 -23.62 -5.80
CA SER K 53 -30.18 -23.41 -6.80
C SER K 53 -31.53 -23.87 -6.29
N ASP K 54 -31.55 -24.98 -5.56
CA ASP K 54 -32.78 -25.44 -4.92
C ASP K 54 -33.26 -24.47 -3.86
N ALA K 55 -32.31 -23.88 -3.12
CA ALA K 55 -32.65 -22.95 -2.05
C ALA K 55 -33.25 -21.67 -2.60
N VAL K 56 -32.63 -21.10 -3.64
CA VAL K 56 -33.16 -19.84 -4.15
C VAL K 56 -34.43 -20.06 -4.98
N SER K 57 -34.57 -21.22 -5.64
CA SER K 57 -35.76 -21.44 -6.45
C SER K 57 -36.97 -21.75 -5.59
N GLY K 58 -36.77 -22.47 -4.47
CA GLY K 58 -37.86 -22.62 -3.51
C GLY K 58 -38.22 -21.32 -2.82
N MET K 59 -37.23 -20.42 -2.66
CA MET K 59 -37.52 -19.11 -2.11
C MET K 59 -38.37 -18.27 -3.05
N ILE K 60 -38.26 -18.48 -4.37
CA ILE K 60 -39.24 -17.82 -5.22
C ILE K 60 -40.52 -18.66 -5.33
N CYS K 61 -40.49 -19.93 -4.90
CA CYS K 61 -41.70 -20.75 -5.00
C CYS K 61 -42.78 -20.32 -4.01
N GLU K 62 -42.51 -20.42 -2.71
CA GLU K 62 -43.51 -19.84 -1.80
C GLU K 62 -43.08 -18.50 -1.21
N ASN K 63 -42.22 -17.75 -1.90
CA ASN K 63 -42.32 -16.31 -1.68
C ASN K 63 -42.16 -15.54 -2.98
N PRO K 64 -43.19 -14.83 -3.44
CA PRO K 64 -42.97 -13.84 -4.50
C PRO K 64 -42.69 -12.44 -3.99
N GLY K 65 -42.48 -12.30 -2.67
CA GLY K 65 -42.34 -10.98 -2.08
C GLY K 65 -41.00 -10.35 -2.34
N LEU K 66 -39.95 -11.15 -2.51
CA LEU K 66 -38.65 -10.58 -2.85
C LEU K 66 -38.62 -10.12 -4.30
N ILE K 67 -39.22 -10.91 -5.20
CA ILE K 67 -39.19 -10.64 -6.63
C ILE K 67 -40.27 -9.64 -7.05
N SER K 68 -41.01 -9.10 -6.09
CA SER K 68 -41.86 -7.94 -6.33
C SER K 68 -41.02 -6.76 -6.79
N PRO K 69 -41.46 -6.04 -7.82
CA PRO K 69 -40.67 -4.92 -8.33
C PRO K 69 -40.67 -3.75 -7.37
N GLY K 70 -39.47 -3.24 -7.10
CA GLY K 70 -39.31 -2.35 -5.98
C GLY K 70 -39.30 -3.07 -4.65
N GLY K 71 -39.06 -4.37 -4.65
CA GLY K 71 -38.98 -5.14 -3.42
C GLY K 71 -37.55 -5.18 -2.92
N CYS K 73 -35.21 -8.07 -2.77
CA CYS K 73 -34.34 -8.85 -3.62
C CYS K 73 -35.03 -9.21 -4.92
N TYR K 74 -35.09 -8.25 -5.83
CA TYR K 74 -35.70 -8.47 -7.14
C TYR K 74 -34.76 -8.15 -8.29
N THR K 75 -33.49 -7.90 -8.03
CA THR K 75 -32.52 -7.61 -9.06
C THR K 75 -31.51 -8.75 -9.12
N ASN K 76 -30.97 -8.97 -10.33
CA ASN K 76 -29.98 -10.01 -10.56
C ASN K 76 -28.66 -9.71 -9.86
N ARG K 77 -28.37 -8.44 -9.59
CA ARG K 77 -27.30 -8.07 -8.67
C ARG K 77 -27.60 -8.59 -7.27
N ARG K 78 -28.87 -8.66 -6.87
CA ARG K 78 -29.20 -9.14 -5.54
C ARG K 78 -29.44 -10.65 -5.55
N MET K 79 -29.74 -11.22 -6.73
CA MET K 79 -29.73 -12.67 -6.78
C MET K 79 -28.30 -13.18 -6.88
N ALA K 80 -27.37 -12.37 -7.41
CA ALA K 80 -25.96 -12.67 -7.28
C ALA K 80 -25.50 -12.45 -5.84
N ALA K 81 -26.16 -11.55 -5.13
CA ALA K 81 -25.87 -11.40 -3.71
C ALA K 81 -26.27 -12.64 -2.93
N CYS K 82 -27.52 -13.12 -3.02
CA CYS K 82 -27.80 -14.40 -2.36
C CYS K 82 -27.39 -15.63 -3.16
N LEU K 83 -26.72 -15.45 -4.29
CA LEU K 83 -25.79 -16.47 -4.71
C LEU K 83 -24.68 -16.61 -3.69
N ARG K 84 -23.91 -15.51 -3.51
CA ARG K 84 -22.85 -15.42 -2.49
C ARG K 84 -23.38 -15.69 -1.09
N ASP K 85 -24.39 -14.91 -0.67
CA ASP K 85 -25.00 -14.95 0.67
C ASP K 85 -25.66 -16.28 1.00
N GLY K 86 -25.82 -17.18 0.04
CA GLY K 86 -26.04 -18.58 0.35
C GLY K 86 -24.79 -19.44 0.31
N GLU K 87 -23.94 -19.23 -0.70
CA GLU K 87 -22.91 -20.23 -1.00
C GLU K 87 -21.76 -20.16 0.00
N ILE K 88 -21.46 -18.96 0.50
CA ILE K 88 -20.29 -18.85 1.35
C ILE K 88 -20.65 -19.33 2.74
N ILE K 89 -21.93 -19.28 3.12
CA ILE K 89 -22.26 -19.90 4.39
C ILE K 89 -22.43 -21.38 4.22
N LEU K 90 -22.67 -21.85 2.99
CA LEU K 90 -22.63 -23.28 2.76
C LEU K 90 -21.21 -23.81 2.87
N ARG K 91 -20.26 -23.02 2.36
CA ARG K 91 -18.84 -23.22 2.62
C ARG K 91 -18.55 -23.21 4.11
N TYR K 92 -19.14 -22.28 4.86
CA TYR K 92 -18.86 -22.19 6.29
C TYR K 92 -19.50 -23.30 7.11
N VAL K 93 -20.67 -23.80 6.72
CA VAL K 93 -21.21 -24.93 7.47
C VAL K 93 -20.51 -26.21 7.06
N SER K 94 -19.92 -26.24 5.86
CA SER K 94 -19.00 -27.33 5.55
C SER K 94 -17.74 -27.24 6.40
N TYR K 95 -17.35 -26.02 6.76
CA TYR K 95 -16.15 -25.85 7.59
C TYR K 95 -16.42 -26.26 9.03
N ALA K 96 -17.63 -25.95 9.51
CA ALA K 96 -18.04 -26.40 10.83
C ALA K 96 -18.19 -27.91 10.88
N LEU K 97 -18.59 -28.52 9.76
CA LEU K 97 -18.76 -29.96 9.78
C LEU K 97 -17.42 -30.67 9.67
N LEU K 98 -16.46 -30.08 8.96
CA LEU K 98 -15.16 -30.73 8.91
C LEU K 98 -14.36 -30.50 10.19
N ALA K 99 -14.59 -29.37 10.85
CA ALA K 99 -13.93 -29.16 12.13
C ALA K 99 -14.58 -30.01 13.22
N GLY K 100 -15.85 -30.36 13.05
CA GLY K 100 -16.60 -30.93 14.14
C GLY K 100 -16.87 -29.95 15.25
N ASP K 101 -16.94 -28.66 14.95
CA ASP K 101 -17.06 -27.65 15.99
C ASP K 101 -17.72 -26.42 15.39
N ALA K 102 -18.55 -25.77 16.18
CA ALA K 102 -19.26 -24.57 15.78
C ALA K 102 -18.50 -23.29 16.11
N SER K 103 -17.17 -23.29 15.95
CA SER K 103 -16.40 -22.11 16.32
C SER K 103 -16.00 -21.27 15.12
N VAL K 104 -16.55 -21.57 13.95
CA VAL K 104 -16.08 -20.96 12.72
C VAL K 104 -17.19 -20.23 11.97
N LEU K 105 -18.23 -19.77 12.67
CA LEU K 105 -19.29 -19.04 12.01
C LEU K 105 -19.47 -17.62 12.52
N GLU K 106 -19.67 -17.47 13.83
CA GLU K 106 -20.06 -16.20 14.41
C GLU K 106 -18.86 -15.27 14.53
N ASP K 107 -17.69 -15.84 14.74
CA ASP K 107 -16.44 -15.11 14.61
C ASP K 107 -16.07 -14.86 13.16
N ARG K 108 -16.56 -15.71 12.26
CA ARG K 108 -16.04 -15.71 10.91
C ARG K 108 -16.97 -14.98 9.96
N CYS K 109 -18.24 -15.37 9.91
CA CYS K 109 -19.11 -14.73 8.94
C CYS K 109 -20.24 -13.98 9.63
N LEU K 110 -20.55 -14.31 10.87
CA LEU K 110 -21.56 -13.53 11.56
C LEU K 110 -20.98 -12.56 12.57
N ASN K 111 -19.93 -11.85 12.19
CA ASN K 111 -19.40 -10.76 13.02
C ASN K 111 -20.34 -9.58 12.87
N GLY K 112 -21.44 -9.58 13.63
CA GLY K 112 -22.45 -8.56 13.48
C GLY K 112 -23.21 -8.65 12.17
N LEU K 113 -23.70 -9.84 11.81
CA LEU K 113 -24.23 -10.12 10.49
C LEU K 113 -25.52 -9.36 10.21
N LYS K 114 -26.55 -9.65 10.99
CA LYS K 114 -27.89 -9.16 10.73
C LYS K 114 -28.03 -7.66 10.97
N GLU K 115 -27.14 -7.07 11.77
CA GLU K 115 -27.13 -5.64 11.94
C GLU K 115 -26.72 -4.95 10.65
N THR K 116 -25.74 -5.52 9.97
CA THR K 116 -25.36 -5.05 8.65
C THR K 116 -26.42 -5.37 7.62
N TYR K 117 -27.16 -6.45 7.81
CA TYR K 117 -28.20 -6.76 6.84
C TYR K 117 -29.43 -5.89 7.01
N ILE K 118 -29.72 -5.47 8.24
CA ILE K 118 -30.74 -4.46 8.49
C ILE K 118 -30.27 -3.10 7.99
N ALA K 119 -28.96 -2.84 8.06
CA ALA K 119 -28.39 -1.68 7.39
C ALA K 119 -28.48 -1.79 5.88
N LEU K 120 -28.47 -3.02 5.37
CA LEU K 120 -28.79 -3.26 3.97
C LEU K 120 -30.29 -3.38 3.77
N GLY K 121 -31.05 -3.56 4.84
CA GLY K 121 -32.49 -3.64 4.74
C GLY K 121 -33.02 -5.01 4.41
N VAL K 122 -32.27 -6.06 4.72
CA VAL K 122 -32.67 -7.42 4.39
C VAL K 122 -33.75 -7.89 5.36
N PRO K 123 -34.90 -8.34 4.87
CA PRO K 123 -35.95 -8.83 5.76
C PRO K 123 -35.60 -10.22 6.28
N THR K 124 -35.82 -10.41 7.58
CA THR K 124 -35.38 -11.62 8.26
C THR K 124 -36.21 -12.85 7.91
N ASN K 125 -37.46 -12.65 7.48
CA ASN K 125 -38.34 -13.76 7.17
C ASN K 125 -37.90 -14.51 5.93
N SER K 126 -37.33 -13.79 4.96
CA SER K 126 -36.67 -14.42 3.83
C SER K 126 -35.45 -15.22 4.26
N SER K 127 -34.71 -14.70 5.24
CA SER K 127 -33.49 -15.35 5.70
C SER K 127 -33.79 -16.65 6.43
N ILE K 128 -34.82 -16.63 7.28
CA ILE K 128 -35.13 -17.82 8.06
C ILE K 128 -35.78 -18.88 7.18
N ARG K 129 -36.47 -18.46 6.11
CA ARG K 129 -36.92 -19.40 5.08
C ARG K 129 -35.76 -20.05 4.36
N ALA K 130 -34.72 -19.25 4.07
CA ALA K 130 -33.57 -19.73 3.32
C ALA K 130 -32.76 -20.75 4.12
N VAL K 131 -32.53 -20.46 5.39
CA VAL K 131 -31.68 -21.34 6.19
C VAL K 131 -32.46 -22.60 6.59
N SER K 132 -33.80 -22.52 6.71
CA SER K 132 -34.55 -23.70 7.09
CA SER K 132 -34.55 -23.70 7.09
C SER K 132 -34.73 -24.67 5.93
N ILE K 133 -34.97 -24.15 4.71
CA ILE K 133 -35.09 -25.10 3.61
C ILE K 133 -33.73 -25.62 3.18
N MET K 134 -32.66 -24.86 3.42
CA MET K 134 -31.34 -25.42 3.19
C MET K 134 -30.94 -26.39 4.29
N LYS K 135 -31.52 -26.26 5.49
CA LYS K 135 -31.31 -27.23 6.56
C LYS K 135 -31.96 -28.54 6.24
N ALA K 136 -33.23 -28.49 5.80
CA ALA K 136 -33.97 -29.70 5.48
C ALA K 136 -33.41 -30.40 4.25
N GLN K 137 -32.92 -29.64 3.27
CA GLN K 137 -32.29 -30.30 2.14
C GLN K 137 -30.92 -30.87 2.50
N ALA K 138 -30.18 -30.22 3.40
CA ALA K 138 -28.87 -30.75 3.77
C ALA K 138 -28.97 -32.02 4.62
N VAL K 139 -30.01 -32.13 5.45
CA VAL K 139 -30.17 -33.41 6.14
C VAL K 139 -30.72 -34.46 5.20
N ALA K 140 -31.45 -34.06 4.14
CA ALA K 140 -31.79 -35.03 3.09
C ALA K 140 -30.58 -35.44 2.27
N PHE K 141 -29.53 -34.61 2.21
CA PHE K 141 -28.42 -34.84 1.32
C PHE K 141 -27.23 -35.50 1.99
N ILE K 142 -27.16 -35.48 3.32
CA ILE K 142 -26.10 -36.24 3.97
C ILE K 142 -26.41 -37.74 3.93
N THR K 143 -27.68 -38.09 3.98
CA THR K 143 -28.11 -39.45 3.75
C THR K 143 -28.32 -39.66 2.26
N ASN K 144 -28.65 -40.89 1.89
CA ASN K 144 -28.81 -41.25 0.49
C ASN K 144 -30.27 -41.31 0.09
N THR K 145 -31.04 -40.34 0.58
CA THR K 145 -32.48 -40.31 0.30
C THR K 145 -32.78 -39.22 -0.72
N ALA K 146 -31.96 -39.12 -1.76
CA ALA K 146 -32.18 -38.15 -2.81
C ALA K 146 -33.20 -38.68 -3.83
N THR K 147 -33.30 -37.99 -4.98
CA THR K 147 -34.19 -38.43 -6.04
C THR K 147 -33.69 -39.70 -6.69
N GLU K 148 -32.54 -39.63 -7.35
CA GLU K 148 -31.81 -40.83 -7.71
C GLU K 148 -30.31 -40.69 -7.48
N ARG K 149 -29.86 -39.66 -6.78
CA ARG K 149 -28.44 -39.42 -6.53
C ARG K 149 -28.00 -40.39 -5.45
N LYS K 150 -27.75 -41.63 -5.85
CA LYS K 150 -27.55 -42.72 -4.90
C LYS K 150 -26.08 -43.10 -4.93
N MET K 151 -25.28 -42.41 -4.12
CA MET K 151 -23.87 -42.72 -4.03
C MET K 151 -23.69 -43.98 -3.20
N SER K 152 -22.51 -44.56 -3.33
CA SER K 152 -22.19 -45.83 -2.68
C SER K 152 -21.48 -45.54 -1.37
N PHE K 153 -21.87 -46.27 -0.34
CA PHE K 153 -21.32 -46.12 1.00
C PHE K 153 -21.16 -47.50 1.59
N ALA K 154 -20.69 -47.54 2.82
CA ALA K 154 -20.95 -48.69 3.66
C ALA K 154 -22.20 -48.40 4.49
N ALA K 155 -23.11 -49.36 4.50
CA ALA K 155 -24.42 -49.15 5.09
C ALA K 155 -24.34 -49.21 6.62
N GLY K 156 -25.34 -48.62 7.26
CA GLY K 156 -25.43 -48.64 8.69
C GLY K 156 -26.12 -47.39 9.21
N ASP K 157 -25.86 -47.08 10.47
CA ASP K 157 -26.44 -45.94 11.16
C ASP K 157 -25.50 -44.75 11.03
N CYS K 158 -26.06 -43.58 10.70
CA CYS K 158 -25.29 -42.34 10.71
C CYS K 158 -26.12 -41.14 11.19
N THR K 159 -27.04 -41.33 12.15
CA THR K 159 -27.92 -40.22 12.55
C THR K 159 -27.25 -39.25 13.51
N SER K 160 -26.07 -39.64 14.03
CA SER K 160 -25.25 -38.73 14.81
CA SER K 160 -25.25 -38.73 14.81
C SER K 160 -24.80 -37.54 13.98
N LEU K 161 -24.55 -37.76 12.71
CA LEU K 161 -24.18 -36.71 11.77
C LEU K 161 -25.36 -35.81 11.43
N ALA K 162 -26.58 -36.34 11.49
CA ALA K 162 -27.77 -35.50 11.28
C ALA K 162 -28.00 -34.57 12.45
N SER K 163 -27.77 -35.06 13.67
CA SER K 163 -27.83 -34.20 14.85
C SER K 163 -26.69 -33.20 14.87
N GLU K 164 -25.59 -33.53 14.21
CA GLU K 164 -24.45 -32.62 14.09
C GLU K 164 -24.79 -31.42 13.20
N VAL K 165 -25.33 -31.69 12.00
CA VAL K 165 -25.50 -30.62 11.03
C VAL K 165 -26.69 -29.73 11.40
N ALA K 166 -27.69 -30.32 12.08
CA ALA K 166 -28.84 -29.54 12.51
C ALA K 166 -28.48 -28.62 13.66
N SER K 167 -27.50 -29.02 14.48
CA SER K 167 -27.02 -28.18 15.56
C SER K 167 -26.28 -26.96 15.01
N TYR K 168 -25.55 -27.16 13.92
CA TYR K 168 -24.90 -26.01 13.28
C TYR K 168 -25.93 -25.12 12.59
N PHE K 169 -27.01 -25.72 12.11
CA PHE K 169 -28.02 -24.96 11.41
C PHE K 169 -28.92 -24.14 12.33
N ASP K 170 -29.25 -24.63 13.54
CA ASP K 170 -30.00 -23.69 14.37
C ASP K 170 -29.07 -22.79 15.14
N ARG K 171 -27.77 -23.09 15.19
CA ARG K 171 -26.83 -22.09 15.68
C ARG K 171 -26.75 -20.90 14.73
N VAL K 172 -26.69 -21.16 13.43
CA VAL K 172 -26.70 -20.03 12.51
C VAL K 172 -28.11 -19.45 12.41
N GLY K 173 -29.14 -20.29 12.58
CA GLY K 173 -30.51 -19.80 12.50
C GLY K 173 -30.90 -18.92 13.67
N ALA K 174 -30.33 -19.17 14.84
CA ALA K 174 -30.55 -18.26 15.95
C ALA K 174 -29.66 -17.04 15.85
N ALA K 175 -28.45 -17.19 15.31
CA ALA K 175 -27.55 -16.04 15.29
C ALA K 175 -27.85 -15.11 14.13
N ILE K 176 -28.58 -15.57 13.12
CA ILE K 176 -29.21 -14.63 12.19
C ILE K 176 -30.50 -14.05 12.72
N SER K 177 -31.01 -14.56 13.85
CA SER K 177 -32.23 -14.02 14.42
C SER K 177 -31.92 -12.96 15.46
N MET L 1 23.52 5.63 8.91
CA MET L 1 24.16 5.82 10.20
C MET L 1 23.58 7.04 10.91
N LYS L 2 22.84 6.79 11.98
CA LYS L 2 22.14 7.85 12.68
C LYS L 2 23.11 8.67 13.52
N SER L 3 23.07 9.98 13.33
CA SER L 3 23.59 10.94 14.30
C SER L 3 22.45 11.87 14.70
N VAL L 4 22.80 12.92 15.45
CA VAL L 4 21.87 14.02 15.68
C VAL L 4 21.63 14.76 14.38
N ILE L 5 22.70 14.98 13.62
CA ILE L 5 22.67 15.81 12.44
C ILE L 5 21.95 15.08 11.32
N THR L 6 22.06 13.75 11.31
CA THR L 6 21.33 12.92 10.37
C THR L 6 19.84 12.96 10.63
N THR L 7 19.45 13.06 11.90
CA THR L 7 18.04 13.09 12.23
C THR L 7 17.41 14.40 11.80
N VAL L 8 18.16 15.49 11.88
CA VAL L 8 17.52 16.75 11.51
C VAL L 8 17.57 16.99 10.01
N VAL L 9 18.45 16.32 9.26
CA VAL L 9 18.29 16.45 7.80
C VAL L 9 17.12 15.58 7.36
N SER L 10 16.95 14.41 7.99
CA SER L 10 15.76 13.61 7.69
C SER L 10 14.50 14.23 8.26
N ALA L 11 14.62 15.05 9.30
CA ALA L 11 13.49 15.89 9.70
C ALA L 11 13.20 16.94 8.65
N ALA L 12 14.24 17.45 8.01
CA ALA L 12 14.03 18.38 6.91
C ALA L 12 13.64 17.67 5.63
N ASP L 13 13.79 16.34 5.59
CA ASP L 13 13.18 15.56 4.52
C ASP L 13 11.73 15.26 4.84
N ALA L 14 11.44 14.97 6.11
CA ALA L 14 10.06 14.70 6.52
C ALA L 14 9.22 15.96 6.45
N ALA L 15 9.83 17.11 6.72
CA ALA L 15 9.18 18.36 6.35
C ALA L 15 9.22 18.57 4.85
N GLY L 16 10.30 18.11 4.21
CA GLY L 16 10.54 18.51 2.84
C GLY L 16 10.84 19.97 2.70
N ARG L 17 11.43 20.58 3.73
CA ARG L 17 11.49 22.02 3.86
C ARG L 17 12.89 22.46 4.26
N PHE L 18 12.98 23.73 4.58
CA PHE L 18 14.27 24.40 4.65
C PHE L 18 14.93 24.20 6.00
N PRO L 19 16.27 24.30 6.08
CA PRO L 19 16.92 24.30 7.40
C PRO L 19 16.65 25.58 8.17
N SER L 20 15.76 25.49 9.12
CA SER L 20 15.56 26.55 10.09
C SER L 20 16.43 26.25 11.31
N ASN L 21 16.14 26.92 12.40
CA ASN L 21 16.71 26.82 13.74
C ASN L 21 16.30 25.56 14.49
N SER L 22 15.61 24.61 13.87
CA SER L 22 15.67 23.23 14.34
C SER L 22 17.11 22.72 14.27
N ASP L 23 17.79 23.02 13.18
CA ASP L 23 19.19 22.68 13.03
C ASP L 23 20.08 23.50 13.93
N LEU L 24 19.95 24.83 13.85
CA LEU L 24 21.07 25.73 14.01
C LEU L 24 21.59 25.88 15.43
N GLU L 25 21.12 25.11 16.39
CA GLU L 25 21.78 25.10 17.67
C GLU L 25 22.09 23.71 18.19
N SER L 26 21.65 22.66 17.49
CA SER L 26 22.09 21.31 17.80
C SER L 26 23.59 21.13 17.52
N ILE L 27 24.11 21.85 16.54
CA ILE L 27 25.52 21.79 16.22
C ILE L 27 26.33 22.60 17.24
N GLN L 28 25.73 23.68 17.78
CA GLN L 28 26.46 24.52 18.73
C GLN L 28 26.61 23.83 20.06
N GLY L 29 25.68 22.94 20.40
CA GLY L 29 25.88 22.04 21.51
C GLY L 29 27.03 21.07 21.29
N ASN L 30 27.29 20.69 20.04
CA ASN L 30 28.46 19.88 19.76
C ASN L 30 29.74 20.70 19.81
N ILE L 31 29.65 22.01 19.61
CA ILE L 31 30.81 22.89 19.85
C ILE L 31 31.19 22.87 21.32
N GLN L 32 30.20 22.85 22.23
CA GLN L 32 30.55 22.62 23.63
C GLN L 32 30.88 21.15 23.89
N ARG L 33 29.93 20.26 23.62
CA ARG L 33 29.94 18.96 24.29
C ARG L 33 30.64 17.87 23.52
N SER L 34 30.76 17.96 22.19
CA SER L 34 31.60 16.99 21.51
C SER L 34 33.07 17.31 21.71
N ALA L 35 33.40 18.60 21.93
CA ALA L 35 34.71 18.96 22.44
C ALA L 35 34.91 18.41 23.85
N ALA L 36 33.84 18.36 24.64
CA ALA L 36 33.88 17.69 25.93
C ALA L 36 33.63 16.19 25.85
N ARG L 37 33.74 15.58 24.67
CA ARG L 37 33.46 14.15 24.54
C ARG L 37 34.69 13.34 24.17
N LEU L 38 35.52 13.88 23.28
CA LEU L 38 36.59 13.19 22.57
C LEU L 38 37.72 12.69 23.45
N GLU L 39 37.88 13.25 24.65
CA GLU L 39 39.10 13.04 25.43
C GLU L 39 39.15 11.68 26.10
N ALA L 40 38.02 10.99 26.20
CA ALA L 40 38.02 9.68 26.83
C ALA L 40 38.65 8.64 25.92
N ALA L 41 38.49 8.81 24.60
CA ALA L 41 38.63 7.72 23.64
C ALA L 41 40.07 7.29 23.42
N GLU L 42 41.02 8.08 23.88
CA GLU L 42 42.43 7.69 23.79
C GLU L 42 42.77 6.65 24.84
N LYS L 43 42.28 6.80 26.08
CA LYS L 43 42.45 5.69 27.01
C LYS L 43 41.46 4.58 26.75
N LEU L 44 40.34 4.87 26.05
CA LEU L 44 39.50 3.77 25.60
C LEU L 44 40.21 2.93 24.55
N ALA L 45 40.98 3.57 23.66
CA ALA L 45 41.93 2.81 22.85
C ALA L 45 43.13 2.36 23.65
N GLY L 46 43.47 3.07 24.74
CA GLY L 46 44.61 2.67 25.56
C GLY L 46 44.35 1.52 26.50
N ASN L 47 43.10 1.32 26.90
CA ASN L 47 42.76 0.21 27.79
C ASN L 47 42.16 -0.96 27.04
N HIS L 48 42.08 -0.86 25.71
CA HIS L 48 41.28 -1.77 24.88
C HIS L 48 41.81 -3.19 24.88
N GLU L 49 43.09 -3.35 25.17
CA GLU L 49 43.72 -4.65 25.28
C GLU L 49 43.60 -5.23 26.69
N ALA L 50 43.11 -4.44 27.66
CA ALA L 50 43.08 -4.86 29.05
C ALA L 50 41.70 -4.85 29.67
N VAL L 51 40.74 -4.18 29.04
CA VAL L 51 39.38 -4.23 29.55
C VAL L 51 38.75 -5.58 29.22
N VAL L 52 39.28 -6.26 28.21
CA VAL L 52 38.81 -7.59 27.85
C VAL L 52 39.18 -8.61 28.92
N LYS L 53 40.43 -8.58 29.42
CA LYS L 53 40.84 -9.57 30.41
C LYS L 53 40.25 -9.31 31.78
N GLU L 54 39.79 -8.09 32.07
CA GLU L 54 38.97 -8.03 33.27
C GLU L 54 37.54 -8.50 33.01
N ALA L 55 36.89 -8.00 31.96
CA ALA L 55 35.45 -8.18 31.83
C ALA L 55 35.06 -9.60 31.41
N GLY L 56 35.72 -10.14 30.39
CA GLY L 56 35.38 -11.48 29.92
C GLY L 56 35.79 -12.56 30.89
N ASP L 57 36.86 -12.32 31.64
CA ASP L 57 37.27 -13.30 32.62
C ASP L 57 36.46 -13.16 33.90
N ALA L 58 35.88 -11.98 34.15
CA ALA L 58 34.87 -11.89 35.19
C ALA L 58 33.56 -12.53 34.76
N CYS L 59 33.33 -12.64 33.46
CA CYS L 59 32.19 -13.42 33.00
C CYS L 59 32.49 -14.90 33.04
N PHE L 60 33.77 -15.27 32.92
CA PHE L 60 34.16 -16.62 33.27
C PHE L 60 34.07 -16.86 34.77
N ALA L 61 34.30 -15.82 35.57
CA ALA L 61 34.01 -15.93 37.00
C ALA L 61 32.51 -15.98 37.23
N LYS L 62 31.73 -15.36 36.36
CA LYS L 62 30.29 -15.55 36.38
C LYS L 62 29.89 -16.92 35.86
N TYR L 63 30.40 -17.30 34.68
CA TYR L 63 29.93 -18.49 33.97
C TYR L 63 31.13 -19.37 33.68
N ALA L 64 31.30 -20.43 34.48
CA ALA L 64 32.47 -21.28 34.38
C ALA L 64 32.14 -22.74 34.06
N TYR L 65 30.89 -23.04 33.72
CA TYR L 65 30.38 -24.39 33.52
C TYR L 65 30.71 -24.96 32.14
N LEU L 66 31.49 -24.25 31.34
CA LEU L 66 31.47 -24.39 29.89
C LEU L 66 32.26 -25.57 29.37
N LYS L 67 32.75 -26.47 30.23
CA LYS L 67 33.55 -27.61 29.79
C LYS L 67 32.76 -28.60 28.94
N ASN L 68 31.46 -28.70 29.13
CA ASN L 68 30.71 -29.77 28.48
C ASN L 68 30.39 -29.40 27.03
N PRO L 69 30.53 -30.35 26.10
CA PRO L 69 30.21 -30.06 24.70
C PRO L 69 28.71 -29.99 24.48
N GLY L 70 28.32 -29.28 23.43
CA GLY L 70 26.96 -28.84 23.26
C GLY L 70 26.69 -27.50 23.89
N GLU L 71 27.67 -26.94 24.58
CA GLU L 71 27.64 -25.62 25.17
C GLU L 71 28.67 -24.74 24.47
N ALA L 72 28.84 -23.52 24.96
CA ALA L 72 29.51 -22.49 24.18
C ALA L 72 31.03 -22.50 24.32
N GLY L 73 31.55 -22.62 25.53
CA GLY L 73 32.97 -22.50 25.74
C GLY L 73 33.67 -23.84 25.90
N GLU L 74 33.34 -24.81 25.05
CA GLU L 74 33.87 -26.16 25.24
C GLU L 74 35.31 -26.31 24.76
N ASN L 75 35.86 -25.29 24.09
CA ASN L 75 37.28 -25.26 23.77
C ASN L 75 37.78 -23.83 23.93
N GLN L 76 39.10 -23.69 23.98
CA GLN L 76 39.72 -22.40 24.25
C GLN L 76 39.69 -21.49 23.03
N GLU L 77 39.46 -22.05 21.85
CA GLU L 77 39.29 -21.24 20.65
C GLU L 77 37.97 -20.48 20.70
N LYS L 78 36.97 -21.07 21.36
CA LYS L 78 35.75 -20.32 21.66
C LYS L 78 36.03 -19.20 22.64
N ILE L 79 37.00 -19.40 23.53
CA ILE L 79 37.29 -18.40 24.55
C ILE L 79 38.08 -17.24 23.95
N ASN L 80 38.97 -17.51 22.99
CA ASN L 80 39.67 -16.38 22.41
C ASN L 80 38.84 -15.72 21.31
N LYS L 81 37.79 -16.39 20.79
CA LYS L 81 36.87 -15.58 20.01
C LYS L 81 35.82 -14.89 20.87
N CYS L 82 35.63 -15.26 22.14
CA CYS L 82 34.95 -14.37 23.08
C CYS L 82 35.72 -13.07 23.22
N TYR L 83 37.05 -13.19 23.30
CA TYR L 83 37.92 -12.02 23.38
C TYR L 83 37.81 -11.18 22.11
N ARG L 84 37.72 -11.85 20.96
CA ARG L 84 37.51 -11.19 19.68
C ARG L 84 36.12 -10.55 19.60
N ASP L 85 35.13 -11.14 20.28
CA ASP L 85 33.78 -10.58 20.32
C ASP L 85 33.75 -9.26 21.07
N VAL L 86 34.24 -9.30 22.32
CA VAL L 86 34.16 -8.10 23.13
C VAL L 86 35.15 -7.03 22.70
N ASP L 87 36.21 -7.39 21.94
CA ASP L 87 37.08 -6.43 21.26
C ASP L 87 36.30 -5.44 20.41
N HIS L 88 35.44 -5.96 19.56
CA HIS L 88 34.59 -5.12 18.75
C HIS L 88 33.44 -4.51 19.55
N TYR L 89 33.11 -5.07 20.72
CA TYR L 89 32.13 -4.41 21.59
C TYR L 89 32.62 -3.06 22.10
N MET L 90 33.82 -2.99 22.73
CA MET L 90 34.22 -1.63 23.11
C MET L 90 34.76 -0.83 21.93
N ARG L 91 35.05 -1.49 20.81
CA ARG L 91 35.38 -0.71 19.64
C ARG L 91 34.13 -0.03 19.08
N LEU L 92 32.97 -0.68 19.19
CA LEU L 92 31.77 -0.01 18.74
C LEU L 92 31.32 1.06 19.71
N VAL L 93 31.57 0.88 21.03
CA VAL L 93 31.23 1.98 21.93
C VAL L 93 32.21 3.14 21.80
N ASN L 94 33.43 2.89 21.30
CA ASN L 94 34.28 3.98 20.82
C ASN L 94 33.65 4.68 19.62
N TYR L 95 32.94 3.93 18.78
CA TYR L 95 32.37 4.54 17.60
C TYR L 95 31.13 5.37 17.92
N CYS L 96 30.24 4.84 18.78
CA CYS L 96 29.05 5.63 19.09
C CYS L 96 29.32 6.69 20.13
N LEU L 97 30.50 6.66 20.76
CA LEU L 97 30.98 7.87 21.38
C LEU L 97 31.15 8.98 20.36
N VAL L 98 31.98 8.76 19.36
CA VAL L 98 32.45 9.87 18.55
C VAL L 98 31.44 10.30 17.48
N VAL L 99 30.38 9.52 17.25
CA VAL L 99 29.32 10.10 16.44
C VAL L 99 28.30 10.81 17.33
N GLY L 100 28.05 10.31 18.53
CA GLY L 100 26.96 10.82 19.36
C GLY L 100 25.63 10.13 19.18
N GLY L 101 25.16 10.00 17.94
CA GLY L 101 23.91 9.31 17.67
C GLY L 101 24.04 7.81 17.82
N THR L 102 22.89 7.13 17.80
CA THR L 102 22.86 5.72 18.13
C THR L 102 22.89 4.82 16.90
N GLY L 103 23.28 5.37 15.75
CA GLY L 103 23.44 4.62 14.52
C GLY L 103 24.38 3.43 14.55
N PRO L 104 25.63 3.63 14.98
CA PRO L 104 26.50 2.48 15.25
C PRO L 104 26.06 1.61 16.41
N LEU L 105 25.23 2.12 17.33
CA LEU L 105 24.53 1.14 18.15
C LEU L 105 23.50 0.39 17.33
N ASP L 106 22.56 1.12 16.69
CA ASP L 106 21.34 0.51 16.16
C ASP L 106 21.61 -0.43 15.00
N GLU L 107 22.16 0.09 13.90
CA GLU L 107 22.31 -0.76 12.72
C GLU L 107 23.51 -1.68 12.84
N TRP L 108 24.39 -1.42 13.79
CA TRP L 108 25.64 -2.16 13.86
C TRP L 108 25.83 -2.95 15.13
N GLY L 109 24.93 -2.84 16.11
CA GLY L 109 24.96 -3.77 17.22
C GLY L 109 23.58 -4.31 17.56
N ILE L 110 22.54 -3.59 17.17
CA ILE L 110 21.18 -3.91 17.61
C ILE L 110 20.39 -4.53 16.46
N ALA L 111 20.70 -4.13 15.24
CA ALA L 111 20.21 -4.82 14.06
C ALA L 111 20.87 -6.19 14.03
N GLY L 112 20.12 -7.21 14.41
CA GLY L 112 20.73 -8.49 14.70
C GLY L 112 21.19 -8.52 16.15
N ALA L 113 20.25 -8.40 17.08
CA ALA L 113 20.56 -8.62 18.48
C ALA L 113 19.66 -9.68 19.10
N ARG L 114 18.35 -9.61 18.87
CA ARG L 114 17.37 -10.34 19.66
C ARG L 114 17.28 -11.83 19.32
N GLU L 115 17.91 -12.26 18.24
CA GLU L 115 17.68 -13.58 17.69
C GLU L 115 18.96 -14.27 17.27
N VAL L 116 20.06 -13.53 17.22
CA VAL L 116 21.24 -14.00 16.51
C VAL L 116 21.98 -15.05 17.31
N TYR L 117 22.23 -14.77 18.59
CA TYR L 117 22.88 -15.70 19.48
C TYR L 117 21.86 -16.59 20.16
N ARG L 118 20.59 -16.24 20.00
CA ARG L 118 19.51 -17.19 20.26
C ARG L 118 19.63 -18.39 19.34
N THR L 119 19.70 -18.14 18.03
CA THR L 119 19.95 -19.21 17.08
C THR L 119 21.38 -19.72 17.13
N LEU L 120 22.32 -18.89 17.56
CA LEU L 120 23.69 -19.36 17.69
C LEU L 120 23.94 -19.93 19.09
N ASN L 121 22.87 -20.05 19.90
CA ASN L 121 22.83 -20.74 21.20
C ASN L 121 23.77 -20.10 22.20
N LEU L 122 23.84 -18.77 22.20
CA LEU L 122 24.68 -18.13 23.19
C LEU L 122 23.87 -17.15 24.01
N PRO L 123 24.05 -17.09 25.32
CA PRO L 123 23.30 -16.14 26.13
C PRO L 123 23.86 -14.74 26.06
N THR L 124 22.97 -13.75 26.06
CA THR L 124 23.38 -12.37 26.20
C THR L 124 23.52 -11.95 27.65
N SER L 125 23.30 -12.86 28.59
CA SER L 125 23.44 -12.54 30.00
C SER L 125 24.89 -12.27 30.38
N ALA L 126 25.84 -12.95 29.74
CA ALA L 126 27.24 -12.58 29.94
C ALA L 126 27.58 -11.32 29.16
N TYR L 127 26.93 -11.13 28.01
CA TYR L 127 27.06 -9.90 27.23
C TYR L 127 26.55 -8.69 27.97
N VAL L 128 25.61 -8.87 28.89
CA VAL L 128 25.26 -7.75 29.74
C VAL L 128 26.04 -7.73 31.05
N ALA L 129 26.58 -8.88 31.49
CA ALA L 129 27.22 -8.91 32.82
C ALA L 129 28.62 -8.31 32.79
N SER L 130 29.35 -8.48 31.70
CA SER L 130 30.68 -7.86 31.57
C SER L 130 30.57 -6.35 31.53
N ILE L 131 29.53 -5.86 30.86
CA ILE L 131 29.31 -4.44 30.80
C ILE L 131 28.67 -3.95 32.12
N ALA L 132 28.01 -4.88 32.84
CA ALA L 132 27.54 -4.58 34.20
C ALA L 132 28.68 -4.49 35.19
N TYR L 133 29.82 -5.11 34.91
CA TYR L 133 31.03 -4.74 35.64
C TYR L 133 31.43 -3.31 35.31
N THR L 134 31.36 -2.93 34.04
CA THR L 134 31.79 -1.59 33.66
C THR L 134 30.70 -0.52 33.84
N ARG L 135 29.70 -0.75 34.71
CA ARG L 135 28.71 0.26 35.06
C ARG L 135 29.34 1.46 35.74
N ASP L 136 29.69 1.28 37.01
CA ASP L 136 30.29 2.34 37.79
C ASP L 136 31.80 2.21 37.78
N ARG L 137 32.34 1.24 37.03
CA ARG L 137 33.77 1.15 36.84
C ARG L 137 34.23 2.27 35.91
N LEU L 138 34.50 3.42 36.54
CA LEU L 138 34.88 4.71 36.00
C LEU L 138 35.18 5.60 37.19
N CYS L 139 35.96 6.65 36.98
CA CYS L 139 36.31 7.55 38.08
C CYS L 139 36.29 9.00 37.60
N VAL L 140 35.19 9.68 37.87
CA VAL L 140 34.93 11.06 37.44
C VAL L 140 35.80 12.19 38.01
N PRO L 141 36.57 12.06 39.14
CA PRO L 141 37.64 13.05 39.32
C PRO L 141 39.00 12.58 38.78
N ARG L 142 39.09 11.29 38.50
CA ARG L 142 40.32 10.53 38.54
C ARG L 142 40.65 9.82 37.22
N ASP L 143 39.69 9.14 36.59
CA ASP L 143 39.94 8.58 35.26
C ASP L 143 39.85 9.69 34.23
N MET L 144 38.67 10.27 34.09
CA MET L 144 38.43 11.46 33.28
C MET L 144 37.48 12.36 34.06
N SER L 145 36.91 13.34 33.36
CA SER L 145 36.07 14.33 34.01
C SER L 145 34.69 13.78 34.35
N ALA L 146 33.93 14.58 35.09
CA ALA L 146 32.53 14.29 35.37
C ALA L 146 31.58 14.80 34.31
N GLN L 147 32.12 15.28 33.19
CA GLN L 147 31.30 15.88 32.13
C GLN L 147 31.06 14.94 30.97
N ALA L 148 31.75 13.81 30.89
CA ALA L 148 31.50 12.85 29.83
C ALA L 148 31.45 11.41 30.29
N GLY L 149 31.85 11.11 31.53
CA GLY L 149 31.87 9.72 31.97
C GLY L 149 30.50 9.19 32.27
N VAL L 150 29.59 10.06 32.69
CA VAL L 150 28.21 9.63 32.93
C VAL L 150 27.51 9.47 31.60
N GLU L 151 27.96 10.21 30.60
CA GLU L 151 27.43 10.05 29.26
C GLU L 151 27.98 8.81 28.61
N PHE L 152 29.25 8.51 28.89
CA PHE L 152 29.87 7.26 28.49
C PHE L 152 29.17 6.08 29.14
N SER L 153 28.79 6.25 30.41
CA SER L 153 27.93 5.29 31.10
C SER L 153 26.58 5.18 30.43
N ALA L 154 26.03 6.31 29.97
CA ALA L 154 24.74 6.33 29.32
C ALA L 154 24.78 5.67 27.94
N TYR L 155 25.94 5.76 27.28
CA TYR L 155 26.17 5.11 25.99
C TYR L 155 26.07 3.61 26.12
N LEU L 156 26.90 3.03 26.98
CA LEU L 156 26.92 1.59 27.05
C LEU L 156 25.86 1.02 27.98
N ASP L 157 24.99 1.84 28.59
CA ASP L 157 23.82 1.27 29.25
C ASP L 157 22.54 1.38 28.43
N TYR L 158 22.49 2.34 27.50
CA TYR L 158 21.49 2.27 26.43
C TYR L 158 21.72 1.04 25.58
N LEU L 159 23.00 0.67 25.39
CA LEU L 159 23.38 -0.61 24.81
C LEU L 159 22.80 -1.80 25.57
N ILE L 160 22.75 -1.76 26.89
CA ILE L 160 22.29 -2.92 27.64
C ILE L 160 20.78 -2.94 27.71
N ASN L 161 20.17 -1.75 27.79
CA ASN L 161 18.72 -1.62 27.70
C ASN L 161 18.21 -2.04 26.33
N ALA L 162 19.01 -1.82 25.30
CA ALA L 162 18.77 -2.42 24.01
C ALA L 162 19.01 -3.91 24.03
N LEU L 163 20.05 -4.36 24.73
CA LEU L 163 20.29 -5.80 24.86
C LEU L 163 19.29 -6.47 25.77
N SER L 164 18.71 -5.73 26.70
CA SER L 164 17.60 -6.24 27.48
C SER L 164 16.33 -5.59 26.97
N UNK M 1 13.92 10.77 -7.02
CA UNK M 1 15.28 10.26 -7.16
C UNK M 1 15.27 8.75 -7.22
N UNK M 2 14.50 8.13 -6.34
CA UNK M 2 14.46 6.69 -6.24
C UNK M 2 13.60 6.08 -7.35
N UNK M 3 13.43 4.77 -7.31
CA UNK M 3 12.76 4.06 -8.39
C UNK M 3 12.12 2.79 -7.86
N UNK M 4 11.39 2.11 -8.74
CA UNK M 4 10.94 0.75 -8.51
C UNK M 4 12.18 -0.11 -8.59
N UNK M 5 12.74 -0.38 -7.41
CA UNK M 5 14.13 -0.78 -7.30
C UNK M 5 14.35 -2.20 -7.77
N UNK M 6 13.76 -3.17 -7.07
CA UNK M 6 14.06 -4.57 -7.36
C UNK M 6 12.92 -5.44 -6.86
N UNK M 7 12.93 -6.67 -7.35
CA UNK M 7 12.06 -7.73 -6.88
C UNK M 7 12.80 -9.03 -7.11
N UNK M 8 12.05 -10.12 -7.13
CA UNK M 8 12.57 -11.42 -7.57
C UNK M 8 11.96 -11.71 -8.94
N UNK M 9 12.72 -11.41 -10.00
CA UNK M 9 12.28 -11.65 -11.37
C UNK M 9 13.49 -11.89 -12.26
N UNK M 10 13.44 -12.98 -13.05
CA UNK M 10 14.62 -13.41 -13.80
C UNK M 10 14.60 -12.98 -15.26
N UNK M 11 13.59 -13.42 -16.01
CA UNK M 11 13.49 -13.07 -17.41
C UNK M 11 13.08 -11.62 -17.57
N UNK M 12 12.11 -11.18 -16.78
CA UNK M 12 11.90 -9.76 -16.59
C UNK M 12 12.99 -9.21 -15.69
N UNK M 13 13.23 -7.89 -15.82
CA UNK M 13 14.16 -7.09 -15.02
C UNK M 13 15.59 -7.63 -15.13
N UNK M 14 16.16 -7.39 -16.32
CA UNK M 14 17.46 -7.89 -16.78
C UNK M 14 18.65 -7.61 -15.86
N UNK M 15 19.77 -8.29 -16.16
CA UNK M 15 20.79 -8.70 -15.20
C UNK M 15 21.52 -7.56 -14.50
N UNK M 16 21.64 -6.38 -15.11
CA UNK M 16 22.48 -5.34 -14.56
C UNK M 16 21.82 -4.62 -13.39
N UNK M 17 20.71 -3.93 -13.69
CA UNK M 17 19.70 -3.37 -12.79
C UNK M 17 20.13 -2.17 -11.95
N UNK M 18 21.44 -1.88 -11.92
CA UNK M 18 22.13 -0.67 -11.42
C UNK M 18 21.60 -0.09 -10.11
N UNK M 19 21.18 -0.96 -9.20
CA UNK M 19 20.22 -0.57 -8.19
C UNK M 19 20.90 0.17 -7.05
N UNK M 20 20.09 0.55 -6.06
CA UNK M 20 20.58 1.30 -4.91
C UNK M 20 19.70 0.96 -3.72
N UNK M 21 19.99 1.59 -2.58
CA UNK M 21 19.31 1.36 -1.32
C UNK M 21 19.56 2.60 -0.45
N UNK M 22 19.38 2.46 0.85
CA UNK M 22 20.01 3.39 1.77
C UNK M 22 21.51 3.14 1.65
N UNK M 23 22.18 4.01 0.89
CA UNK M 23 23.48 3.70 0.31
C UNK M 23 24.56 3.86 1.37
N UNK M 24 25.02 2.72 1.86
CA UNK M 24 26.05 2.70 2.90
C UNK M 24 27.39 2.36 2.29
N UNK M 25 27.67 2.89 1.10
CA UNK M 25 28.92 2.59 0.41
C UNK M 25 30.11 3.24 1.10
N UNK M 26 31.26 2.58 1.01
CA UNK M 26 32.48 3.01 1.67
C UNK M 26 33.67 2.43 0.90
N UNK M 27 34.86 2.45 1.51
CA UNK M 27 36.08 1.88 0.95
C UNK M 27 37.01 1.52 2.10
N UNK M 28 37.74 0.40 1.97
CA UNK M 28 38.27 -0.24 3.18
C UNK M 28 39.44 -1.18 2.85
N UNK M 29 39.79 -2.06 3.82
CA UNK M 29 41.12 -2.65 3.97
C UNK M 29 41.19 -4.17 3.92
N UNK M 30 40.36 -4.88 4.69
CA UNK M 30 40.26 -6.35 4.79
C UNK M 30 41.54 -7.01 5.32
N UNK M 31 41.88 -6.69 6.59
CA UNK M 31 42.93 -7.38 7.36
C UNK M 31 42.83 -7.07 8.85
N UNK M 32 42.67 -8.11 9.68
CA UNK M 32 43.02 -8.10 11.11
C UNK M 32 43.04 -9.53 11.65
N UNK M 33 43.55 -9.65 12.88
CA UNK M 33 43.57 -10.86 13.69
C UNK M 33 43.81 -10.44 15.14
N UNK M 34 44.14 -11.40 15.99
CA UNK M 34 44.61 -11.14 17.35
C UNK M 34 45.83 -12.02 17.63
N UNK M 35 46.41 -11.85 18.82
CA UNK M 35 47.49 -12.71 19.28
C UNK M 35 46.86 -14.05 19.64
N UNK M 36 46.97 -14.99 18.70
CA UNK M 36 46.16 -16.21 18.69
C UNK M 36 46.56 -17.18 19.79
N UNK M 37 47.79 -17.67 19.76
CA UNK M 37 48.32 -18.45 20.88
C UNK M 37 48.63 -17.49 22.02
N UNK M 38 47.80 -17.50 23.05
CA UNK M 38 47.96 -16.56 24.16
C UNK M 38 48.26 -17.25 25.48
N UNK M 39 47.39 -18.17 25.93
CA UNK M 39 47.53 -18.74 27.25
C UNK M 39 48.46 -19.94 27.24
N UNK M 40 48.39 -20.75 26.18
CA UNK M 40 49.31 -21.86 26.01
C UNK M 40 50.66 -21.43 25.47
N UNK M 41 50.79 -20.17 25.05
CA UNK M 41 52.06 -19.63 24.58
C UNK M 41 52.80 -18.88 25.67
N UNK M 42 52.73 -19.35 26.91
CA UNK M 42 53.46 -18.72 28.01
C UNK M 42 54.95 -18.91 27.88
N UNK M 43 55.38 -20.01 27.26
CA UNK M 43 56.79 -20.14 26.88
C UNK M 43 57.13 -19.21 25.72
N UNK M 44 56.18 -19.02 24.80
CA UNK M 44 56.44 -18.22 23.62
C UNK M 44 56.35 -16.72 23.89
N UNK M 45 55.43 -16.30 24.78
CA UNK M 45 55.34 -14.88 25.12
C UNK M 45 56.50 -14.43 25.97
N UNK M 46 57.08 -15.34 26.76
CA UNK M 46 58.34 -15.06 27.43
C UNK M 46 59.49 -15.05 26.45
N UNK M 47 59.43 -15.89 25.40
CA UNK M 47 60.44 -15.87 24.36
C UNK M 47 60.24 -14.73 23.36
N UNK M 48 59.03 -14.15 23.32
CA UNK M 48 58.83 -12.97 22.48
C UNK M 48 59.53 -11.75 23.08
N UNK M 49 59.53 -11.65 24.41
CA UNK M 49 60.27 -10.59 25.07
C UNK M 49 61.76 -10.91 25.21
N UNK M 50 62.14 -12.17 24.99
CA UNK M 50 63.55 -12.54 25.06
C UNK M 50 64.32 -12.03 23.85
N UNK M 51 63.73 -12.14 22.66
CA UNK M 51 64.30 -11.52 21.48
C UNK M 51 64.11 -10.02 21.47
N UNK M 52 63.10 -9.52 22.18
CA UNK M 52 62.90 -8.08 22.28
C UNK M 52 63.93 -7.43 23.20
N UNK M 53 64.38 -8.15 24.22
CA UNK M 53 65.41 -7.64 25.13
C UNK M 53 66.81 -7.80 24.57
N UNK M 54 66.97 -8.52 23.46
CA UNK M 54 68.23 -8.61 22.76
C UNK M 54 68.24 -7.81 21.47
N UNK M 55 67.07 -7.47 20.93
CA UNK M 55 66.99 -6.68 19.70
C UNK M 55 65.68 -5.89 19.73
N UNK M 56 65.78 -4.57 19.67
CA UNK M 56 64.62 -3.70 19.75
C UNK M 56 63.96 -3.47 18.39
N UNK M 57 64.68 -3.69 17.29
CA UNK M 57 64.14 -3.47 15.96
C UNK M 57 63.76 -4.77 15.26
N UNK M 58 64.44 -5.87 15.55
CA UNK M 58 64.15 -7.14 14.90
C UNK M 58 62.92 -7.79 15.54
N UNK M 59 62.00 -8.24 14.70
CA UNK M 59 60.79 -8.90 15.17
C UNK M 59 61.02 -10.40 15.30
N UNK M 60 60.39 -11.00 16.32
CA UNK M 60 60.51 -12.44 16.54
C UNK M 60 59.67 -13.20 15.52
N UNK M 61 60.33 -13.88 14.60
CA UNK M 61 59.64 -14.61 13.54
C UNK M 61 59.55 -16.11 13.78
N UNK M 62 60.21 -16.63 14.82
CA UNK M 62 60.21 -18.06 15.08
C UNK M 62 58.87 -18.55 15.64
N UNK M 63 58.07 -17.66 16.23
CA UNK M 63 56.74 -18.06 16.68
C UNK M 63 55.78 -18.24 15.51
N UNK M 64 56.01 -17.52 14.42
CA UNK M 64 55.19 -17.60 13.22
C UNK M 64 55.95 -18.25 12.06
N UNK M 65 56.74 -19.27 12.36
CA UNK M 65 57.53 -19.97 11.37
C UNK M 65 57.06 -21.43 11.28
N UNK M 66 57.81 -22.23 10.51
CA UNK M 66 57.51 -23.65 10.33
C UNK M 66 57.91 -24.40 11.59
N UNK M 67 57.01 -24.42 12.58
CA UNK M 67 57.28 -25.08 13.84
C UNK M 67 56.06 -25.83 14.39
N UNK M 68 55.08 -26.12 13.54
CA UNK M 68 53.86 -26.80 13.96
C UNK M 68 53.86 -28.24 13.45
N UNK M 69 52.79 -28.95 13.76
CA UNK M 69 52.66 -30.35 13.35
C UNK M 69 51.18 -30.67 13.18
N UNK M 70 50.79 -31.06 11.98
CA UNK M 70 49.40 -31.41 11.68
C UNK M 70 49.23 -32.89 11.38
N UNK M 71 50.00 -33.43 10.42
CA UNK M 71 50.07 -34.84 10.01
C UNK M 71 48.71 -35.36 9.55
N UNK M 72 48.25 -34.79 8.44
CA UNK M 72 46.94 -35.14 7.89
C UNK M 72 47.10 -35.70 6.47
N UNK M 73 48.03 -36.64 6.30
CA UNK M 73 48.28 -37.24 5.00
C UNK M 73 47.13 -38.16 4.57
N UNK M 74 47.02 -38.34 3.26
CA UNK M 74 45.89 -39.08 2.68
C UNK M 74 46.38 -39.76 1.40
N UNK M 75 45.41 -40.14 0.55
CA UNK M 75 45.61 -40.81 -0.75
C UNK M 75 46.35 -42.13 -0.61
N UNK M 76 46.04 -42.88 0.46
CA UNK M 76 46.60 -44.19 0.70
C UNK M 76 45.47 -45.21 0.68
N UNK M 77 45.68 -46.31 -0.03
CA UNK M 77 44.65 -47.34 -0.19
C UNK M 77 44.41 -48.16 1.07
N UNK M 78 45.42 -48.25 1.95
CA UNK M 78 45.40 -48.94 3.26
C UNK M 78 45.02 -50.42 3.10
N UNK M 79 45.96 -51.15 2.49
CA UNK M 79 45.80 -52.58 2.18
C UNK M 79 45.70 -53.37 3.47
N UNK M 80 44.49 -53.85 3.78
CA UNK M 80 44.19 -54.48 5.05
C UNK M 80 44.05 -55.99 4.93
N UNK M 81 43.45 -56.47 3.85
CA UNK M 81 43.24 -57.89 3.64
C UNK M 81 44.48 -58.60 3.09
N UNK M 82 45.52 -57.85 2.73
CA UNK M 82 46.75 -58.46 2.22
C UNK M 82 47.92 -57.57 2.59
N UNK M 83 49.02 -58.20 2.99
CA UNK M 83 50.26 -57.50 3.27
C UNK M 83 51.35 -57.84 2.27
N UNK M 84 51.13 -58.81 1.38
CA UNK M 84 52.09 -59.17 0.36
C UNK M 84 51.48 -59.13 -1.04
N UNK M 85 50.27 -58.60 -1.19
CA UNK M 85 49.60 -58.53 -2.48
C UNK M 85 48.97 -57.16 -2.65
N UNK M 86 48.61 -56.85 -3.89
CA UNK M 86 47.99 -55.58 -4.26
C UNK M 86 46.72 -55.90 -5.05
N UNK M 87 45.60 -56.05 -4.33
CA UNK M 87 44.32 -56.37 -4.96
C UNK M 87 43.55 -55.10 -5.30
N UNK N 1 -2.69 -13.79 10.21
CA UNK N 1 -1.91 -13.60 11.43
C UNK N 1 -1.60 -12.13 11.65
N UNK N 2 -1.43 -11.73 12.90
CA UNK N 2 -1.23 -10.33 13.24
C UNK N 2 -0.44 -10.22 14.53
N UNK N 3 0.21 -9.07 14.70
CA UNK N 3 1.11 -8.79 15.83
C UNK N 3 1.21 -7.27 15.98
N UNK N 4 2.25 -6.81 16.69
CA UNK N 4 2.40 -5.41 17.05
C UNK N 4 2.93 -4.58 15.87
N UNK N 5 3.25 -3.32 16.15
CA UNK N 5 3.68 -2.38 15.13
C UNK N 5 5.11 -2.67 14.67
N UNK N 6 5.24 -3.37 13.54
CA UNK N 6 6.52 -3.93 13.13
C UNK N 6 6.59 -4.24 11.63
N UNK N 7 7.55 -5.07 11.26
CA UNK N 7 7.66 -5.59 9.89
C UNK N 7 6.94 -6.93 9.82
N UNK N 8 7.17 -7.67 8.74
CA UNK N 8 6.44 -8.88 8.36
C UNK N 8 6.89 -10.10 9.17
N UNK N 9 6.52 -11.28 8.65
CA UNK N 9 6.57 -12.63 9.26
C UNK N 9 7.89 -12.97 9.96
N UNK N 10 9.00 -12.88 9.24
CA UNK N 10 10.30 -12.59 9.85
C UNK N 10 11.19 -11.95 8.80
N UNK N 11 12.04 -11.03 9.26
CA UNK N 11 12.95 -10.32 8.40
C UNK N 11 14.07 -9.76 9.25
N UNK N 12 14.89 -8.94 8.62
CA UNK N 12 15.83 -8.07 9.29
C UNK N 12 15.51 -6.63 8.88
N UNK N 13 16.19 -5.69 9.52
CA UNK N 13 16.01 -4.29 9.17
C UNK N 13 16.94 -3.90 8.05
N UNK N 14 16.45 -3.07 7.15
CA UNK N 14 17.26 -2.48 6.11
C UNK N 14 17.63 -1.04 6.46
N UNK N 15 17.64 -0.75 7.77
CA UNK N 15 17.78 0.58 8.37
C UNK N 15 16.76 1.56 7.80
N UNK N 16 15.49 1.24 7.99
CA UNK N 16 14.39 2.07 7.50
C UNK N 16 13.54 2.54 8.67
N UNK N 17 12.41 3.17 8.36
CA UNK N 17 11.53 3.72 9.39
C UNK N 17 10.10 3.67 8.91
N UNK N 18 9.19 3.29 9.80
CA UNK N 18 7.77 3.23 9.48
C UNK N 18 7.17 4.63 9.45
N UNK N 19 5.97 4.75 8.88
CA UNK N 19 5.33 6.05 8.70
C UNK N 19 3.86 6.09 9.04
N UNK N 20 3.24 4.99 9.45
CA UNK N 20 1.87 4.98 9.95
C UNK N 20 1.87 5.33 11.43
N UNK N 21 0.77 4.97 12.11
CA UNK N 21 0.58 5.08 13.56
C UNK N 21 0.66 6.51 14.06
N UNK N 22 -0.41 7.27 13.78
CA UNK N 22 -0.48 8.71 13.53
C UNK N 22 0.45 9.59 14.37
N UNK N 23 1.06 10.56 13.70
CA UNK N 23 2.26 11.22 14.19
C UNK N 23 2.09 12.72 14.07
N UNK N 24 3.17 13.44 14.35
CA UNK N 24 3.16 14.89 14.34
C UNK N 24 3.77 15.41 13.04
N UNK N 25 3.03 15.28 11.95
CA UNK N 25 3.36 16.03 10.75
C UNK N 25 2.15 16.79 10.30
N UNK N 26 1.03 16.07 10.25
CA UNK N 26 -0.24 16.40 9.59
C UNK N 26 -0.06 16.72 8.11
N UNK N 27 0.99 16.17 7.49
CA UNK N 27 1.34 16.52 6.12
C UNK N 27 2.25 15.44 5.56
N UNK N 28 1.80 14.79 4.51
CA UNK N 28 2.60 13.73 3.89
C UNK N 28 2.59 13.93 2.39
N UNK N 29 3.78 13.99 1.80
CA UNK N 29 3.89 13.91 0.35
C UNK N 29 3.70 12.47 -0.08
N UNK N 30 2.44 12.04 -0.12
CA UNK N 30 2.12 10.63 -0.02
C UNK N 30 2.38 9.90 -1.32
N UNK N 31 1.80 10.40 -2.39
CA UNK N 31 2.29 10.04 -3.71
C UNK N 31 3.69 10.62 -3.85
N UNK N 32 4.56 9.84 -4.44
CA UNK N 32 5.96 10.21 -4.54
C UNK N 32 6.35 10.32 -6.00
N UNK N 33 7.66 10.49 -6.23
CA UNK N 33 8.19 10.79 -7.56
C UNK N 33 8.19 9.56 -8.45
N UNK N 34 7.51 9.65 -9.60
CA UNK N 34 7.39 8.48 -10.45
C UNK N 34 7.42 8.74 -11.96
N UNK N 35 7.78 9.93 -12.42
CA UNK N 35 7.64 10.26 -13.84
C UNK N 35 8.88 9.87 -14.65
N UNK N 36 9.07 8.56 -14.75
CA UNK N 36 9.99 7.98 -15.72
C UNK N 36 9.23 7.24 -16.81
N UNK N 37 7.89 7.28 -16.76
CA UNK N 37 6.97 6.89 -17.83
C UNK N 37 7.03 5.39 -18.15
N UNK N 38 7.20 4.58 -17.11
CA UNK N 38 6.85 3.15 -17.05
C UNK N 38 7.62 2.29 -18.07
N UNK N 39 8.93 2.20 -17.85
CA UNK N 39 9.77 1.43 -18.76
C UNK N 39 9.74 -0.07 -18.49
N UNK N 40 9.68 -0.49 -17.23
CA UNK N 40 9.93 -1.89 -16.88
C UNK N 40 8.72 -2.77 -17.18
N UNK N 41 8.95 -4.08 -17.13
CA UNK N 41 7.94 -5.08 -17.44
C UNK N 41 8.08 -6.27 -16.49
N UNK N 42 7.07 -7.14 -16.51
CA UNK N 42 7.03 -8.26 -15.59
C UNK N 42 6.20 -9.40 -16.15
N UNK N 43 6.73 -10.62 -16.05
CA UNK N 43 5.94 -11.84 -16.27
C UNK N 43 5.32 -12.23 -14.93
N UNK N 44 4.26 -11.50 -14.57
CA UNK N 44 3.82 -11.39 -13.20
C UNK N 44 2.66 -12.32 -12.84
N UNK N 45 2.43 -13.37 -13.64
CA UNK N 45 1.14 -13.98 -13.99
C UNK N 45 0.01 -13.94 -12.96
N UNK N 46 0.31 -14.27 -11.70
CA UNK N 46 -0.68 -14.16 -10.64
C UNK N 46 -0.97 -12.71 -10.29
N UNK N 47 0.05 -11.86 -10.25
CA UNK N 47 -0.15 -10.42 -10.17
C UNK N 47 -0.50 -9.83 -11.52
N UNK N 48 -0.25 -10.56 -12.60
CA UNK N 48 -0.80 -10.13 -13.87
C UNK N 48 -2.21 -10.65 -14.07
N UNK N 49 -2.66 -11.59 -13.22
CA UNK N 49 -4.09 -11.82 -13.09
C UNK N 49 -4.76 -10.68 -12.34
N UNK N 50 -4.02 -9.91 -11.55
CA UNK N 50 -4.51 -8.62 -11.13
C UNK N 50 -4.43 -7.59 -12.24
N UNK N 51 -3.50 -7.76 -13.19
CA UNK N 51 -3.52 -6.92 -14.38
C UNK N 51 -4.55 -7.38 -15.38
N UNK N 52 -5.02 -8.62 -15.26
CA UNK N 52 -6.24 -9.00 -15.94
C UNK N 52 -7.43 -8.24 -15.39
N UNK N 53 -7.44 -7.96 -14.09
CA UNK N 53 -8.44 -7.07 -13.53
C UNK N 53 -8.19 -5.62 -13.87
N UNK N 54 -6.96 -5.26 -14.26
CA UNK N 54 -6.69 -3.88 -14.67
C UNK N 54 -7.36 -3.52 -15.99
N UNK N 55 -7.63 -4.51 -16.84
CA UNK N 55 -8.52 -4.30 -17.96
C UNK N 55 -9.96 -4.60 -17.57
N UNK N 56 -10.19 -5.22 -16.41
CA UNK N 56 -11.53 -5.65 -16.05
C UNK N 56 -12.18 -4.76 -15.01
N UNK N 57 -11.45 -3.80 -14.44
CA UNK N 57 -11.94 -2.79 -13.50
C UNK N 57 -10.86 -1.72 -13.41
N UNK N 58 -11.19 -0.64 -12.69
CA UNK N 58 -10.15 0.24 -12.17
C UNK N 58 -10.56 0.63 -10.74
N UNK N 59 -10.24 -0.27 -9.82
CA UNK N 59 -10.34 0.09 -8.41
C UNK N 59 -9.01 -0.17 -7.73
N UNK N 60 -8.52 -1.40 -7.92
CA UNK N 60 -7.39 -1.99 -7.18
C UNK N 60 -7.53 -1.79 -5.68
N UNK N 61 -8.73 -2.06 -5.17
CA UNK N 61 -9.06 -1.75 -3.79
C UNK N 61 -8.39 -2.78 -2.88
N UNK N 62 -7.14 -2.53 -2.55
CA UNK N 62 -6.30 -3.48 -1.85
C UNK N 62 -6.66 -3.49 -0.37
N UNK N 63 -6.88 -4.69 0.17
CA UNK N 63 -7.05 -4.85 1.61
C UNK N 63 -6.35 -6.06 2.20
N UNK N 64 -5.86 -7.00 1.39
CA UNK N 64 -5.27 -8.23 1.90
C UNK N 64 -3.89 -8.02 2.50
N UNK N 65 -3.26 -6.87 2.26
CA UNK N 65 -2.01 -6.53 2.92
C UNK N 65 -2.29 -5.82 4.23
N UNK N 66 -1.56 -6.18 5.27
CA UNK N 66 -1.63 -5.49 6.54
C UNK N 66 -0.70 -4.30 6.61
N UNK N 67 -0.02 -3.99 5.51
CA UNK N 67 0.91 -2.88 5.48
C UNK N 67 0.17 -1.55 5.45
N UNK N 68 0.95 -0.48 5.55
CA UNK N 68 0.41 0.88 5.64
C UNK N 68 1.49 1.85 5.20
N UNK N 69 1.05 3.07 4.87
CA UNK N 69 1.86 4.28 4.74
C UNK N 69 2.96 4.12 3.68
N UNK N 70 2.49 4.06 2.43
CA UNK N 70 2.93 3.18 1.34
C UNK N 70 4.39 2.77 1.31
N UNK N 71 4.62 1.46 1.23
CA UNK N 71 5.85 0.86 1.72
C UNK N 71 6.91 0.73 0.64
N UNK N 72 8.11 0.41 1.10
CA UNK N 72 9.21 0.00 0.24
C UNK N 72 10.01 -1.13 0.86
N UNK N 73 9.45 -1.83 1.85
CA UNK N 73 10.18 -2.82 2.63
C UNK N 73 10.34 -4.11 1.85
N UNK N 74 10.95 -5.10 2.50
CA UNK N 74 11.34 -6.31 1.78
C UNK N 74 11.21 -7.53 2.67
N UNK N 75 10.21 -8.37 2.35
CA UNK N 75 10.19 -9.75 2.79
C UNK N 75 9.93 -10.67 1.60
N UNK N 76 9.74 -10.10 0.41
CA UNK N 76 9.65 -10.75 -0.89
C UNK N 76 8.48 -11.75 -0.96
N UNK N 77 7.29 -11.16 -0.94
CA UNK N 77 5.98 -11.75 -1.21
C UNK N 77 5.73 -11.82 -2.72
N UNK N 78 4.46 -11.93 -3.11
CA UNK N 78 4.07 -12.16 -4.50
C UNK N 78 4.43 -11.01 -5.43
N UNK N 79 4.10 -9.77 -5.05
CA UNK N 79 4.38 -8.65 -5.93
C UNK N 79 4.67 -7.39 -5.10
N UNK N 80 4.85 -6.28 -5.80
CA UNK N 80 5.25 -5.04 -5.18
C UNK N 80 4.05 -4.31 -4.59
N UNK N 81 4.29 -3.07 -4.17
CA UNK N 81 3.31 -2.27 -3.45
C UNK N 81 2.42 -1.48 -4.40
N UNK N 82 1.65 -0.55 -3.83
CA UNK N 82 0.66 0.19 -4.61
C UNK N 82 1.29 1.32 -5.42
N UNK N 83 2.56 1.65 -5.13
CA UNK N 83 3.30 2.55 -6.00
C UNK N 83 3.56 1.89 -7.34
N UNK N 84 3.74 0.58 -7.35
CA UNK N 84 3.70 -0.18 -8.59
C UNK N 84 2.26 -0.22 -9.07
N UNK N 85 2.04 0.38 -10.24
CA UNK N 85 0.77 0.34 -10.95
C UNK N 85 1.08 0.00 -12.39
N UNK N 86 1.81 -1.11 -12.54
CA UNK N 86 3.07 -1.24 -13.25
C UNK N 86 3.29 -0.34 -14.46
N UNK N 87 2.38 -0.37 -15.41
CA UNK N 87 2.60 0.40 -16.62
C UNK N 87 1.27 0.81 -17.19
N UNK N 88 1.32 1.79 -18.10
CA UNK N 88 0.22 2.29 -18.92
C UNK N 88 -0.95 2.81 -18.06
N UNK N 89 -0.69 3.93 -17.40
CA UNK N 89 -1.69 4.60 -16.58
C UNK N 89 -1.80 6.07 -16.98
N UNK N 90 -3.04 6.53 -17.16
CA UNK N 90 -3.31 7.94 -17.38
C UNK N 90 -3.53 8.71 -16.09
N UNK N 91 -3.23 8.09 -14.94
CA UNK N 91 -3.72 8.56 -13.65
C UNK N 91 -2.91 9.77 -13.19
N UNK N 92 -3.44 10.95 -13.44
CA UNK N 92 -3.04 12.14 -12.72
C UNK N 92 -4.17 12.67 -11.86
N UNK N 93 -5.40 12.51 -12.32
CA UNK N 93 -6.56 13.03 -11.62
C UNK N 93 -7.06 12.11 -10.53
N UNK N 94 -6.63 10.86 -10.51
CA UNK N 94 -7.12 9.93 -9.52
C UNK N 94 -6.39 10.12 -8.19
N UNK N 95 -7.07 9.75 -7.11
CA UNK N 95 -6.50 9.80 -5.77
C UNK N 95 -7.24 8.83 -4.86
N UNK N 96 -6.65 8.59 -3.70
CA UNK N 96 -7.25 7.72 -2.71
C UNK N 96 -6.74 8.14 -1.35
N UNK N 97 -7.34 7.57 -0.32
CA UNK N 97 -6.87 7.77 1.03
C UNK N 97 -7.19 6.52 1.82
N UNK N 98 -6.44 6.33 2.90
CA UNK N 98 -6.56 5.12 3.67
C UNK N 98 -6.62 5.46 5.14
N UNK N 99 -6.92 4.45 5.94
CA UNK N 99 -7.04 4.64 7.38
C UNK N 99 -6.39 3.48 8.14
N UNK N 100 -5.36 2.87 7.57
CA UNK N 100 -4.53 1.96 8.34
C UNK N 100 -3.66 2.86 9.19
N UNK N 101 -3.99 2.95 10.48
CA UNK N 101 -3.74 4.17 11.25
C UNK N 101 -3.42 3.78 12.69
N UNK N 102 -3.60 4.74 13.61
CA UNK N 102 -2.85 4.85 14.86
C UNK N 102 -2.97 3.73 15.89
N UNK N 103 -4.07 3.67 16.63
CA UNK N 103 -4.16 2.60 17.62
C UNK N 103 -5.56 2.03 17.77
N UNK N 104 -6.58 2.85 17.50
CA UNK N 104 -7.91 2.54 17.99
C UNK N 104 -8.62 1.52 17.11
N UNK N 105 -8.17 1.33 15.89
CA UNK N 105 -8.74 0.30 15.05
C UNK N 105 -8.33 -1.08 15.54
N UNK N 106 -9.21 -2.04 15.29
CA UNK N 106 -8.96 -3.40 15.71
C UNK N 106 -8.14 -4.12 14.64
N UNK N 107 -8.03 -5.45 14.75
CA UNK N 107 -7.29 -6.25 13.79
C UNK N 107 -8.17 -6.71 12.64
N UNK N 108 -9.40 -6.19 12.55
CA UNK N 108 -10.25 -6.20 11.34
C UNK N 108 -10.70 -7.61 10.96
N UNK N 109 -11.08 -8.39 11.97
CA UNK N 109 -11.64 -9.72 11.70
C UNK N 109 -13.05 -9.59 11.15
N UNK N 110 -13.74 -8.51 11.49
CA UNK N 110 -15.06 -8.24 10.94
C UNK N 110 -14.98 -7.62 9.56
N UNK N 111 -13.79 -7.27 9.08
CA UNK N 111 -13.68 -6.50 7.85
C UNK N 111 -13.97 -7.36 6.64
N UNK N 112 -13.45 -8.60 6.62
CA UNK N 112 -12.88 -9.36 5.49
C UNK N 112 -13.47 -9.09 4.11
N UNK N 113 -14.78 -8.96 4.06
CA UNK N 113 -15.57 -8.40 2.97
C UNK N 113 -15.31 -6.93 2.66
N UNK N 114 -14.47 -6.22 3.43
CA UNK N 114 -14.38 -4.77 3.38
C UNK N 114 -13.85 -4.25 2.06
N UNK N 115 -13.04 -5.05 1.37
CA UNK N 115 -12.78 -4.76 -0.03
C UNK N 115 -13.85 -5.31 -0.95
N UNK N 116 -14.46 -6.44 -0.59
CA UNK N 116 -15.46 -7.08 -1.44
C UNK N 116 -16.75 -6.28 -1.48
N UNK N 117 -17.13 -5.71 -0.34
CA UNK N 117 -18.23 -4.75 -0.32
C UNK N 117 -17.85 -3.49 -1.07
N UNK N 118 -16.59 -3.09 -0.96
CA UNK N 118 -16.11 -1.97 -1.74
C UNK N 118 -15.96 -2.34 -3.21
N UNK N 119 -15.73 -3.63 -3.49
CA UNK N 119 -15.75 -4.08 -4.88
C UNK N 119 -17.16 -4.04 -5.43
N UNK N 120 -18.13 -4.33 -4.57
CA UNK N 120 -19.51 -4.07 -4.93
C UNK N 120 -19.77 -2.58 -4.96
N UNK N 121 -19.54 -1.90 -3.85
CA UNK N 121 -19.87 -0.49 -3.74
C UNK N 121 -18.59 0.32 -3.84
N UNK N 122 -18.25 0.73 -5.06
CA UNK N 122 -17.02 1.49 -5.29
C UNK N 122 -17.41 2.96 -5.49
N UNK N 123 -17.63 3.66 -4.37
CA UNK N 123 -17.87 5.10 -4.22
C UNK N 123 -17.88 5.42 -2.73
N UNK N 124 -17.35 6.60 -2.41
CA UNK N 124 -17.27 7.12 -1.05
C UNK N 124 -16.97 8.59 -1.14
N UNK N 125 -17.30 9.31 -0.07
CA UNK N 125 -16.83 10.68 0.07
C UNK N 125 -16.43 11.10 1.47
N UNK N 126 -17.05 10.56 2.52
CA UNK N 126 -16.73 11.01 3.86
C UNK N 126 -16.69 9.85 4.83
N UNK N 127 -16.23 8.69 4.34
CA UNK N 127 -15.93 7.48 5.10
C UNK N 127 -17.17 6.92 5.78
N UNK N 128 -18.25 6.76 5.03
CA UNK N 128 -19.51 6.38 5.61
C UNK N 128 -20.10 5.10 5.04
N UNK N 129 -19.32 4.32 4.27
CA UNK N 129 -19.75 2.97 3.89
C UNK N 129 -19.59 2.10 5.14
N UNK N 130 -20.64 2.10 5.96
CA UNK N 130 -20.47 1.95 7.39
C UNK N 130 -20.32 0.50 7.80
N UNK N 131 -19.47 0.29 8.81
CA UNK N 131 -19.36 -0.98 9.49
C UNK N 131 -19.21 -0.75 10.99
N UNK N 132 -19.87 0.31 11.48
CA UNK N 132 -20.03 0.66 12.91
C UNK N 132 -18.70 0.91 13.61
N UNK N 133 -18.06 2.01 13.21
CA UNK N 133 -16.85 2.51 13.87
C UNK N 133 -17.21 3.70 14.77
N UNK N 134 -16.20 4.19 15.50
CA UNK N 134 -16.43 5.20 16.54
C UNK N 134 -16.16 6.63 16.06
N UNK N 135 -14.93 6.93 15.66
CA UNK N 135 -14.53 8.32 15.41
C UNK N 135 -13.46 8.33 14.32
N UNK N 136 -12.99 9.53 13.98
CA UNK N 136 -12.14 9.68 12.79
C UNK N 136 -11.24 10.91 12.91
N UNK N 137 -10.59 11.23 11.79
CA UNK N 137 -9.42 12.10 11.67
C UNK N 137 -9.40 12.63 10.25
N UNK N 138 -8.19 12.78 9.70
CA UNK N 138 -7.95 12.71 8.26
C UNK N 138 -8.50 13.89 7.49
N UNK N 139 -7.79 15.00 7.61
CA UNK N 139 -8.15 16.29 7.04
C UNK N 139 -8.34 16.30 5.53
N UNK N 140 -7.68 15.40 4.80
CA UNK N 140 -7.45 15.58 3.38
C UNK N 140 -8.71 15.37 2.57
N UNK N 141 -9.19 16.44 1.98
CA UNK N 141 -10.33 16.39 1.10
C UNK N 141 -10.02 17.07 -0.21
N UNK N 142 -8.80 17.56 -0.40
CA UNK N 142 -8.54 18.56 -1.44
C UNK N 142 -7.86 17.89 -2.63
N UNK N 143 -7.83 18.62 -3.74
CA UNK N 143 -7.33 18.14 -5.03
C UNK N 143 -6.46 19.21 -5.65
N UNK N 144 -5.43 19.65 -4.89
CA UNK N 144 -4.65 20.89 -5.07
C UNK N 144 -4.07 21.02 -6.47
N UNK N 145 -4.22 22.24 -7.01
CA UNK N 145 -4.42 22.47 -8.44
C UNK N 145 -3.17 22.63 -9.29
N UNK N 146 -2.02 22.16 -8.80
CA UNK N 146 -0.85 22.06 -9.64
C UNK N 146 -0.19 20.72 -9.34
N UNK N 147 0.82 20.36 -10.15
CA UNK N 147 1.59 19.15 -9.90
C UNK N 147 2.35 19.26 -8.59
N UNK N 148 3.35 20.15 -8.54
CA UNK N 148 4.04 20.68 -7.35
C UNK N 148 4.88 19.65 -6.57
N UNK N 149 4.81 18.40 -6.99
CA UNK N 149 5.42 17.23 -6.44
C UNK N 149 5.77 16.35 -7.63
N UNK N 150 6.04 15.08 -7.34
CA UNK N 150 6.53 14.03 -8.23
C UNK N 150 7.85 14.39 -8.90
#